data_4RTE
# 
_entry.id   4RTE 
# 
_audit_conform.dict_name       mmcif_pdbx.dic 
_audit_conform.dict_version    5.398 
_audit_conform.dict_location   http://mmcif.pdb.org/dictionaries/ascii/mmcif_pdbx.dic 
# 
loop_
_database_2.database_id 
_database_2.database_code 
_database_2.pdbx_database_accession 
_database_2.pdbx_DOI 
PDB   4RTE         pdb_00004rte 10.2210/pdb4rte/pdb 
RCSB  RCSB087772   ?            ?                   
WWPDB D_1000087772 ?            ?                   
# 
loop_
_pdbx_audit_revision_history.ordinal 
_pdbx_audit_revision_history.data_content_type 
_pdbx_audit_revision_history.major_revision 
_pdbx_audit_revision_history.minor_revision 
_pdbx_audit_revision_history.revision_date 
1 'Structure model' 1 0 2015-03-25 
2 'Structure model' 1 1 2023-09-20 
3 'Structure model' 1 2 2024-11-06 
# 
_pdbx_audit_revision_details.ordinal             1 
_pdbx_audit_revision_details.revision_ordinal    1 
_pdbx_audit_revision_details.data_content_type   'Structure model' 
_pdbx_audit_revision_details.provider            repository 
_pdbx_audit_revision_details.type                'Initial release' 
_pdbx_audit_revision_details.description         ? 
_pdbx_audit_revision_details.details             ? 
# 
loop_
_pdbx_audit_revision_group.ordinal 
_pdbx_audit_revision_group.revision_ordinal 
_pdbx_audit_revision_group.data_content_type 
_pdbx_audit_revision_group.group 
1 2 'Structure model' 'Data collection'        
2 2 'Structure model' 'Database references'    
3 2 'Structure model' 'Derived calculations'   
4 2 'Structure model' 'Refinement description' 
5 3 'Structure model' 'Structure summary'      
# 
loop_
_pdbx_audit_revision_category.ordinal 
_pdbx_audit_revision_category.revision_ordinal 
_pdbx_audit_revision_category.data_content_type 
_pdbx_audit_revision_category.category 
1 2 'Structure model' chem_comp_atom                
2 2 'Structure model' chem_comp_bond                
3 2 'Structure model' database_2                    
4 2 'Structure model' pdbx_initial_refinement_model 
5 2 'Structure model' pdbx_struct_conn_angle        
6 2 'Structure model' struct_conn                   
7 2 'Structure model' struct_site                   
8 3 'Structure model' pdbx_entry_details            
9 3 'Structure model' pdbx_modification_feature     
# 
loop_
_pdbx_audit_revision_item.ordinal 
_pdbx_audit_revision_item.revision_ordinal 
_pdbx_audit_revision_item.data_content_type 
_pdbx_audit_revision_item.item 
1  2 'Structure model' '_database_2.pdbx_DOI'                        
2  2 'Structure model' '_database_2.pdbx_database_accession'         
3  2 'Structure model' '_pdbx_struct_conn_angle.ptnr1_auth_comp_id'  
4  2 'Structure model' '_pdbx_struct_conn_angle.ptnr1_auth_seq_id'   
5  2 'Structure model' '_pdbx_struct_conn_angle.ptnr1_label_alt_id'  
6  2 'Structure model' '_pdbx_struct_conn_angle.ptnr1_label_asym_id' 
7  2 'Structure model' '_pdbx_struct_conn_angle.ptnr1_label_atom_id' 
8  2 'Structure model' '_pdbx_struct_conn_angle.ptnr1_label_comp_id' 
9  2 'Structure model' '_pdbx_struct_conn_angle.ptnr1_label_seq_id'  
10 2 'Structure model' '_pdbx_struct_conn_angle.ptnr2_auth_seq_id'   
11 2 'Structure model' '_pdbx_struct_conn_angle.ptnr2_label_alt_id'  
12 2 'Structure model' '_pdbx_struct_conn_angle.ptnr2_label_asym_id' 
13 2 'Structure model' '_pdbx_struct_conn_angle.ptnr3_auth_seq_id'   
14 2 'Structure model' '_pdbx_struct_conn_angle.ptnr3_label_alt_id'  
15 2 'Structure model' '_pdbx_struct_conn_angle.ptnr3_label_asym_id' 
16 2 'Structure model' '_pdbx_struct_conn_angle.value'               
17 2 'Structure model' '_struct_conn.pdbx_dist_value'                
18 2 'Structure model' '_struct_conn.pdbx_ptnr1_label_alt_id'        
19 2 'Structure model' '_struct_conn.pdbx_ptnr2_label_alt_id'        
20 2 'Structure model' '_struct_conn.ptnr1_auth_comp_id'             
21 2 'Structure model' '_struct_conn.ptnr1_auth_seq_id'              
22 2 'Structure model' '_struct_conn.ptnr1_label_atom_id'            
23 2 'Structure model' '_struct_conn.ptnr1_label_comp_id'            
24 2 'Structure model' '_struct_conn.ptnr1_label_seq_id'             
25 2 'Structure model' '_struct_conn.ptnr2_auth_seq_id'              
26 2 'Structure model' '_struct_conn.ptnr2_label_asym_id'            
27 2 'Structure model' '_struct_site.pdbx_auth_asym_id'              
28 2 'Structure model' '_struct_site.pdbx_auth_comp_id'              
29 2 'Structure model' '_struct_site.pdbx_auth_seq_id'               
# 
_pdbx_database_status.status_code                     REL 
_pdbx_database_status.entry_id                        4RTE 
_pdbx_database_status.recvd_initial_deposition_date   2014-11-14 
_pdbx_database_status.deposit_site                    RCSB 
_pdbx_database_status.process_site                    RCSB 
_pdbx_database_status.status_code_sf                  REL 
_pdbx_database_status.status_code_mr                  ? 
_pdbx_database_status.SG_entry                        ? 
_pdbx_database_status.status_code_cs                  ? 
_pdbx_database_status.methods_development_category    ? 
_pdbx_database_status.pdb_format_compatible           Y 
_pdbx_database_status.status_code_nmr_data            ? 
# 
_pdbx_database_related.db_name        PDB 
_pdbx_database_related.db_id          4OT4 
_pdbx_database_related.details        'X-ray Structure of the Adduct formed between cisplatin and Ribonuclease A' 
_pdbx_database_related.content_type   unspecified 
# 
loop_
_audit_author.name 
_audit_author.pdbx_ordinal 
'Russo Krauss, I.' 1 
'Merlino, A.'      2 
# 
_citation.id                        primary 
_citation.title                     'Platinated oligomers of bovine pancreatic ribonuclease: Structure and stability.' 
_citation.journal_abbrev            J.Inorg.Biochem. 
_citation.journal_volume            146 
_citation.page_first                37 
_citation.page_last                 43 
_citation.year                      2015 
_citation.journal_id_ASTM           JIBIDJ 
_citation.country                   US 
_citation.journal_id_ISSN           0162-0134 
_citation.journal_id_CSD            0525 
_citation.book_publisher            ? 
_citation.pdbx_database_id_PubMed   25756333 
_citation.pdbx_database_id_DOI      10.1016/j.jinorgbio.2015.02.011 
# 
loop_
_citation_author.citation_id 
_citation_author.name 
_citation_author.ordinal 
_citation_author.identifier_ORCID 
primary 'Picone, D.'       1 ? 
primary 'Donnarumma, F.'   2 ? 
primary 'Ferraro, G.'      3 ? 
primary 'Russo Krauss, I.' 4 ? 
primary 'Fagagnini, A.'    5 ? 
primary 'Gotte, G.'        6 ? 
primary 'Merlino, A.'      7 ? 
# 
loop_
_entity.id 
_entity.type 
_entity.src_method 
_entity.pdbx_description 
_entity.formula_weight 
_entity.pdbx_number_of_molecules 
_entity.pdbx_ec 
_entity.pdbx_mutation 
_entity.pdbx_fragment 
_entity.details 
1 polymer     man 'Ribonuclease pancreatic' 13708.326 1   3.1.27.5 ? ? ? 
2 non-polymer syn Cisplatin                 300.045   4   ?        ? ? ? 
3 non-polymer syn 'CHLORIDE ION'            35.453    3   ?        ? ? ? 
4 water       nat water                     18.015    162 ?        ? ? ? 
# 
_entity_name_com.entity_id   1 
_entity_name_com.name        'RNase 1, RNase A' 
# 
_entity_poly.entity_id                      1 
_entity_poly.type                           'polypeptide(L)' 
_entity_poly.nstd_linkage                   no 
_entity_poly.nstd_monomer                   no 
_entity_poly.pdbx_seq_one_letter_code       
;KETAAAKFERQHMDSSTSAASSSNYCNQMMKSRNLTKDRCKPVNTFVHESLADVQAVCSQKNVACKNGQTNCYQSYSTMS
ITDCRETGSSKYPNCAYKTTQANKHIIVACEGNPYVPVHFDASV
;
_entity_poly.pdbx_seq_one_letter_code_can   
;KETAAAKFERQHMDSSTSAASSSNYCNQMMKSRNLTKDRCKPVNTFVHESLADVQAVCSQKNVACKNGQTNCYQSYSTMS
ITDCRETGSSKYPNCAYKTTQANKHIIVACEGNPYVPVHFDASV
;
_entity_poly.pdbx_strand_id                 A 
_entity_poly.pdbx_target_identifier         ? 
# 
loop_
_pdbx_entity_nonpoly.entity_id 
_pdbx_entity_nonpoly.name 
_pdbx_entity_nonpoly.comp_id 
2 Cisplatin      CPT 
3 'CHLORIDE ION' CL  
4 water          HOH 
# 
loop_
_entity_poly_seq.entity_id 
_entity_poly_seq.num 
_entity_poly_seq.mon_id 
_entity_poly_seq.hetero 
1 1   LYS n 
1 2   GLU n 
1 3   THR n 
1 4   ALA n 
1 5   ALA n 
1 6   ALA n 
1 7   LYS n 
1 8   PHE n 
1 9   GLU n 
1 10  ARG n 
1 11  GLN n 
1 12  HIS n 
1 13  MET n 
1 14  ASP n 
1 15  SER n 
1 16  SER n 
1 17  THR n 
1 18  SER n 
1 19  ALA n 
1 20  ALA n 
1 21  SER n 
1 22  SER n 
1 23  SER n 
1 24  ASN n 
1 25  TYR n 
1 26  CYS n 
1 27  ASN n 
1 28  GLN n 
1 29  MET n 
1 30  MET n 
1 31  LYS n 
1 32  SER n 
1 33  ARG n 
1 34  ASN n 
1 35  LEU n 
1 36  THR n 
1 37  LYS n 
1 38  ASP n 
1 39  ARG n 
1 40  CYS n 
1 41  LYS n 
1 42  PRO n 
1 43  VAL n 
1 44  ASN n 
1 45  THR n 
1 46  PHE n 
1 47  VAL n 
1 48  HIS n 
1 49  GLU n 
1 50  SER n 
1 51  LEU n 
1 52  ALA n 
1 53  ASP n 
1 54  VAL n 
1 55  GLN n 
1 56  ALA n 
1 57  VAL n 
1 58  CYS n 
1 59  SER n 
1 60  GLN n 
1 61  LYS n 
1 62  ASN n 
1 63  VAL n 
1 64  ALA n 
1 65  CYS n 
1 66  LYS n 
1 67  ASN n 
1 68  GLY n 
1 69  GLN n 
1 70  THR n 
1 71  ASN n 
1 72  CYS n 
1 73  TYR n 
1 74  GLN n 
1 75  SER n 
1 76  TYR n 
1 77  SER n 
1 78  THR n 
1 79  MET n 
1 80  SER n 
1 81  ILE n 
1 82  THR n 
1 83  ASP n 
1 84  CYS n 
1 85  ARG n 
1 86  GLU n 
1 87  THR n 
1 88  GLY n 
1 89  SER n 
1 90  SER n 
1 91  LYS n 
1 92  TYR n 
1 93  PRO n 
1 94  ASN n 
1 95  CYS n 
1 96  ALA n 
1 97  TYR n 
1 98  LYS n 
1 99  THR n 
1 100 THR n 
1 101 GLN n 
1 102 ALA n 
1 103 ASN n 
1 104 LYS n 
1 105 HIS n 
1 106 ILE n 
1 107 ILE n 
1 108 VAL n 
1 109 ALA n 
1 110 CYS n 
1 111 GLU n 
1 112 GLY n 
1 113 ASN n 
1 114 PRO n 
1 115 TYR n 
1 116 VAL n 
1 117 PRO n 
1 118 VAL n 
1 119 HIS n 
1 120 PHE n 
1 121 ASP n 
1 122 ALA n 
1 123 SER n 
1 124 VAL n 
# 
_entity_src_gen.entity_id                          1 
_entity_src_gen.pdbx_src_id                        1 
_entity_src_gen.pdbx_alt_source_flag               sample 
_entity_src_gen.pdbx_seq_type                      ? 
_entity_src_gen.pdbx_beg_seq_num                   ? 
_entity_src_gen.pdbx_end_seq_num                   ? 
_entity_src_gen.gene_src_common_name               'bovine,cow,domestic cattle,domestic cow' 
_entity_src_gen.gene_src_genus                     ? 
_entity_src_gen.pdbx_gene_src_gene                 'RNASE1, RNS1' 
_entity_src_gen.gene_src_species                   ? 
_entity_src_gen.gene_src_strain                    ? 
_entity_src_gen.gene_src_tissue                    ? 
_entity_src_gen.gene_src_tissue_fraction           ? 
_entity_src_gen.gene_src_details                   ? 
_entity_src_gen.pdbx_gene_src_fragment             ? 
_entity_src_gen.pdbx_gene_src_scientific_name      'Bos taurus' 
_entity_src_gen.pdbx_gene_src_ncbi_taxonomy_id     9913 
_entity_src_gen.pdbx_gene_src_variant              ? 
_entity_src_gen.pdbx_gene_src_cell_line            ? 
_entity_src_gen.pdbx_gene_src_atcc                 ? 
_entity_src_gen.pdbx_gene_src_organ                ? 
_entity_src_gen.pdbx_gene_src_organelle            ? 
_entity_src_gen.pdbx_gene_src_cell                 ? 
_entity_src_gen.pdbx_gene_src_cellular_location    ? 
_entity_src_gen.host_org_common_name               ? 
_entity_src_gen.pdbx_host_org_scientific_name      ? 
_entity_src_gen.pdbx_host_org_ncbi_taxonomy_id     ? 
_entity_src_gen.host_org_genus                     ? 
_entity_src_gen.pdbx_host_org_gene                 ? 
_entity_src_gen.pdbx_host_org_organ                ? 
_entity_src_gen.host_org_species                   ? 
_entity_src_gen.pdbx_host_org_tissue               ? 
_entity_src_gen.pdbx_host_org_tissue_fraction      ? 
_entity_src_gen.pdbx_host_org_strain               ? 
_entity_src_gen.pdbx_host_org_variant              ? 
_entity_src_gen.pdbx_host_org_cell_line            ? 
_entity_src_gen.pdbx_host_org_atcc                 ? 
_entity_src_gen.pdbx_host_org_culture_collection   ? 
_entity_src_gen.pdbx_host_org_cell                 ? 
_entity_src_gen.pdbx_host_org_organelle            ? 
_entity_src_gen.pdbx_host_org_cellular_location    ? 
_entity_src_gen.pdbx_host_org_vector_type          ? 
_entity_src_gen.pdbx_host_org_vector               ? 
_entity_src_gen.host_org_details                   ? 
_entity_src_gen.expression_system_id               ? 
_entity_src_gen.plasmid_name                       ? 
_entity_src_gen.plasmid_details                    ? 
_entity_src_gen.pdbx_description                   ? 
# 
loop_
_chem_comp.id 
_chem_comp.type 
_chem_comp.mon_nstd_flag 
_chem_comp.name 
_chem_comp.pdbx_synonyms 
_chem_comp.formula 
_chem_comp.formula_weight 
ALA 'L-peptide linking' y ALANINE         ?                            'C3 H7 N O2'     89.093  
ARG 'L-peptide linking' y ARGININE        ?                            'C6 H15 N4 O2 1' 175.209 
ASN 'L-peptide linking' y ASPARAGINE      ?                            'C4 H8 N2 O3'    132.118 
ASP 'L-peptide linking' y 'ASPARTIC ACID' ?                            'C4 H7 N O4'     133.103 
CL  non-polymer         . 'CHLORIDE ION'  ?                            'Cl -1'          35.453  
CPT non-polymer         . Cisplatin       'diammine(dichloro)platinum' 'Cl2 H6 N2 Pt'   300.045 
CYS 'L-peptide linking' y CYSTEINE        ?                            'C3 H7 N O2 S'   121.158 
GLN 'L-peptide linking' y GLUTAMINE       ?                            'C5 H10 N2 O3'   146.144 
GLU 'L-peptide linking' y 'GLUTAMIC ACID' ?                            'C5 H9 N O4'     147.129 
GLY 'peptide linking'   y GLYCINE         ?                            'C2 H5 N O2'     75.067  
HIS 'L-peptide linking' y HISTIDINE       ?                            'C6 H10 N3 O2 1' 156.162 
HOH non-polymer         . WATER           ?                            'H2 O'           18.015  
ILE 'L-peptide linking' y ISOLEUCINE      ?                            'C6 H13 N O2'    131.173 
LEU 'L-peptide linking' y LEUCINE         ?                            'C6 H13 N O2'    131.173 
LYS 'L-peptide linking' y LYSINE          ?                            'C6 H15 N2 O2 1' 147.195 
MET 'L-peptide linking' y METHIONINE      ?                            'C5 H11 N O2 S'  149.211 
PHE 'L-peptide linking' y PHENYLALANINE   ?                            'C9 H11 N O2'    165.189 
PRO 'L-peptide linking' y PROLINE         ?                            'C5 H9 N O2'     115.130 
SER 'L-peptide linking' y SERINE          ?                            'C3 H7 N O3'     105.093 
THR 'L-peptide linking' y THREONINE       ?                            'C4 H9 N O3'     119.119 
TYR 'L-peptide linking' y TYROSINE        ?                            'C9 H11 N O3'    181.189 
VAL 'L-peptide linking' y VALINE          ?                            'C5 H11 N O2'    117.146 
# 
loop_
_pdbx_poly_seq_scheme.asym_id 
_pdbx_poly_seq_scheme.entity_id 
_pdbx_poly_seq_scheme.seq_id 
_pdbx_poly_seq_scheme.mon_id 
_pdbx_poly_seq_scheme.ndb_seq_num 
_pdbx_poly_seq_scheme.pdb_seq_num 
_pdbx_poly_seq_scheme.auth_seq_num 
_pdbx_poly_seq_scheme.pdb_mon_id 
_pdbx_poly_seq_scheme.auth_mon_id 
_pdbx_poly_seq_scheme.pdb_strand_id 
_pdbx_poly_seq_scheme.pdb_ins_code 
_pdbx_poly_seq_scheme.hetero 
A 1 1   LYS 1   1   1   LYS LYS A . n 
A 1 2   GLU 2   2   2   GLU GLU A . n 
A 1 3   THR 3   3   3   THR THR A . n 
A 1 4   ALA 4   4   4   ALA ALA A . n 
A 1 5   ALA 5   5   5   ALA ALA A . n 
A 1 6   ALA 6   6   6   ALA ALA A . n 
A 1 7   LYS 7   7   7   LYS LYS A . n 
A 1 8   PHE 8   8   8   PHE PHE A . n 
A 1 9   GLU 9   9   9   GLU GLU A . n 
A 1 10  ARG 10  10  10  ARG ARG A . n 
A 1 11  GLN 11  11  11  GLN GLN A . n 
A 1 12  HIS 12  12  12  HIS HIS A . n 
A 1 13  MET 13  13  13  MET MET A . n 
A 1 14  ASP 14  14  14  ASP ASP A . n 
A 1 15  SER 15  15  15  SER SER A . n 
A 1 16  SER 16  16  16  SER SER A . n 
A 1 17  THR 17  17  17  THR THR A . n 
A 1 18  SER 18  18  18  SER SER A . n 
A 1 19  ALA 19  19  19  ALA ALA A . n 
A 1 20  ALA 20  20  20  ALA ALA A . n 
A 1 21  SER 21  21  21  SER SER A . n 
A 1 22  SER 22  22  22  SER SER A . n 
A 1 23  SER 23  23  23  SER SER A . n 
A 1 24  ASN 24  24  24  ASN ASN A . n 
A 1 25  TYR 25  25  25  TYR TYR A . n 
A 1 26  CYS 26  26  26  CYS CYS A . n 
A 1 27  ASN 27  27  27  ASN ASN A . n 
A 1 28  GLN 28  28  28  GLN GLN A . n 
A 1 29  MET 29  29  29  MET MET A . n 
A 1 30  MET 30  30  30  MET MET A . n 
A 1 31  LYS 31  31  31  LYS LYS A . n 
A 1 32  SER 32  32  32  SER SER A . n 
A 1 33  ARG 33  33  33  ARG ARG A . n 
A 1 34  ASN 34  34  34  ASN ASN A . n 
A 1 35  LEU 35  35  35  LEU LEU A . n 
A 1 36  THR 36  36  36  THR THR A . n 
A 1 37  LYS 37  37  37  LYS LYS A . n 
A 1 38  ASP 38  38  38  ASP ASP A . n 
A 1 39  ARG 39  39  39  ARG ARG A . n 
A 1 40  CYS 40  40  40  CYS CYS A . n 
A 1 41  LYS 41  41  41  LYS LYS A . n 
A 1 42  PRO 42  42  42  PRO PRO A . n 
A 1 43  VAL 43  43  43  VAL VAL A . n 
A 1 44  ASN 44  44  44  ASN ASN A . n 
A 1 45  THR 45  45  45  THR THR A . n 
A 1 46  PHE 46  46  46  PHE PHE A . n 
A 1 47  VAL 47  47  47  VAL VAL A . n 
A 1 48  HIS 48  48  48  HIS HIS A . n 
A 1 49  GLU 49  49  49  GLU GLU A . n 
A 1 50  SER 50  50  50  SER SER A . n 
A 1 51  LEU 51  51  51  LEU LEU A . n 
A 1 52  ALA 52  52  52  ALA ALA A . n 
A 1 53  ASP 53  53  53  ASP ASP A . n 
A 1 54  VAL 54  54  54  VAL VAL A . n 
A 1 55  GLN 55  55  55  GLN GLN A . n 
A 1 56  ALA 56  56  56  ALA ALA A . n 
A 1 57  VAL 57  57  57  VAL VAL A . n 
A 1 58  CYS 58  58  58  CYS CYS A . n 
A 1 59  SER 59  59  59  SER SER A . n 
A 1 60  GLN 60  60  60  GLN GLN A . n 
A 1 61  LYS 61  61  61  LYS LYS A . n 
A 1 62  ASN 62  62  62  ASN ASN A . n 
A 1 63  VAL 63  63  63  VAL VAL A . n 
A 1 64  ALA 64  64  64  ALA ALA A . n 
A 1 65  CYS 65  65  65  CYS CYS A . n 
A 1 66  LYS 66  66  66  LYS LYS A . n 
A 1 67  ASN 67  67  67  ASN ASN A . n 
A 1 68  GLY 68  68  68  GLY GLY A . n 
A 1 69  GLN 69  69  69  GLN GLN A . n 
A 1 70  THR 70  70  70  THR THR A . n 
A 1 71  ASN 71  71  71  ASN ASN A . n 
A 1 72  CYS 72  72  72  CYS CYS A . n 
A 1 73  TYR 73  73  73  TYR TYR A . n 
A 1 74  GLN 74  74  74  GLN GLN A . n 
A 1 75  SER 75  75  75  SER SER A . n 
A 1 76  TYR 76  76  76  TYR TYR A . n 
A 1 77  SER 77  77  77  SER SER A . n 
A 1 78  THR 78  78  78  THR THR A . n 
A 1 79  MET 79  79  79  MET MET A . n 
A 1 80  SER 80  80  80  SER SER A . n 
A 1 81  ILE 81  81  81  ILE ILE A . n 
A 1 82  THR 82  82  82  THR THR A . n 
A 1 83  ASP 83  83  83  ASP ASP A . n 
A 1 84  CYS 84  84  84  CYS CYS A . n 
A 1 85  ARG 85  85  85  ARG ARG A . n 
A 1 86  GLU 86  86  86  GLU GLU A . n 
A 1 87  THR 87  87  87  THR THR A . n 
A 1 88  GLY 88  88  88  GLY GLY A . n 
A 1 89  SER 89  89  89  SER SER A . n 
A 1 90  SER 90  90  90  SER SER A . n 
A 1 91  LYS 91  91  91  LYS LYS A . n 
A 1 92  TYR 92  92  92  TYR TYR A . n 
A 1 93  PRO 93  93  93  PRO PRO A . n 
A 1 94  ASN 94  94  94  ASN ASN A . n 
A 1 95  CYS 95  95  95  CYS CYS A . n 
A 1 96  ALA 96  96  96  ALA ALA A . n 
A 1 97  TYR 97  97  97  TYR TYR A . n 
A 1 98  LYS 98  98  98  LYS LYS A . n 
A 1 99  THR 99  99  99  THR THR A . n 
A 1 100 THR 100 100 100 THR THR A . n 
A 1 101 GLN 101 101 101 GLN GLN A . n 
A 1 102 ALA 102 102 102 ALA ALA A . n 
A 1 103 ASN 103 103 103 ASN ASN A . n 
A 1 104 LYS 104 104 104 LYS LYS A . n 
A 1 105 HIS 105 105 105 HIS HIS A . n 
A 1 106 ILE 106 106 106 ILE ILE A . n 
A 1 107 ILE 107 107 107 ILE ILE A . n 
A 1 108 VAL 108 108 108 VAL VAL A . n 
A 1 109 ALA 109 109 109 ALA ALA A . n 
A 1 110 CYS 110 110 110 CYS CYS A . n 
A 1 111 GLU 111 111 111 GLU GLU A . n 
A 1 112 GLY 112 112 112 GLY GLY A . n 
A 1 113 ASN 113 113 113 ASN ASN A . n 
A 1 114 PRO 114 114 114 PRO PRO A . n 
A 1 115 TYR 115 115 115 TYR TYR A . n 
A 1 116 VAL 116 116 116 VAL VAL A . n 
A 1 117 PRO 117 117 117 PRO PRO A . n 
A 1 118 VAL 118 118 118 VAL VAL A . n 
A 1 119 HIS 119 119 119 HIS HIS A . n 
A 1 120 PHE 120 120 120 PHE PHE A . n 
A 1 121 ASP 121 121 121 ASP ASP A . n 
A 1 122 ALA 122 122 122 ALA ALA A . n 
A 1 123 SER 123 123 123 SER SER A . n 
A 1 124 VAL 124 124 124 VAL VAL A . n 
# 
loop_
_pdbx_nonpoly_scheme.asym_id 
_pdbx_nonpoly_scheme.entity_id 
_pdbx_nonpoly_scheme.mon_id 
_pdbx_nonpoly_scheme.ndb_seq_num 
_pdbx_nonpoly_scheme.pdb_seq_num 
_pdbx_nonpoly_scheme.auth_seq_num 
_pdbx_nonpoly_scheme.pdb_mon_id 
_pdbx_nonpoly_scheme.auth_mon_id 
_pdbx_nonpoly_scheme.pdb_strand_id 
_pdbx_nonpoly_scheme.pdb_ins_code 
B 2 CPT 1   501 501 CPT CPT A . 
C 2 CPT 1   502 502 CPT CPT A . 
D 2 CPT 1   503 500 CPT CPT A . 
E 2 CPT 1   504 503 CPT CPT A . 
F 3 CL  1   505 1   CL  CL  A . 
G 3 CL  1   506 2   CL  CL  A . 
H 3 CL  1   507 3   CL  CL  A . 
I 4 HOH 1   601 1   HOH HOH A . 
I 4 HOH 2   602 2   HOH HOH A . 
I 4 HOH 3   603 4   HOH HOH A . 
I 4 HOH 4   604 5   HOH HOH A . 
I 4 HOH 5   605 6   HOH HOH A . 
I 4 HOH 6   606 7   HOH HOH A . 
I 4 HOH 7   607 8   HOH HOH A . 
I 4 HOH 8   608 9   HOH HOH A . 
I 4 HOH 9   609 10  HOH HOH A . 
I 4 HOH 10  610 12  HOH HOH A . 
I 4 HOH 11  611 13  HOH HOH A . 
I 4 HOH 12  612 14  HOH HOH A . 
I 4 HOH 13  613 15  HOH HOH A . 
I 4 HOH 14  614 17  HOH HOH A . 
I 4 HOH 15  615 18  HOH HOH A . 
I 4 HOH 16  616 19  HOH HOH A . 
I 4 HOH 17  617 20  HOH HOH A . 
I 4 HOH 18  618 21  HOH HOH A . 
I 4 HOH 19  619 22  HOH HOH A . 
I 4 HOH 20  620 23  HOH HOH A . 
I 4 HOH 21  621 24  HOH HOH A . 
I 4 HOH 22  622 25  HOH HOH A . 
I 4 HOH 23  623 26  HOH HOH A . 
I 4 HOH 24  624 28  HOH HOH A . 
I 4 HOH 25  625 29  HOH HOH A . 
I 4 HOH 26  626 30  HOH HOH A . 
I 4 HOH 27  627 31  HOH HOH A . 
I 4 HOH 28  628 32  HOH HOH A . 
I 4 HOH 29  629 33  HOH HOH A . 
I 4 HOH 30  630 34  HOH HOH A . 
I 4 HOH 31  631 35  HOH HOH A . 
I 4 HOH 32  632 36  HOH HOH A . 
I 4 HOH 33  633 37  HOH HOH A . 
I 4 HOH 34  634 41  HOH HOH A . 
I 4 HOH 35  635 42  HOH HOH A . 
I 4 HOH 36  636 43  HOH HOH A . 
I 4 HOH 37  637 44  HOH HOH A . 
I 4 HOH 38  638 45  HOH HOH A . 
I 4 HOH 39  639 47  HOH HOH A . 
I 4 HOH 40  640 48  HOH HOH A . 
I 4 HOH 41  641 49  HOH HOH A . 
I 4 HOH 42  642 50  HOH HOH A . 
I 4 HOH 43  643 51  HOH HOH A . 
I 4 HOH 44  644 53  HOH HOH A . 
I 4 HOH 45  645 54  HOH HOH A . 
I 4 HOH 46  646 55  HOH HOH A . 
I 4 HOH 47  647 56  HOH HOH A . 
I 4 HOH 48  648 57  HOH HOH A . 
I 4 HOH 49  649 58  HOH HOH A . 
I 4 HOH 50  650 124 HOH HOH A . 
I 4 HOH 51  651 59  HOH HOH A . 
I 4 HOH 52  652 60  HOH HOH A . 
I 4 HOH 53  653 61  HOH HOH A . 
I 4 HOH 54  654 62  HOH HOH A . 
I 4 HOH 55  655 63  HOH HOH A . 
I 4 HOH 56  656 64  HOH HOH A . 
I 4 HOH 57  657 65  HOH HOH A . 
I 4 HOH 58  658 66  HOH HOH A . 
I 4 HOH 59  659 67  HOH HOH A . 
I 4 HOH 60  660 68  HOH HOH A . 
I 4 HOH 61  661 69  HOH HOH A . 
I 4 HOH 62  662 70  HOH HOH A . 
I 4 HOH 63  663 71  HOH HOH A . 
I 4 HOH 64  664 72  HOH HOH A . 
I 4 HOH 65  665 73  HOH HOH A . 
I 4 HOH 66  666 74  HOH HOH A . 
I 4 HOH 67  667 75  HOH HOH A . 
I 4 HOH 68  668 76  HOH HOH A . 
I 4 HOH 69  669 77  HOH HOH A . 
I 4 HOH 70  670 79  HOH HOH A . 
I 4 HOH 71  671 80  HOH HOH A . 
I 4 HOH 72  672 81  HOH HOH A . 
I 4 HOH 73  673 82  HOH HOH A . 
I 4 HOH 74  674 83  HOH HOH A . 
I 4 HOH 75  675 84  HOH HOH A . 
I 4 HOH 76  676 85  HOH HOH A . 
I 4 HOH 77  677 86  HOH HOH A . 
I 4 HOH 78  678 87  HOH HOH A . 
I 4 HOH 79  679 88  HOH HOH A . 
I 4 HOH 80  680 89  HOH HOH A . 
I 4 HOH 81  681 90  HOH HOH A . 
I 4 HOH 82  682 91  HOH HOH A . 
I 4 HOH 83  683 92  HOH HOH A . 
I 4 HOH 84  684 93  HOH HOH A . 
I 4 HOH 85  685 94  HOH HOH A . 
I 4 HOH 86  686 95  HOH HOH A . 
I 4 HOH 87  687 96  HOH HOH A . 
I 4 HOH 88  688 97  HOH HOH A . 
I 4 HOH 89  689 98  HOH HOH A . 
I 4 HOH 90  690 99  HOH HOH A . 
I 4 HOH 91  691 100 HOH HOH A . 
I 4 HOH 92  692 101 HOH HOH A . 
I 4 HOH 93  693 102 HOH HOH A . 
I 4 HOH 94  694 103 HOH HOH A . 
I 4 HOH 95  695 104 HOH HOH A . 
I 4 HOH 96  696 105 HOH HOH A . 
I 4 HOH 97  697 106 HOH HOH A . 
I 4 HOH 98  698 107 HOH HOH A . 
I 4 HOH 99  699 108 HOH HOH A . 
I 4 HOH 100 700 109 HOH HOH A . 
I 4 HOH 101 701 110 HOH HOH A . 
I 4 HOH 102 702 111 HOH HOH A . 
I 4 HOH 103 703 112 HOH HOH A . 
I 4 HOH 104 704 114 HOH HOH A . 
I 4 HOH 105 705 115 HOH HOH A . 
I 4 HOH 106 706 116 HOH HOH A . 
I 4 HOH 107 707 117 HOH HOH A . 
I 4 HOH 108 708 118 HOH HOH A . 
I 4 HOH 109 709 119 HOH HOH A . 
I 4 HOH 110 710 120 HOH HOH A . 
I 4 HOH 111 711 121 HOH HOH A . 
I 4 HOH 112 712 122 HOH HOH A . 
I 4 HOH 113 713 123 HOH HOH A . 
I 4 HOH 114 714 157 HOH HOH A . 
I 4 HOH 115 715 158 HOH HOH A . 
I 4 HOH 116 716 159 HOH HOH A . 
I 4 HOH 117 717 125 HOH HOH A . 
I 4 HOH 118 718 126 HOH HOH A . 
I 4 HOH 119 719 127 HOH HOH A . 
I 4 HOH 120 720 128 HOH HOH A . 
I 4 HOH 121 721 129 HOH HOH A . 
I 4 HOH 122 722 130 HOH HOH A . 
I 4 HOH 123 723 133 HOH HOH A . 
I 4 HOH 124 724 134 HOH HOH A . 
I 4 HOH 125 725 135 HOH HOH A . 
I 4 HOH 126 726 136 HOH HOH A . 
I 4 HOH 127 727 137 HOH HOH A . 
I 4 HOH 128 728 138 HOH HOH A . 
I 4 HOH 129 729 140 HOH HOH A . 
I 4 HOH 130 730 141 HOH HOH A . 
I 4 HOH 131 731 142 HOH HOH A . 
I 4 HOH 132 732 144 HOH HOH A . 
I 4 HOH 133 733 145 HOH HOH A . 
I 4 HOH 134 734 146 HOH HOH A . 
I 4 HOH 135 735 147 HOH HOH A . 
I 4 HOH 136 736 148 HOH HOH A . 
I 4 HOH 137 737 149 HOH HOH A . 
I 4 HOH 138 738 150 HOH HOH A . 
I 4 HOH 139 739 151 HOH HOH A . 
I 4 HOH 140 740 152 HOH HOH A . 
I 4 HOH 141 741 153 HOH HOH A . 
I 4 HOH 142 742 154 HOH HOH A . 
I 4 HOH 143 743 155 HOH HOH A . 
I 4 HOH 144 744 156 HOH HOH A . 
I 4 HOH 145 745 162 HOH HOH A . 
I 4 HOH 146 746 163 HOH HOH A . 
I 4 HOH 147 747 164 HOH HOH A . 
I 4 HOH 148 748 166 HOH HOH A . 
I 4 HOH 149 749 167 HOH HOH A . 
I 4 HOH 150 750 168 HOH HOH A . 
I 4 HOH 151 751 169 HOH HOH A . 
I 4 HOH 152 752 170 HOH HOH A . 
I 4 HOH 153 753 171 HOH HOH A . 
I 4 HOH 154 754 172 HOH HOH A . 
I 4 HOH 155 755 174 HOH HOH A . 
I 4 HOH 156 756 175 HOH HOH A . 
I 4 HOH 157 757 176 HOH HOH A . 
I 4 HOH 158 758 177 HOH HOH A . 
I 4 HOH 159 759 178 HOH HOH A . 
I 4 HOH 160 760 179 HOH HOH A . 
I 4 HOH 161 761 180 HOH HOH A . 
I 4 HOH 162 762 181 HOH HOH A . 
# 
loop_
_pdbx_unobs_or_zero_occ_atoms.id 
_pdbx_unobs_or_zero_occ_atoms.PDB_model_num 
_pdbx_unobs_or_zero_occ_atoms.polymer_flag 
_pdbx_unobs_or_zero_occ_atoms.occupancy_flag 
_pdbx_unobs_or_zero_occ_atoms.auth_asym_id 
_pdbx_unobs_or_zero_occ_atoms.auth_comp_id 
_pdbx_unobs_or_zero_occ_atoms.auth_seq_id 
_pdbx_unobs_or_zero_occ_atoms.PDB_ins_code 
_pdbx_unobs_or_zero_occ_atoms.auth_atom_id 
_pdbx_unobs_or_zero_occ_atoms.label_alt_id 
_pdbx_unobs_or_zero_occ_atoms.label_asym_id 
_pdbx_unobs_or_zero_occ_atoms.label_comp_id 
_pdbx_unobs_or_zero_occ_atoms.label_seq_id 
_pdbx_unobs_or_zero_occ_atoms.label_atom_id 
1 1 Y 1 A LYS 1   ? CG ? A LYS 1   CG 
2 1 Y 1 A LYS 1   ? CD ? A LYS 1   CD 
3 1 Y 1 A LYS 1   ? CE ? A LYS 1   CE 
4 1 Y 1 A LYS 1   ? NZ ? A LYS 1   NZ 
5 1 Y 1 A LYS 104 ? CD ? A LYS 104 CD 
6 1 Y 1 A LYS 104 ? CE ? A LYS 104 CE 
7 1 Y 1 A LYS 104 ? NZ ? A LYS 104 NZ 
# 
loop_
_software.name 
_software.classification 
_software.version 
_software.citation_id 
_software.pdbx_ordinal 
CrystalClear 'data collection' .        ? 1 
PHASER       phasing           .        ? 2 
REFMAC       refinement        5.8.0049 ? 3 
HKL-2000     'data reduction'  .        ? 4 
HKL-2000     'data scaling'    .        ? 5 
# 
_cell.entry_id           4RTE 
_cell.length_a           63.770 
_cell.length_b           63.770 
_cell.length_c           63.575 
_cell.angle_alpha        90.00 
_cell.angle_beta         90.00 
_cell.angle_gamma        120.00 
_cell.Z_PDB              6 
_cell.pdbx_unique_axis   ? 
_cell.length_a_esd       ? 
_cell.length_b_esd       ? 
_cell.length_c_esd       ? 
_cell.angle_alpha_esd    ? 
_cell.angle_beta_esd     ? 
_cell.angle_gamma_esd    ? 
# 
_symmetry.entry_id                         4RTE 
_symmetry.space_group_name_H-M             'P 32 2 1' 
_symmetry.pdbx_full_space_group_name_H-M   ? 
_symmetry.cell_setting                     ? 
_symmetry.Int_Tables_number                154 
_symmetry.space_group_name_Hall            ? 
# 
_exptl.entry_id          4RTE 
_exptl.method            'X-RAY DIFFRACTION' 
_exptl.crystals_number   1 
# 
_exptl_crystal.id                    1 
_exptl_crystal.density_meas          ? 
_exptl_crystal.density_Matthews      2.72 
_exptl_crystal.density_percent_sol   54.82 
_exptl_crystal.description           ? 
_exptl_crystal.F_000                 ? 
_exptl_crystal.preparation           ? 
# 
_exptl_crystal_grow.crystal_id      1 
_exptl_crystal_grow.method          'VAPOR DIFFUSION, HANGING DROP' 
_exptl_crystal_grow.temp            298 
_exptl_crystal_grow.temp_details    ? 
_exptl_crystal_grow.pH              7 
_exptl_crystal_grow.pdbx_details    
;protein concentration 15 mg  mL-1 and a precipitant solution containing 30 % ammonium sulfate and 3.0 M sodium chloride, pH 7, VAPOR DIFFUSION, HANGING DROP, temperature 298K
;
_exptl_crystal_grow.pdbx_pH_range   ? 
# 
_diffrn.id                     1 
_diffrn.ambient_temp           100 
_diffrn.ambient_temp_details   ? 
_diffrn.crystal_id             1 
# 
_diffrn_radiation.diffrn_id                        1 
_diffrn_radiation.wavelength_id                    1 
_diffrn_radiation.pdbx_monochromatic_or_laue_m_l   M 
_diffrn_radiation.monochromator                    graphite 
_diffrn_radiation.pdbx_diffrn_protocol             'SINGLE WAVELENGTH' 
_diffrn_radiation.pdbx_scattering_type             x-ray 
# 
_diffrn_radiation_wavelength.id           1 
_diffrn_radiation_wavelength.wavelength   1.5418 
_diffrn_radiation_wavelength.wt           1.0 
# 
_diffrn_source.diffrn_id                   1 
_diffrn_source.source                      'ROTATING ANODE' 
_diffrn_source.type                        'ENRAF-NONIUS FR571' 
_diffrn_source.pdbx_synchrotron_site       ? 
_diffrn_source.pdbx_synchrotron_beamline   ? 
_diffrn_source.pdbx_wavelength             ? 
_diffrn_source.pdbx_wavelength_list        1.5418 
# 
_reflns.entry_id                     4RTE 
_reflns.observed_criterion_sigma_I   0 
_reflns.observed_criterion_sigma_F   0 
_reflns.d_resolution_low             55.23 
_reflns.d_resolution_high            1.95 
_reflns.number_obs                   11243 
_reflns.number_all                   11243 
_reflns.percent_possible_obs         99.8 
_reflns.pdbx_Rmerge_I_obs            0.090 
_reflns.pdbx_Rsym_value              ? 
_reflns.pdbx_netI_over_sigmaI        ? 
_reflns.B_iso_Wilson_estimate        ? 
_reflns.pdbx_redundancy              6.6 
_reflns.R_free_details               ? 
_reflns.limit_h_max                  ? 
_reflns.limit_h_min                  ? 
_reflns.limit_k_max                  ? 
_reflns.limit_k_min                  ? 
_reflns.limit_l_max                  ? 
_reflns.limit_l_min                  ? 
_reflns.observed_criterion_F_max     ? 
_reflns.observed_criterion_F_min     ? 
_reflns.pdbx_chi_squared             ? 
_reflns.pdbx_scaling_rejects         ? 
_reflns.pdbx_ordinal                 1 
_reflns.pdbx_diffrn_id               1 
# 
_refine.entry_id                                 4RTE 
_refine.ls_number_reflns_obs                     10687 
_refine.ls_number_reflns_all                     10687 
_refine.pdbx_ls_sigma_I                          ? 
_refine.pdbx_ls_sigma_F                          ? 
_refine.pdbx_data_cutoff_high_absF               ? 
_refine.pdbx_data_cutoff_low_absF                ? 
_refine.pdbx_data_cutoff_high_rms_absF           ? 
_refine.ls_d_res_low                             55.23 
_refine.ls_d_res_high                            1.95 
_refine.ls_percent_reflns_obs                    99.81 
_refine.ls_R_factor_obs                          0.16986 
_refine.ls_R_factor_all                          0.16986 
_refine.ls_R_factor_R_work                       0.16725 
_refine.ls_R_factor_R_free                       0.22389 
_refine.ls_R_factor_R_free_error                 ? 
_refine.ls_R_factor_R_free_error_details         ? 
_refine.ls_percent_reflns_R_free                 4.8 
_refine.ls_number_reflns_R_free                  536 
_refine.ls_number_parameters                     ? 
_refine.ls_number_restraints                     ? 
_refine.occupancy_min                            ? 
_refine.occupancy_max                            ? 
_refine.correlation_coeff_Fo_to_Fc               0.964 
_refine.correlation_coeff_Fo_to_Fc_free          0.940 
_refine.B_iso_mean                               30.170 
_refine.aniso_B[1][1]                            -0.01 
_refine.aniso_B[2][2]                            -0.01 
_refine.aniso_B[3][3]                            0.03 
_refine.aniso_B[1][2]                            -0.00 
_refine.aniso_B[1][3]                            -0.00 
_refine.aniso_B[2][3]                            0.00 
_refine.solvent_model_details                    MASK 
_refine.solvent_model_param_ksol                 ? 
_refine.solvent_model_param_bsol                 ? 
_refine.pdbx_solvent_vdw_probe_radii             1.20 
_refine.pdbx_solvent_ion_probe_radii             0.80 
_refine.pdbx_solvent_shrinkage_radii             0.80 
_refine.pdbx_ls_cross_valid_method               THROUGHOUT 
_refine.details                                  'HYDROGENS HAVE BEEN ADDED IN THE RIDING POSITIONS' 
_refine.pdbx_starting_model                      'PDB code 1RNX' 
_refine.pdbx_method_to_determine_struct          'MOLECULAR REPLACEMENT' 
_refine.pdbx_isotropic_thermal_model             ? 
_refine.pdbx_stereochemistry_target_values       'MAXIMUM LIKELIHOOD' 
_refine.pdbx_stereochem_target_val_spec_case     ? 
_refine.pdbx_R_Free_selection_details            RANDOM 
_refine.pdbx_overall_ESU_R                       0.143 
_refine.pdbx_overall_ESU_R_Free                  0.145 
_refine.overall_SU_ML                            0.100 
_refine.pdbx_overall_phase_error                 ? 
_refine.overall_SU_B                             3.584 
_refine.overall_SU_R_Cruickshank_DPI             ? 
_refine.ls_redundancy_reflns_obs                 ? 
_refine.B_iso_min                                ? 
_refine.B_iso_max                                ? 
_refine.overall_SU_R_free                        ? 
_refine.ls_wR_factor_R_free                      ? 
_refine.ls_wR_factor_R_work                      ? 
_refine.overall_FOM_free_R_set                   ? 
_refine.overall_FOM_work_R_set                   ? 
_refine.pdbx_diffrn_id                           1 
_refine.pdbx_refine_id                           'X-RAY DIFFRACTION' 
_refine.pdbx_TLS_residual_ADP_flag               ? 
_refine.pdbx_overall_SU_R_free_Cruickshank_DPI   ? 
_refine.pdbx_overall_SU_R_Blow_DPI               ? 
_refine.pdbx_overall_SU_R_free_Blow_DPI          ? 
# 
_refine_hist.pdbx_refine_id                   'X-RAY DIFFRACTION' 
_refine_hist.cycle_id                         LAST 
_refine_hist.pdbx_number_atoms_protein        944 
_refine_hist.pdbx_number_atoms_nucleic_acid   0 
_refine_hist.pdbx_number_atoms_ligand         16 
_refine_hist.number_atoms_solvent             162 
_refine_hist.number_atoms_total               1122 
_refine_hist.d_res_high                       1.95 
_refine_hist.d_res_low                        55.23 
# 
loop_
_refine_ls_restr.type 
_refine_ls_restr.dev_ideal 
_refine_ls_restr.dev_ideal_target 
_refine_ls_restr.weight 
_refine_ls_restr.number 
_refine_ls_restr.pdbx_restraint_function 
_refine_ls_restr.pdbx_refine_id 
r_bond_refined_d             0.019  0.019  ? 990  ? 'X-RAY DIFFRACTION' 
r_bond_other_d               0.002  0.020  ? 896  ? 'X-RAY DIFFRACTION' 
r_angle_refined_deg          1.896  1.932  ? 1341 ? 'X-RAY DIFFRACTION' 
r_angle_other_deg            0.868  3.000  ? 2064 ? 'X-RAY DIFFRACTION' 
r_dihedral_angle_1_deg       7.979  5.000  ? 126  ? 'X-RAY DIFFRACTION' 
r_dihedral_angle_2_deg       38.505 25.227 ? 44   ? 'X-RAY DIFFRACTION' 
r_dihedral_angle_3_deg       16.241 15.000 ? 165  ? 'X-RAY DIFFRACTION' 
r_dihedral_angle_4_deg       23.283 15.000 ? 4    ? 'X-RAY DIFFRACTION' 
r_chiral_restr               0.108  0.200  ? 148  ? 'X-RAY DIFFRACTION' 
r_gen_planes_refined         0.009  0.020  ? 1161 ? 'X-RAY DIFFRACTION' 
r_gen_planes_other           0.001  0.020  ? 227  ? 'X-RAY DIFFRACTION' 
r_nbd_refined                ?      ?      ? ?    ? 'X-RAY DIFFRACTION' 
r_nbd_other                  ?      ?      ? ?    ? 'X-RAY DIFFRACTION' 
r_nbtor_refined              ?      ?      ? ?    ? 'X-RAY DIFFRACTION' 
r_nbtor_other                ?      ?      ? ?    ? 'X-RAY DIFFRACTION' 
r_xyhbond_nbd_refined        ?      ?      ? ?    ? 'X-RAY DIFFRACTION' 
r_xyhbond_nbd_other          ?      ?      ? ?    ? 'X-RAY DIFFRACTION' 
r_metal_ion_refined          ?      ?      ? ?    ? 'X-RAY DIFFRACTION' 
r_metal_ion_other            ?      ?      ? ?    ? 'X-RAY DIFFRACTION' 
r_symmetry_vdw_refined       ?      ?      ? ?    ? 'X-RAY DIFFRACTION' 
r_symmetry_vdw_other         ?      ?      ? ?    ? 'X-RAY DIFFRACTION' 
r_symmetry_hbond_refined     ?      ?      ? ?    ? 'X-RAY DIFFRACTION' 
r_symmetry_hbond_other       ?      ?      ? ?    ? 'X-RAY DIFFRACTION' 
r_symmetry_metal_ion_refined ?      ?      ? ?    ? 'X-RAY DIFFRACTION' 
r_symmetry_metal_ion_other   ?      ?      ? ?    ? 'X-RAY DIFFRACTION' 
r_mcbond_it                  3.148  2.765  ? 504  ? 'X-RAY DIFFRACTION' 
r_mcbond_other               3.141  2.766  ? 502  ? 'X-RAY DIFFRACTION' 
r_mcangle_it                 4.805  4.129  ? 630  ? 'X-RAY DIFFRACTION' 
r_mcangle_other              4.801  4.129  ? 631  ? 'X-RAY DIFFRACTION' 
r_scbond_it                  4.235  3.106  ? 486  ? 'X-RAY DIFFRACTION' 
r_scbond_other               4.233  3.106  ? 487  ? 'X-RAY DIFFRACTION' 
r_scangle_it                 ?      ?      ? ?    ? 'X-RAY DIFFRACTION' 
r_scangle_other              6.003  4.491  ? 712  ? 'X-RAY DIFFRACTION' 
r_long_range_B_refined       8.236  23.729 ? 1190 ? 'X-RAY DIFFRACTION' 
r_long_range_B_other         7.928  22.836 ? 1113 ? 'X-RAY DIFFRACTION' 
r_rigid_bond_restr           ?      ?      ? ?    ? 'X-RAY DIFFRACTION' 
r_sphericity_free            ?      ?      ? ?    ? 'X-RAY DIFFRACTION' 
r_sphericity_bonded          ?      ?      ? ?    ? 'X-RAY DIFFRACTION' 
# 
_refine_ls_shell.pdbx_total_number_of_bins_used   20 
_refine_ls_shell.d_res_high                       1.952 
_refine_ls_shell.d_res_low                        2.002 
_refine_ls_shell.number_reflns_R_work             778 
_refine_ls_shell.R_factor_R_work                  0.233 
_refine_ls_shell.percent_reflns_obs               99.27 
_refine_ls_shell.R_factor_R_free                  0.265 
_refine_ls_shell.R_factor_R_free_error            ? 
_refine_ls_shell.percent_reflns_R_free            ? 
_refine_ls_shell.number_reflns_R_free             40 
_refine_ls_shell.number_reflns_all                ? 
_refine_ls_shell.R_factor_all                     ? 
_refine_ls_shell.number_reflns_obs                ? 
_refine_ls_shell.redundancy_reflns_obs            ? 
_refine_ls_shell.pdbx_refine_id                   'X-RAY DIFFRACTION' 
# 
_struct.entry_id                  4RTE 
_struct.title                     
'The X-ray structure of bovine pancreatic ribonuclease incubated in the presence of an excess of cisplatin (1:10 ratio)' 
_struct.pdbx_model_details        ? 
_struct.pdbx_CASP_flag            ? 
_struct.pdbx_model_type_details   ? 
# 
_struct_keywords.entry_id        4RTE 
_struct_keywords.pdbx_keywords   HYDROLASE 
_struct_keywords.text            'RNase fold, RNA cleavage, HYDROLASE' 
# 
loop_
_struct_asym.id 
_struct_asym.pdbx_blank_PDB_chainid_flag 
_struct_asym.pdbx_modified 
_struct_asym.entity_id 
_struct_asym.details 
A N N 1 ? 
B N N 2 ? 
C N N 2 ? 
D N N 2 ? 
E N N 2 ? 
F N N 3 ? 
G N N 3 ? 
H N N 3 ? 
I N N 4 ? 
# 
_struct_ref.id                         1 
_struct_ref.db_name                    UNP 
_struct_ref.db_code                    RNAS1_BOVIN 
_struct_ref.pdbx_db_accession          P61823 
_struct_ref.entity_id                  1 
_struct_ref.pdbx_seq_one_letter_code   
;KETAAAKFERQHMDSSTSAASSSNYCNQMMKSRNLTKDRCKPVNTFVHESLADVQAVCSQKNVACKNGQTNCYQSYSTMS
ITDCRETGSSKYPNCAYKTTQANKHIIVACEGNPYVPVHFDASV
;
_struct_ref.pdbx_align_begin           27 
_struct_ref.pdbx_db_isoform            ? 
# 
_struct_ref_seq.align_id                      1 
_struct_ref_seq.ref_id                        1 
_struct_ref_seq.pdbx_PDB_id_code              4RTE 
_struct_ref_seq.pdbx_strand_id                A 
_struct_ref_seq.seq_align_beg                 1 
_struct_ref_seq.pdbx_seq_align_beg_ins_code   ? 
_struct_ref_seq.seq_align_end                 124 
_struct_ref_seq.pdbx_seq_align_end_ins_code   ? 
_struct_ref_seq.pdbx_db_accession             P61823 
_struct_ref_seq.db_align_beg                  27 
_struct_ref_seq.pdbx_db_align_beg_ins_code    ? 
_struct_ref_seq.db_align_end                  150 
_struct_ref_seq.pdbx_db_align_end_ins_code    ? 
_struct_ref_seq.pdbx_auth_seq_align_beg       1 
_struct_ref_seq.pdbx_auth_seq_align_end       124 
# 
loop_
_pdbx_struct_assembly.id 
_pdbx_struct_assembly.details 
_pdbx_struct_assembly.method_details 
_pdbx_struct_assembly.oligomeric_details 
_pdbx_struct_assembly.oligomeric_count 
1 author_defined_assembly   ?    monomeric 1 
2 software_defined_assembly PISA dimeric   2 
# 
loop_
_pdbx_struct_assembly_prop.biol_id 
_pdbx_struct_assembly_prop.type 
_pdbx_struct_assembly_prop.value 
_pdbx_struct_assembly_prop.details 
2 'ABSA (A^2)' 4710  ? 
2 MORE         -148  ? 
2 'SSA (A^2)'  11160 ? 
# 
loop_
_pdbx_struct_assembly_gen.assembly_id 
_pdbx_struct_assembly_gen.oper_expression 
_pdbx_struct_assembly_gen.asym_id_list 
1 1   A,B,C,D,E,F,G,H,I 
2 1,2 A,B,C,D,E,F,G,H,I 
# 
loop_
_pdbx_struct_oper_list.id 
_pdbx_struct_oper_list.type 
_pdbx_struct_oper_list.name 
_pdbx_struct_oper_list.symmetry_operation 
_pdbx_struct_oper_list.matrix[1][1] 
_pdbx_struct_oper_list.matrix[1][2] 
_pdbx_struct_oper_list.matrix[1][3] 
_pdbx_struct_oper_list.vector[1] 
_pdbx_struct_oper_list.matrix[2][1] 
_pdbx_struct_oper_list.matrix[2][2] 
_pdbx_struct_oper_list.matrix[2][3] 
_pdbx_struct_oper_list.vector[2] 
_pdbx_struct_oper_list.matrix[3][1] 
_pdbx_struct_oper_list.matrix[3][2] 
_pdbx_struct_oper_list.matrix[3][3] 
_pdbx_struct_oper_list.vector[3] 
1 'identity operation'         1_555 x,y,z  1.0000000000  0.0000000000  0.0000000000  0.0000000000   0.0000000000  1.0000000000  0.0000000000 0.0000000000   0.0000000000  0.0000000000 1.0000000000 0.0000000000 
2 'crystal symmetry operation' 4_555 y,x,-z -0.9999876777 -0.0013903421 -0.0047656421 -12.6603862053 -0.0013903421 -0.8431254593 0.5377150983 -16.3048113092 -0.0047656421 0.5377150983 0.8431131370 4.7240769826 
# 
_struct_biol.id        1 
_struct_biol.details   ? 
# 
loop_
_struct_conf.conf_type_id 
_struct_conf.id 
_struct_conf.pdbx_PDB_helix_id 
_struct_conf.beg_label_comp_id 
_struct_conf.beg_label_asym_id 
_struct_conf.beg_label_seq_id 
_struct_conf.pdbx_beg_PDB_ins_code 
_struct_conf.end_label_comp_id 
_struct_conf.end_label_asym_id 
_struct_conf.end_label_seq_id 
_struct_conf.pdbx_end_PDB_ins_code 
_struct_conf.beg_auth_comp_id 
_struct_conf.beg_auth_asym_id 
_struct_conf.beg_auth_seq_id 
_struct_conf.end_auth_comp_id 
_struct_conf.end_auth_asym_id 
_struct_conf.end_auth_seq_id 
_struct_conf.pdbx_PDB_helix_class 
_struct_conf.details 
_struct_conf.pdbx_PDB_helix_length 
HELX_P HELX_P1 1 THR A 3  ? MET A 13 ? THR A 3  MET A 13 1 ? 11 
HELX_P HELX_P2 2 ASN A 24 ? ARG A 33 ? ASN A 24 ARG A 33 1 ? 10 
HELX_P HELX_P3 3 SER A 50 ? ALA A 56 ? SER A 50 ALA A 56 1 ? 7  
HELX_P HELX_P4 4 VAL A 57 ? GLN A 60 ? VAL A 57 GLN A 60 5 ? 4  
# 
_struct_conf_type.id          HELX_P 
_struct_conf_type.criteria    ? 
_struct_conf_type.reference   ? 
# 
loop_
_struct_conn.id 
_struct_conn.conn_type_id 
_struct_conn.pdbx_leaving_atom_flag 
_struct_conn.pdbx_PDB_id 
_struct_conn.ptnr1_label_asym_id 
_struct_conn.ptnr1_label_comp_id 
_struct_conn.ptnr1_label_seq_id 
_struct_conn.ptnr1_label_atom_id 
_struct_conn.pdbx_ptnr1_label_alt_id 
_struct_conn.pdbx_ptnr1_PDB_ins_code 
_struct_conn.pdbx_ptnr1_standard_comp_id 
_struct_conn.ptnr1_symmetry 
_struct_conn.ptnr2_label_asym_id 
_struct_conn.ptnr2_label_comp_id 
_struct_conn.ptnr2_label_seq_id 
_struct_conn.ptnr2_label_atom_id 
_struct_conn.pdbx_ptnr2_label_alt_id 
_struct_conn.pdbx_ptnr2_PDB_ins_code 
_struct_conn.ptnr1_auth_asym_id 
_struct_conn.ptnr1_auth_comp_id 
_struct_conn.ptnr1_auth_seq_id 
_struct_conn.ptnr2_auth_asym_id 
_struct_conn.ptnr2_auth_comp_id 
_struct_conn.ptnr2_auth_seq_id 
_struct_conn.ptnr2_symmetry 
_struct_conn.pdbx_ptnr3_label_atom_id 
_struct_conn.pdbx_ptnr3_label_seq_id 
_struct_conn.pdbx_ptnr3_label_comp_id 
_struct_conn.pdbx_ptnr3_label_asym_id 
_struct_conn.pdbx_ptnr3_label_alt_id 
_struct_conn.pdbx_ptnr3_PDB_ins_code 
_struct_conn.details 
_struct_conn.pdbx_dist_value 
_struct_conn.pdbx_value_order 
_struct_conn.pdbx_role 
disulf1 disulf ? ? A CYS 26  SG  ? ? ? 1_555 A CYS 84  SG  ? ? A CYS 26  A CYS 84  1_555 ? ? ? ? ? ? ? 2.032 ? ? 
disulf2 disulf ? ? A CYS 40  SG  ? ? ? 1_555 A CYS 95  SG  ? ? A CYS 40  A CYS 95  1_555 ? ? ? ? ? ? ? 1.955 ? ? 
disulf3 disulf ? ? A CYS 58  SG  ? ? ? 1_555 A CYS 110 SG  ? ? A CYS 58  A CYS 110 1_555 ? ? ? ? ? ? ? 2.017 ? ? 
disulf4 disulf ? ? A CYS 65  SG  ? ? ? 1_555 A CYS 72  SG  ? ? A CYS 65  A CYS 72  1_555 ? ? ? ? ? ? ? 1.965 ? ? 
metalc1 metalc ? ? A MET 29  SD  A ? ? 1_555 D CPT .   PT1 A ? A MET 29  A CPT 503 1_555 ? ? ? ? ? ? ? 2.581 ? ? 
metalc2 metalc ? ? A MET 29  SD  B ? ? 1_555 E CPT .   PT1 B ? A MET 29  A CPT 504 1_555 ? ? ? ? ? ? ? 2.616 ? ? 
metalc3 metalc ? ? A HIS 105 NE2 ? ? ? 1_555 C CPT .   PT1 ? ? A HIS 105 A CPT 502 1_555 ? ? ? ? ? ? ? 2.357 ? ? 
metalc4 metalc ? ? A HIS 119 ND1 ? ? ? 1_555 B CPT .   PT1 A ? A HIS 119 A CPT 501 1_555 ? ? ? ? ? ? ? 2.382 ? ? 
# 
loop_
_struct_conn_type.id 
_struct_conn_type.criteria 
_struct_conn_type.reference 
disulf ? ? 
metalc ? ? 
# 
loop_
_pdbx_struct_conn_angle.id 
_pdbx_struct_conn_angle.ptnr1_label_atom_id 
_pdbx_struct_conn_angle.ptnr1_label_alt_id 
_pdbx_struct_conn_angle.ptnr1_label_asym_id 
_pdbx_struct_conn_angle.ptnr1_label_comp_id 
_pdbx_struct_conn_angle.ptnr1_label_seq_id 
_pdbx_struct_conn_angle.ptnr1_auth_atom_id 
_pdbx_struct_conn_angle.ptnr1_auth_asym_id 
_pdbx_struct_conn_angle.ptnr1_auth_comp_id 
_pdbx_struct_conn_angle.ptnr1_auth_seq_id 
_pdbx_struct_conn_angle.ptnr1_PDB_ins_code 
_pdbx_struct_conn_angle.ptnr1_symmetry 
_pdbx_struct_conn_angle.ptnr2_label_atom_id 
_pdbx_struct_conn_angle.ptnr2_label_alt_id 
_pdbx_struct_conn_angle.ptnr2_label_asym_id 
_pdbx_struct_conn_angle.ptnr2_label_comp_id 
_pdbx_struct_conn_angle.ptnr2_label_seq_id 
_pdbx_struct_conn_angle.ptnr2_auth_atom_id 
_pdbx_struct_conn_angle.ptnr2_auth_asym_id 
_pdbx_struct_conn_angle.ptnr2_auth_comp_id 
_pdbx_struct_conn_angle.ptnr2_auth_seq_id 
_pdbx_struct_conn_angle.ptnr2_PDB_ins_code 
_pdbx_struct_conn_angle.ptnr2_symmetry 
_pdbx_struct_conn_angle.ptnr3_label_atom_id 
_pdbx_struct_conn_angle.ptnr3_label_alt_id 
_pdbx_struct_conn_angle.ptnr3_label_asym_id 
_pdbx_struct_conn_angle.ptnr3_label_comp_id 
_pdbx_struct_conn_angle.ptnr3_label_seq_id 
_pdbx_struct_conn_angle.ptnr3_auth_atom_id 
_pdbx_struct_conn_angle.ptnr3_auth_asym_id 
_pdbx_struct_conn_angle.ptnr3_auth_comp_id 
_pdbx_struct_conn_angle.ptnr3_auth_seq_id 
_pdbx_struct_conn_angle.ptnr3_PDB_ins_code 
_pdbx_struct_conn_angle.ptnr3_symmetry 
_pdbx_struct_conn_angle.value 
_pdbx_struct_conn_angle.value_esd 
1  SD  A A MET 29  ? A MET 29  ? 1_555 PT1 A D CPT . ? A CPT 503 ? 1_555 N1  A D CPT . ? A CPT 503 ? 1_555 166.8 ? 
2  SD  A A MET 29  ? A MET 29  ? 1_555 PT1 A D CPT . ? A CPT 503 ? 1_555 N2  A D CPT . ? A CPT 503 ? 1_555 91.8  ? 
3  N1  A D CPT .   ? A CPT 503 ? 1_555 PT1 A D CPT . ? A CPT 503 ? 1_555 N2  A D CPT . ? A CPT 503 ? 1_555 90.0  ? 
4  SD  A A MET 29  ? A MET 29  ? 1_555 PT1 A D CPT . ? A CPT 503 ? 1_555 CL1 A D CPT . ? A CPT 503 ? 1_555 88.5  ? 
5  N1  A D CPT .   ? A CPT 503 ? 1_555 PT1 A D CPT . ? A CPT 503 ? 1_555 CL1 A D CPT . ? A CPT 503 ? 1_555 89.6  ? 
6  N2  A D CPT .   ? A CPT 503 ? 1_555 PT1 A D CPT . ? A CPT 503 ? 1_555 CL1 A D CPT . ? A CPT 503 ? 1_555 179.5 ? 
7  NE2 ? A HIS 105 ? A HIS 105 ? 1_555 PT1 ? C CPT . ? A CPT 502 ? 1_555 N1  ? C CPT . ? A CPT 502 ? 1_555 174.7 ? 
8  NE2 ? A HIS 105 ? A HIS 105 ? 1_555 PT1 ? C CPT . ? A CPT 502 ? 1_555 N2  ? C CPT . ? A CPT 502 ? 1_555 95.3  ? 
9  N1  ? C CPT .   ? A CPT 502 ? 1_555 PT1 ? C CPT . ? A CPT 502 ? 1_555 N2  ? C CPT . ? A CPT 502 ? 1_555 89.6  ? 
10 NE2 ? A HIS 105 ? A HIS 105 ? 1_555 PT1 ? C CPT . ? A CPT 502 ? 1_555 CL1 ? C CPT . ? A CPT 502 ? 1_555 85.2  ? 
11 N1  ? C CPT .   ? A CPT 502 ? 1_555 PT1 ? C CPT . ? A CPT 502 ? 1_555 CL1 ? C CPT . ? A CPT 502 ? 1_555 89.9  ? 
12 N2  ? C CPT .   ? A CPT 502 ? 1_555 PT1 ? C CPT . ? A CPT 502 ? 1_555 CL1 ? C CPT . ? A CPT 502 ? 1_555 179.5 ? 
13 ND1 ? A HIS 119 ? A HIS 119 ? 1_555 PT1 A B CPT . ? A CPT 501 ? 1_555 N1  A B CPT . ? A CPT 501 ? 1_555 172.9 ? 
14 ND1 ? A HIS 119 ? A HIS 119 ? 1_555 PT1 A B CPT . ? A CPT 501 ? 1_555 N2  A B CPT . ? A CPT 501 ? 1_555 89.8  ? 
15 N1  A B CPT .   ? A CPT 501 ? 1_555 PT1 A B CPT . ? A CPT 501 ? 1_555 N2  A B CPT . ? A CPT 501 ? 1_555 90.4  ? 
16 ND1 ? A HIS 119 ? A HIS 119 ? 1_555 PT1 A B CPT . ? A CPT 501 ? 1_555 CL1 A B CPT . ? A CPT 501 ? 1_555 90.7  ? 
17 N1  A B CPT .   ? A CPT 501 ? 1_555 PT1 A B CPT . ? A CPT 501 ? 1_555 CL1 A B CPT . ? A CPT 501 ? 1_555 89.0  ? 
18 N2  A B CPT .   ? A CPT 501 ? 1_555 PT1 A B CPT . ? A CPT 501 ? 1_555 CL1 A B CPT . ? A CPT 501 ? 1_555 179.2 ? 
# 
loop_
_pdbx_modification_feature.ordinal 
_pdbx_modification_feature.label_comp_id 
_pdbx_modification_feature.label_asym_id 
_pdbx_modification_feature.label_seq_id 
_pdbx_modification_feature.label_alt_id 
_pdbx_modification_feature.modified_residue_label_comp_id 
_pdbx_modification_feature.modified_residue_label_asym_id 
_pdbx_modification_feature.modified_residue_label_seq_id 
_pdbx_modification_feature.modified_residue_label_alt_id 
_pdbx_modification_feature.auth_comp_id 
_pdbx_modification_feature.auth_asym_id 
_pdbx_modification_feature.auth_seq_id 
_pdbx_modification_feature.PDB_ins_code 
_pdbx_modification_feature.symmetry 
_pdbx_modification_feature.modified_residue_auth_comp_id 
_pdbx_modification_feature.modified_residue_auth_asym_id 
_pdbx_modification_feature.modified_residue_auth_seq_id 
_pdbx_modification_feature.modified_residue_PDB_ins_code 
_pdbx_modification_feature.modified_residue_symmetry 
_pdbx_modification_feature.comp_id_linking_atom 
_pdbx_modification_feature.modified_residue_id_linking_atom 
_pdbx_modification_feature.modified_residue_id 
_pdbx_modification_feature.ref_pcm_id 
_pdbx_modification_feature.ref_comp_id 
_pdbx_modification_feature.type 
_pdbx_modification_feature.category 
1 CYS A 26 ? CYS A 84  ? CYS A 26 ? 1_555 CYS A 84  ? 1_555 SG SG . . . None 'Disulfide bridge' 
2 CYS A 40 ? CYS A 95  ? CYS A 40 ? 1_555 CYS A 95  ? 1_555 SG SG . . . None 'Disulfide bridge' 
3 CYS A 58 ? CYS A 110 ? CYS A 58 ? 1_555 CYS A 110 ? 1_555 SG SG . . . None 'Disulfide bridge' 
4 CYS A 65 ? CYS A 72  ? CYS A 65 ? 1_555 CYS A 72  ? 1_555 SG SG . . . None 'Disulfide bridge' 
# 
loop_
_struct_mon_prot_cis.pdbx_id 
_struct_mon_prot_cis.label_comp_id 
_struct_mon_prot_cis.label_seq_id 
_struct_mon_prot_cis.label_asym_id 
_struct_mon_prot_cis.label_alt_id 
_struct_mon_prot_cis.pdbx_PDB_ins_code 
_struct_mon_prot_cis.auth_comp_id 
_struct_mon_prot_cis.auth_seq_id 
_struct_mon_prot_cis.auth_asym_id 
_struct_mon_prot_cis.pdbx_label_comp_id_2 
_struct_mon_prot_cis.pdbx_label_seq_id_2 
_struct_mon_prot_cis.pdbx_label_asym_id_2 
_struct_mon_prot_cis.pdbx_PDB_ins_code_2 
_struct_mon_prot_cis.pdbx_auth_comp_id_2 
_struct_mon_prot_cis.pdbx_auth_seq_id_2 
_struct_mon_prot_cis.pdbx_auth_asym_id_2 
_struct_mon_prot_cis.pdbx_PDB_model_num 
_struct_mon_prot_cis.pdbx_omega_angle 
1 TYR 92  A . ? TYR 92  A PRO 93  A ? PRO 93  A 1 13.44 
2 ASN 113 A . ? ASN 113 A PRO 114 A ? PRO 114 A 1 4.85  
# 
loop_
_struct_sheet.id 
_struct_sheet.type 
_struct_sheet.number_strands 
_struct_sheet.details 
A ? 5 ? 
B ? 4 ? 
# 
loop_
_struct_sheet_order.sheet_id 
_struct_sheet_order.range_id_1 
_struct_sheet_order.range_id_2 
_struct_sheet_order.offset 
_struct_sheet_order.sense 
A 1 2 ? anti-parallel 
A 2 3 ? anti-parallel 
A 3 4 ? anti-parallel 
A 4 5 ? anti-parallel 
B 1 2 ? anti-parallel 
B 2 3 ? anti-parallel 
B 3 4 ? anti-parallel 
# 
loop_
_struct_sheet_range.sheet_id 
_struct_sheet_range.id 
_struct_sheet_range.beg_label_comp_id 
_struct_sheet_range.beg_label_asym_id 
_struct_sheet_range.beg_label_seq_id 
_struct_sheet_range.pdbx_beg_PDB_ins_code 
_struct_sheet_range.end_label_comp_id 
_struct_sheet_range.end_label_asym_id 
_struct_sheet_range.end_label_seq_id 
_struct_sheet_range.pdbx_end_PDB_ins_code 
_struct_sheet_range.beg_auth_comp_id 
_struct_sheet_range.beg_auth_asym_id 
_struct_sheet_range.beg_auth_seq_id 
_struct_sheet_range.end_auth_comp_id 
_struct_sheet_range.end_auth_asym_id 
_struct_sheet_range.end_auth_seq_id 
A 1 VAL A 43  ? VAL A 47  ? VAL A 43  VAL A 47  
A 2 MET A 79  ? GLU A 86  ? MET A 79  GLU A 86  
A 3 TYR A 97  ? GLU A 111 ? TYR A 97  GLU A 111 
A 4 CYS A 72  ? GLN A 74  ? CYS A 72  GLN A 74  
A 5 LYS A 61  ? VAL A 63  ? LYS A 61  VAL A 63  
B 1 VAL A 43  ? VAL A 47  ? VAL A 43  VAL A 47  
B 2 MET A 79  ? GLU A 86  ? MET A 79  GLU A 86  
B 3 TYR A 97  ? GLU A 111 ? TYR A 97  GLU A 111 
B 4 VAL A 116 ? VAL A 124 ? VAL A 116 VAL A 124 
# 
loop_
_pdbx_struct_sheet_hbond.sheet_id 
_pdbx_struct_sheet_hbond.range_id_1 
_pdbx_struct_sheet_hbond.range_id_2 
_pdbx_struct_sheet_hbond.range_1_label_atom_id 
_pdbx_struct_sheet_hbond.range_1_label_comp_id 
_pdbx_struct_sheet_hbond.range_1_label_asym_id 
_pdbx_struct_sheet_hbond.range_1_label_seq_id 
_pdbx_struct_sheet_hbond.range_1_PDB_ins_code 
_pdbx_struct_sheet_hbond.range_1_auth_atom_id 
_pdbx_struct_sheet_hbond.range_1_auth_comp_id 
_pdbx_struct_sheet_hbond.range_1_auth_asym_id 
_pdbx_struct_sheet_hbond.range_1_auth_seq_id 
_pdbx_struct_sheet_hbond.range_2_label_atom_id 
_pdbx_struct_sheet_hbond.range_2_label_comp_id 
_pdbx_struct_sheet_hbond.range_2_label_asym_id 
_pdbx_struct_sheet_hbond.range_2_label_seq_id 
_pdbx_struct_sheet_hbond.range_2_PDB_ins_code 
_pdbx_struct_sheet_hbond.range_2_auth_atom_id 
_pdbx_struct_sheet_hbond.range_2_auth_comp_id 
_pdbx_struct_sheet_hbond.range_2_auth_asym_id 
_pdbx_struct_sheet_hbond.range_2_auth_seq_id 
A 1 2 N PHE A 46  ? N PHE A 46  O THR A 82  ? O THR A 82  
A 2 3 N ILE A 81  ? N ILE A 81  O ALA A 102 ? O ALA A 102 
A 3 4 O VAL A 108 ? O VAL A 108 N TYR A 73  ? N TYR A 73  
A 4 5 O GLN A 74  ? O GLN A 74  N LYS A 61  ? N LYS A 61  
B 1 2 N PHE A 46  ? N PHE A 46  O THR A 82  ? O THR A 82  
B 2 3 N ILE A 81  ? N ILE A 81  O ALA A 102 ? O ALA A 102 
B 3 4 N ALA A 109 ? N ALA A 109 O VAL A 118 ? O VAL A 118 
# 
loop_
_struct_site.id 
_struct_site.pdbx_evidence_code 
_struct_site.pdbx_auth_asym_id 
_struct_site.pdbx_auth_comp_id 
_struct_site.pdbx_auth_seq_id 
_struct_site.pdbx_auth_ins_code 
_struct_site.pdbx_num_residues 
_struct_site.details 
AC1 Software A CPT 501 ? 8 'BINDING SITE FOR RESIDUE CPT A 501' 
AC2 Software A CPT 502 ? 6 'BINDING SITE FOR RESIDUE CPT A 502' 
AC3 Software A CPT 503 ? 5 'BINDING SITE FOR RESIDUE CPT A 503' 
AC4 Software A CPT 504 ? 2 'BINDING SITE FOR RESIDUE CPT A 504' 
AC5 Software A CL  505 ? 3 'BINDING SITE FOR RESIDUE CL A 505'  
AC6 Software A CL  506 ? 3 'BINDING SITE FOR RESIDUE CL A 506'  
AC7 Software A CL  507 ? 5 'BINDING SITE FOR RESIDUE CL A 507'  
# 
loop_
_struct_site_gen.id 
_struct_site_gen.site_id 
_struct_site_gen.pdbx_num_res 
_struct_site_gen.label_comp_id 
_struct_site_gen.label_asym_id 
_struct_site_gen.label_seq_id 
_struct_site_gen.pdbx_auth_ins_code 
_struct_site_gen.auth_comp_id 
_struct_site_gen.auth_asym_id 
_struct_site_gen.auth_seq_id 
_struct_site_gen.label_atom_id 
_struct_site_gen.label_alt_id 
_struct_site_gen.symmetry 
_struct_site_gen.details 
1  AC1 8 HIS A 12  ? HIS A 12  . ? 1_555 ? 
2  AC1 8 HIS A 119 ? HIS A 119 . ? 1_555 ? 
3  AC1 8 PHE A 120 ? PHE A 120 . ? 1_555 ? 
4  AC1 8 HOH I .   ? HOH A 633 . ? 1_555 ? 
5  AC1 8 HOH I .   ? HOH A 676 . ? 1_555 ? 
6  AC1 8 HOH I .   ? HOH A 679 . ? 1_555 ? 
7  AC1 8 HOH I .   ? HOH A 734 . ? 1_555 ? 
8  AC1 8 HOH I .   ? HOH A 757 . ? 1_555 ? 
9  AC2 6 LYS A 1   ? LYS A 1   . ? 2_444 ? 
10 AC2 6 GLU A 2   ? GLU A 2   . ? 2_444 ? 
11 AC2 6 GLN A 101 ? GLN A 101 . ? 4_555 ? 
12 AC2 6 HIS A 105 ? HIS A 105 . ? 1_555 ? 
13 AC2 6 HOH I .   ? HOH A 712 . ? 1_555 ? 
14 AC2 6 HOH I .   ? HOH A 735 . ? 2_444 ? 
15 AC3 5 ASP A 14  ? ASP A 14  . ? 1_555 ? 
16 AC3 5 SER A 16  ? SER A 16  . ? 1_555 ? 
17 AC3 5 GLN A 28  ? GLN A 28  . ? 1_555 ? 
18 AC3 5 MET A 29  ? MET A 29  . ? 1_555 ? 
19 AC3 5 CPT E .   ? CPT A 504 . ? 1_555 ? 
20 AC4 2 MET A 29  ? MET A 29  . ? 1_555 ? 
21 AC4 2 CPT D .   ? CPT A 503 . ? 1_555 ? 
22 AC5 3 THR A 3   ? THR A 3   . ? 1_555 ? 
23 AC5 3 HOH I .   ? HOH A 659 . ? 5_545 ? 
24 AC5 3 HOH I .   ? HOH A 745 . ? 5_545 ? 
25 AC6 3 HIS A 12  ? HIS A 12  . ? 1_555 ? 
26 AC6 3 ASN A 44  ? ASN A 44  . ? 1_555 ? 
27 AC6 3 THR A 45  ? THR A 45  . ? 1_555 ? 
28 AC7 5 HIS A 12  ? HIS A 12  . ? 1_555 ? 
29 AC7 5 HIS A 119 ? HIS A 119 . ? 1_555 ? 
30 AC7 5 PHE A 120 ? PHE A 120 . ? 1_555 ? 
31 AC7 5 HOH I .   ? HOH A 679 . ? 1_555 ? 
32 AC7 5 HOH I .   ? HOH A 757 . ? 1_555 ? 
# 
_pdbx_entry_details.entry_id                   4RTE 
_pdbx_entry_details.compound_details           ? 
_pdbx_entry_details.source_details             ? 
_pdbx_entry_details.nonpolymer_details         ? 
_pdbx_entry_details.sequence_details           ? 
_pdbx_entry_details.has_ligand_of_interest     ? 
_pdbx_entry_details.has_protein_modification   Y 
# 
_pdbx_validate_rmsd_angle.id                         1 
_pdbx_validate_rmsd_angle.PDB_model_num              1 
_pdbx_validate_rmsd_angle.auth_atom_id_1             NE 
_pdbx_validate_rmsd_angle.auth_asym_id_1             A 
_pdbx_validate_rmsd_angle.auth_comp_id_1             ARG 
_pdbx_validate_rmsd_angle.auth_seq_id_1              39 
_pdbx_validate_rmsd_angle.PDB_ins_code_1             ? 
_pdbx_validate_rmsd_angle.label_alt_id_1             ? 
_pdbx_validate_rmsd_angle.auth_atom_id_2             CZ 
_pdbx_validate_rmsd_angle.auth_asym_id_2             A 
_pdbx_validate_rmsd_angle.auth_comp_id_2             ARG 
_pdbx_validate_rmsd_angle.auth_seq_id_2              39 
_pdbx_validate_rmsd_angle.PDB_ins_code_2             ? 
_pdbx_validate_rmsd_angle.label_alt_id_2             ? 
_pdbx_validate_rmsd_angle.auth_atom_id_3             NH1 
_pdbx_validate_rmsd_angle.auth_asym_id_3             A 
_pdbx_validate_rmsd_angle.auth_comp_id_3             ARG 
_pdbx_validate_rmsd_angle.auth_seq_id_3              39 
_pdbx_validate_rmsd_angle.PDB_ins_code_3             ? 
_pdbx_validate_rmsd_angle.label_alt_id_3             ? 
_pdbx_validate_rmsd_angle.angle_value                124.04 
_pdbx_validate_rmsd_angle.angle_target_value         120.30 
_pdbx_validate_rmsd_angle.angle_deviation            3.74 
_pdbx_validate_rmsd_angle.angle_standard_deviation   0.50 
_pdbx_validate_rmsd_angle.linker_flag                N 
# 
loop_
_pdbx_validate_torsion.id 
_pdbx_validate_torsion.PDB_model_num 
_pdbx_validate_torsion.auth_comp_id 
_pdbx_validate_torsion.auth_asym_id 
_pdbx_validate_torsion.auth_seq_id 
_pdbx_validate_torsion.PDB_ins_code 
_pdbx_validate_torsion.label_alt_id 
_pdbx_validate_torsion.phi 
_pdbx_validate_torsion.psi 
1 1 ALA A 19 ? ? -173.41 144.19  
2 1 ALA A 20 ? ? -49.64  101.71  
3 1 SER A 21 ? ? -18.54  -64.72  
4 1 GLN A 60 ? ? -102.92 -137.48 
# 
_pdbx_struct_special_symmetry.id              1 
_pdbx_struct_special_symmetry.PDB_model_num   1 
_pdbx_struct_special_symmetry.auth_asym_id    A 
_pdbx_struct_special_symmetry.auth_comp_id    HOH 
_pdbx_struct_special_symmetry.auth_seq_id     725 
_pdbx_struct_special_symmetry.PDB_ins_code    ? 
_pdbx_struct_special_symmetry.label_asym_id   I 
_pdbx_struct_special_symmetry.label_comp_id   HOH 
_pdbx_struct_special_symmetry.label_seq_id    . 
# 
loop_
_chem_comp_atom.comp_id 
_chem_comp_atom.atom_id 
_chem_comp_atom.type_symbol 
_chem_comp_atom.pdbx_aromatic_flag 
_chem_comp_atom.pdbx_stereo_config 
_chem_comp_atom.pdbx_ordinal 
ALA N    N  N N 1   
ALA CA   C  N S 2   
ALA C    C  N N 3   
ALA O    O  N N 4   
ALA CB   C  N N 5   
ALA OXT  O  N N 6   
ALA H    H  N N 7   
ALA H2   H  N N 8   
ALA HA   H  N N 9   
ALA HB1  H  N N 10  
ALA HB2  H  N N 11  
ALA HB3  H  N N 12  
ALA HXT  H  N N 13  
ARG N    N  N N 14  
ARG CA   C  N S 15  
ARG C    C  N N 16  
ARG O    O  N N 17  
ARG CB   C  N N 18  
ARG CG   C  N N 19  
ARG CD   C  N N 20  
ARG NE   N  N N 21  
ARG CZ   C  N N 22  
ARG NH1  N  N N 23  
ARG NH2  N  N N 24  
ARG OXT  O  N N 25  
ARG H    H  N N 26  
ARG H2   H  N N 27  
ARG HA   H  N N 28  
ARG HB2  H  N N 29  
ARG HB3  H  N N 30  
ARG HG2  H  N N 31  
ARG HG3  H  N N 32  
ARG HD2  H  N N 33  
ARG HD3  H  N N 34  
ARG HE   H  N N 35  
ARG HH11 H  N N 36  
ARG HH12 H  N N 37  
ARG HH21 H  N N 38  
ARG HH22 H  N N 39  
ARG HXT  H  N N 40  
ASN N    N  N N 41  
ASN CA   C  N S 42  
ASN C    C  N N 43  
ASN O    O  N N 44  
ASN CB   C  N N 45  
ASN CG   C  N N 46  
ASN OD1  O  N N 47  
ASN ND2  N  N N 48  
ASN OXT  O  N N 49  
ASN H    H  N N 50  
ASN H2   H  N N 51  
ASN HA   H  N N 52  
ASN HB2  H  N N 53  
ASN HB3  H  N N 54  
ASN HD21 H  N N 55  
ASN HD22 H  N N 56  
ASN HXT  H  N N 57  
ASP N    N  N N 58  
ASP CA   C  N S 59  
ASP C    C  N N 60  
ASP O    O  N N 61  
ASP CB   C  N N 62  
ASP CG   C  N N 63  
ASP OD1  O  N N 64  
ASP OD2  O  N N 65  
ASP OXT  O  N N 66  
ASP H    H  N N 67  
ASP H2   H  N N 68  
ASP HA   H  N N 69  
ASP HB2  H  N N 70  
ASP HB3  H  N N 71  
ASP HD2  H  N N 72  
ASP HXT  H  N N 73  
CL  CL   CL N N 74  
CPT PT1  PT N N 75  
CPT N1   N  N N 76  
CPT N2   N  N N 77  
CPT H11  H  N N 78  
CPT H12  H  N N 79  
CPT H21  H  N N 80  
CPT H22  H  N N 81  
CPT CL2  CL N N 82  
CPT CL1  CL N N 83  
CPT H13  H  N N 84  
CPT H23  H  N N 85  
CYS N    N  N N 86  
CYS CA   C  N R 87  
CYS C    C  N N 88  
CYS O    O  N N 89  
CYS CB   C  N N 90  
CYS SG   S  N N 91  
CYS OXT  O  N N 92  
CYS H    H  N N 93  
CYS H2   H  N N 94  
CYS HA   H  N N 95  
CYS HB2  H  N N 96  
CYS HB3  H  N N 97  
CYS HG   H  N N 98  
CYS HXT  H  N N 99  
GLN N    N  N N 100 
GLN CA   C  N S 101 
GLN C    C  N N 102 
GLN O    O  N N 103 
GLN CB   C  N N 104 
GLN CG   C  N N 105 
GLN CD   C  N N 106 
GLN OE1  O  N N 107 
GLN NE2  N  N N 108 
GLN OXT  O  N N 109 
GLN H    H  N N 110 
GLN H2   H  N N 111 
GLN HA   H  N N 112 
GLN HB2  H  N N 113 
GLN HB3  H  N N 114 
GLN HG2  H  N N 115 
GLN HG3  H  N N 116 
GLN HE21 H  N N 117 
GLN HE22 H  N N 118 
GLN HXT  H  N N 119 
GLU N    N  N N 120 
GLU CA   C  N S 121 
GLU C    C  N N 122 
GLU O    O  N N 123 
GLU CB   C  N N 124 
GLU CG   C  N N 125 
GLU CD   C  N N 126 
GLU OE1  O  N N 127 
GLU OE2  O  N N 128 
GLU OXT  O  N N 129 
GLU H    H  N N 130 
GLU H2   H  N N 131 
GLU HA   H  N N 132 
GLU HB2  H  N N 133 
GLU HB3  H  N N 134 
GLU HG2  H  N N 135 
GLU HG3  H  N N 136 
GLU HE2  H  N N 137 
GLU HXT  H  N N 138 
GLY N    N  N N 139 
GLY CA   C  N N 140 
GLY C    C  N N 141 
GLY O    O  N N 142 
GLY OXT  O  N N 143 
GLY H    H  N N 144 
GLY H2   H  N N 145 
GLY HA2  H  N N 146 
GLY HA3  H  N N 147 
GLY HXT  H  N N 148 
HIS N    N  N N 149 
HIS CA   C  N S 150 
HIS C    C  N N 151 
HIS O    O  N N 152 
HIS CB   C  N N 153 
HIS CG   C  Y N 154 
HIS ND1  N  Y N 155 
HIS CD2  C  Y N 156 
HIS CE1  C  Y N 157 
HIS NE2  N  Y N 158 
HIS OXT  O  N N 159 
HIS H    H  N N 160 
HIS H2   H  N N 161 
HIS HA   H  N N 162 
HIS HB2  H  N N 163 
HIS HB3  H  N N 164 
HIS HD1  H  N N 165 
HIS HD2  H  N N 166 
HIS HE1  H  N N 167 
HIS HE2  H  N N 168 
HIS HXT  H  N N 169 
HOH O    O  N N 170 
HOH H1   H  N N 171 
HOH H2   H  N N 172 
ILE N    N  N N 173 
ILE CA   C  N S 174 
ILE C    C  N N 175 
ILE O    O  N N 176 
ILE CB   C  N S 177 
ILE CG1  C  N N 178 
ILE CG2  C  N N 179 
ILE CD1  C  N N 180 
ILE OXT  O  N N 181 
ILE H    H  N N 182 
ILE H2   H  N N 183 
ILE HA   H  N N 184 
ILE HB   H  N N 185 
ILE HG12 H  N N 186 
ILE HG13 H  N N 187 
ILE HG21 H  N N 188 
ILE HG22 H  N N 189 
ILE HG23 H  N N 190 
ILE HD11 H  N N 191 
ILE HD12 H  N N 192 
ILE HD13 H  N N 193 
ILE HXT  H  N N 194 
LEU N    N  N N 195 
LEU CA   C  N S 196 
LEU C    C  N N 197 
LEU O    O  N N 198 
LEU CB   C  N N 199 
LEU CG   C  N N 200 
LEU CD1  C  N N 201 
LEU CD2  C  N N 202 
LEU OXT  O  N N 203 
LEU H    H  N N 204 
LEU H2   H  N N 205 
LEU HA   H  N N 206 
LEU HB2  H  N N 207 
LEU HB3  H  N N 208 
LEU HG   H  N N 209 
LEU HD11 H  N N 210 
LEU HD12 H  N N 211 
LEU HD13 H  N N 212 
LEU HD21 H  N N 213 
LEU HD22 H  N N 214 
LEU HD23 H  N N 215 
LEU HXT  H  N N 216 
LYS N    N  N N 217 
LYS CA   C  N S 218 
LYS C    C  N N 219 
LYS O    O  N N 220 
LYS CB   C  N N 221 
LYS CG   C  N N 222 
LYS CD   C  N N 223 
LYS CE   C  N N 224 
LYS NZ   N  N N 225 
LYS OXT  O  N N 226 
LYS H    H  N N 227 
LYS H2   H  N N 228 
LYS HA   H  N N 229 
LYS HB2  H  N N 230 
LYS HB3  H  N N 231 
LYS HG2  H  N N 232 
LYS HG3  H  N N 233 
LYS HD2  H  N N 234 
LYS HD3  H  N N 235 
LYS HE2  H  N N 236 
LYS HE3  H  N N 237 
LYS HZ1  H  N N 238 
LYS HZ2  H  N N 239 
LYS HZ3  H  N N 240 
LYS HXT  H  N N 241 
MET N    N  N N 242 
MET CA   C  N S 243 
MET C    C  N N 244 
MET O    O  N N 245 
MET CB   C  N N 246 
MET CG   C  N N 247 
MET SD   S  N N 248 
MET CE   C  N N 249 
MET OXT  O  N N 250 
MET H    H  N N 251 
MET H2   H  N N 252 
MET HA   H  N N 253 
MET HB2  H  N N 254 
MET HB3  H  N N 255 
MET HG2  H  N N 256 
MET HG3  H  N N 257 
MET HE1  H  N N 258 
MET HE2  H  N N 259 
MET HE3  H  N N 260 
MET HXT  H  N N 261 
PHE N    N  N N 262 
PHE CA   C  N S 263 
PHE C    C  N N 264 
PHE O    O  N N 265 
PHE CB   C  N N 266 
PHE CG   C  Y N 267 
PHE CD1  C  Y N 268 
PHE CD2  C  Y N 269 
PHE CE1  C  Y N 270 
PHE CE2  C  Y N 271 
PHE CZ   C  Y N 272 
PHE OXT  O  N N 273 
PHE H    H  N N 274 
PHE H2   H  N N 275 
PHE HA   H  N N 276 
PHE HB2  H  N N 277 
PHE HB3  H  N N 278 
PHE HD1  H  N N 279 
PHE HD2  H  N N 280 
PHE HE1  H  N N 281 
PHE HE2  H  N N 282 
PHE HZ   H  N N 283 
PHE HXT  H  N N 284 
PRO N    N  N N 285 
PRO CA   C  N S 286 
PRO C    C  N N 287 
PRO O    O  N N 288 
PRO CB   C  N N 289 
PRO CG   C  N N 290 
PRO CD   C  N N 291 
PRO OXT  O  N N 292 
PRO H    H  N N 293 
PRO HA   H  N N 294 
PRO HB2  H  N N 295 
PRO HB3  H  N N 296 
PRO HG2  H  N N 297 
PRO HG3  H  N N 298 
PRO HD2  H  N N 299 
PRO HD3  H  N N 300 
PRO HXT  H  N N 301 
SER N    N  N N 302 
SER CA   C  N S 303 
SER C    C  N N 304 
SER O    O  N N 305 
SER CB   C  N N 306 
SER OG   O  N N 307 
SER OXT  O  N N 308 
SER H    H  N N 309 
SER H2   H  N N 310 
SER HA   H  N N 311 
SER HB2  H  N N 312 
SER HB3  H  N N 313 
SER HG   H  N N 314 
SER HXT  H  N N 315 
THR N    N  N N 316 
THR CA   C  N S 317 
THR C    C  N N 318 
THR O    O  N N 319 
THR CB   C  N R 320 
THR OG1  O  N N 321 
THR CG2  C  N N 322 
THR OXT  O  N N 323 
THR H    H  N N 324 
THR H2   H  N N 325 
THR HA   H  N N 326 
THR HB   H  N N 327 
THR HG1  H  N N 328 
THR HG21 H  N N 329 
THR HG22 H  N N 330 
THR HG23 H  N N 331 
THR HXT  H  N N 332 
TYR N    N  N N 333 
TYR CA   C  N S 334 
TYR C    C  N N 335 
TYR O    O  N N 336 
TYR CB   C  N N 337 
TYR CG   C  Y N 338 
TYR CD1  C  Y N 339 
TYR CD2  C  Y N 340 
TYR CE1  C  Y N 341 
TYR CE2  C  Y N 342 
TYR CZ   C  Y N 343 
TYR OH   O  N N 344 
TYR OXT  O  N N 345 
TYR H    H  N N 346 
TYR H2   H  N N 347 
TYR HA   H  N N 348 
TYR HB2  H  N N 349 
TYR HB3  H  N N 350 
TYR HD1  H  N N 351 
TYR HD2  H  N N 352 
TYR HE1  H  N N 353 
TYR HE2  H  N N 354 
TYR HH   H  N N 355 
TYR HXT  H  N N 356 
VAL N    N  N N 357 
VAL CA   C  N S 358 
VAL C    C  N N 359 
VAL O    O  N N 360 
VAL CB   C  N N 361 
VAL CG1  C  N N 362 
VAL CG2  C  N N 363 
VAL OXT  O  N N 364 
VAL H    H  N N 365 
VAL H2   H  N N 366 
VAL HA   H  N N 367 
VAL HB   H  N N 368 
VAL HG11 H  N N 369 
VAL HG12 H  N N 370 
VAL HG13 H  N N 371 
VAL HG21 H  N N 372 
VAL HG22 H  N N 373 
VAL HG23 H  N N 374 
VAL HXT  H  N N 375 
# 
loop_
_chem_comp_bond.comp_id 
_chem_comp_bond.atom_id_1 
_chem_comp_bond.atom_id_2 
_chem_comp_bond.value_order 
_chem_comp_bond.pdbx_aromatic_flag 
_chem_comp_bond.pdbx_stereo_config 
_chem_comp_bond.pdbx_ordinal 
ALA N   CA   sing N N 1   
ALA N   H    sing N N 2   
ALA N   H2   sing N N 3   
ALA CA  C    sing N N 4   
ALA CA  CB   sing N N 5   
ALA CA  HA   sing N N 6   
ALA C   O    doub N N 7   
ALA C   OXT  sing N N 8   
ALA CB  HB1  sing N N 9   
ALA CB  HB2  sing N N 10  
ALA CB  HB3  sing N N 11  
ALA OXT HXT  sing N N 12  
ARG N   CA   sing N N 13  
ARG N   H    sing N N 14  
ARG N   H2   sing N N 15  
ARG CA  C    sing N N 16  
ARG CA  CB   sing N N 17  
ARG CA  HA   sing N N 18  
ARG C   O    doub N N 19  
ARG C   OXT  sing N N 20  
ARG CB  CG   sing N N 21  
ARG CB  HB2  sing N N 22  
ARG CB  HB3  sing N N 23  
ARG CG  CD   sing N N 24  
ARG CG  HG2  sing N N 25  
ARG CG  HG3  sing N N 26  
ARG CD  NE   sing N N 27  
ARG CD  HD2  sing N N 28  
ARG CD  HD3  sing N N 29  
ARG NE  CZ   sing N N 30  
ARG NE  HE   sing N N 31  
ARG CZ  NH1  sing N N 32  
ARG CZ  NH2  doub N N 33  
ARG NH1 HH11 sing N N 34  
ARG NH1 HH12 sing N N 35  
ARG NH2 HH21 sing N N 36  
ARG NH2 HH22 sing N N 37  
ARG OXT HXT  sing N N 38  
ASN N   CA   sing N N 39  
ASN N   H    sing N N 40  
ASN N   H2   sing N N 41  
ASN CA  C    sing N N 42  
ASN CA  CB   sing N N 43  
ASN CA  HA   sing N N 44  
ASN C   O    doub N N 45  
ASN C   OXT  sing N N 46  
ASN CB  CG   sing N N 47  
ASN CB  HB2  sing N N 48  
ASN CB  HB3  sing N N 49  
ASN CG  OD1  doub N N 50  
ASN CG  ND2  sing N N 51  
ASN ND2 HD21 sing N N 52  
ASN ND2 HD22 sing N N 53  
ASN OXT HXT  sing N N 54  
ASP N   CA   sing N N 55  
ASP N   H    sing N N 56  
ASP N   H2   sing N N 57  
ASP CA  C    sing N N 58  
ASP CA  CB   sing N N 59  
ASP CA  HA   sing N N 60  
ASP C   O    doub N N 61  
ASP C   OXT  sing N N 62  
ASP CB  CG   sing N N 63  
ASP CB  HB2  sing N N 64  
ASP CB  HB3  sing N N 65  
ASP CG  OD1  doub N N 66  
ASP CG  OD2  sing N N 67  
ASP OD2 HD2  sing N N 68  
ASP OXT HXT  sing N N 69  
CPT PT1 N1   sing N N 70  
CPT PT1 N2   sing N N 71  
CPT N1  H11  sing N N 72  
CPT N1  H12  sing N N 73  
CPT N1  H13  sing N N 74  
CPT N2  H21  sing N N 75  
CPT N2  H22  sing N N 76  
CPT N2  H23  sing N N 77  
CPT CL2 PT1  sing N N 78  
CPT CL1 PT1  sing N N 79  
CYS N   CA   sing N N 80  
CYS N   H    sing N N 81  
CYS N   H2   sing N N 82  
CYS CA  C    sing N N 83  
CYS CA  CB   sing N N 84  
CYS CA  HA   sing N N 85  
CYS C   O    doub N N 86  
CYS C   OXT  sing N N 87  
CYS CB  SG   sing N N 88  
CYS CB  HB2  sing N N 89  
CYS CB  HB3  sing N N 90  
CYS SG  HG   sing N N 91  
CYS OXT HXT  sing N N 92  
GLN N   CA   sing N N 93  
GLN N   H    sing N N 94  
GLN N   H2   sing N N 95  
GLN CA  C    sing N N 96  
GLN CA  CB   sing N N 97  
GLN CA  HA   sing N N 98  
GLN C   O    doub N N 99  
GLN C   OXT  sing N N 100 
GLN CB  CG   sing N N 101 
GLN CB  HB2  sing N N 102 
GLN CB  HB3  sing N N 103 
GLN CG  CD   sing N N 104 
GLN CG  HG2  sing N N 105 
GLN CG  HG3  sing N N 106 
GLN CD  OE1  doub N N 107 
GLN CD  NE2  sing N N 108 
GLN NE2 HE21 sing N N 109 
GLN NE2 HE22 sing N N 110 
GLN OXT HXT  sing N N 111 
GLU N   CA   sing N N 112 
GLU N   H    sing N N 113 
GLU N   H2   sing N N 114 
GLU CA  C    sing N N 115 
GLU CA  CB   sing N N 116 
GLU CA  HA   sing N N 117 
GLU C   O    doub N N 118 
GLU C   OXT  sing N N 119 
GLU CB  CG   sing N N 120 
GLU CB  HB2  sing N N 121 
GLU CB  HB3  sing N N 122 
GLU CG  CD   sing N N 123 
GLU CG  HG2  sing N N 124 
GLU CG  HG3  sing N N 125 
GLU CD  OE1  doub N N 126 
GLU CD  OE2  sing N N 127 
GLU OE2 HE2  sing N N 128 
GLU OXT HXT  sing N N 129 
GLY N   CA   sing N N 130 
GLY N   H    sing N N 131 
GLY N   H2   sing N N 132 
GLY CA  C    sing N N 133 
GLY CA  HA2  sing N N 134 
GLY CA  HA3  sing N N 135 
GLY C   O    doub N N 136 
GLY C   OXT  sing N N 137 
GLY OXT HXT  sing N N 138 
HIS N   CA   sing N N 139 
HIS N   H    sing N N 140 
HIS N   H2   sing N N 141 
HIS CA  C    sing N N 142 
HIS CA  CB   sing N N 143 
HIS CA  HA   sing N N 144 
HIS C   O    doub N N 145 
HIS C   OXT  sing N N 146 
HIS CB  CG   sing N N 147 
HIS CB  HB2  sing N N 148 
HIS CB  HB3  sing N N 149 
HIS CG  ND1  sing Y N 150 
HIS CG  CD2  doub Y N 151 
HIS ND1 CE1  doub Y N 152 
HIS ND1 HD1  sing N N 153 
HIS CD2 NE2  sing Y N 154 
HIS CD2 HD2  sing N N 155 
HIS CE1 NE2  sing Y N 156 
HIS CE1 HE1  sing N N 157 
HIS NE2 HE2  sing N N 158 
HIS OXT HXT  sing N N 159 
HOH O   H1   sing N N 160 
HOH O   H2   sing N N 161 
ILE N   CA   sing N N 162 
ILE N   H    sing N N 163 
ILE N   H2   sing N N 164 
ILE CA  C    sing N N 165 
ILE CA  CB   sing N N 166 
ILE CA  HA   sing N N 167 
ILE C   O    doub N N 168 
ILE C   OXT  sing N N 169 
ILE CB  CG1  sing N N 170 
ILE CB  CG2  sing N N 171 
ILE CB  HB   sing N N 172 
ILE CG1 CD1  sing N N 173 
ILE CG1 HG12 sing N N 174 
ILE CG1 HG13 sing N N 175 
ILE CG2 HG21 sing N N 176 
ILE CG2 HG22 sing N N 177 
ILE CG2 HG23 sing N N 178 
ILE CD1 HD11 sing N N 179 
ILE CD1 HD12 sing N N 180 
ILE CD1 HD13 sing N N 181 
ILE OXT HXT  sing N N 182 
LEU N   CA   sing N N 183 
LEU N   H    sing N N 184 
LEU N   H2   sing N N 185 
LEU CA  C    sing N N 186 
LEU CA  CB   sing N N 187 
LEU CA  HA   sing N N 188 
LEU C   O    doub N N 189 
LEU C   OXT  sing N N 190 
LEU CB  CG   sing N N 191 
LEU CB  HB2  sing N N 192 
LEU CB  HB3  sing N N 193 
LEU CG  CD1  sing N N 194 
LEU CG  CD2  sing N N 195 
LEU CG  HG   sing N N 196 
LEU CD1 HD11 sing N N 197 
LEU CD1 HD12 sing N N 198 
LEU CD1 HD13 sing N N 199 
LEU CD2 HD21 sing N N 200 
LEU CD2 HD22 sing N N 201 
LEU CD2 HD23 sing N N 202 
LEU OXT HXT  sing N N 203 
LYS N   CA   sing N N 204 
LYS N   H    sing N N 205 
LYS N   H2   sing N N 206 
LYS CA  C    sing N N 207 
LYS CA  CB   sing N N 208 
LYS CA  HA   sing N N 209 
LYS C   O    doub N N 210 
LYS C   OXT  sing N N 211 
LYS CB  CG   sing N N 212 
LYS CB  HB2  sing N N 213 
LYS CB  HB3  sing N N 214 
LYS CG  CD   sing N N 215 
LYS CG  HG2  sing N N 216 
LYS CG  HG3  sing N N 217 
LYS CD  CE   sing N N 218 
LYS CD  HD2  sing N N 219 
LYS CD  HD3  sing N N 220 
LYS CE  NZ   sing N N 221 
LYS CE  HE2  sing N N 222 
LYS CE  HE3  sing N N 223 
LYS NZ  HZ1  sing N N 224 
LYS NZ  HZ2  sing N N 225 
LYS NZ  HZ3  sing N N 226 
LYS OXT HXT  sing N N 227 
MET N   CA   sing N N 228 
MET N   H    sing N N 229 
MET N   H2   sing N N 230 
MET CA  C    sing N N 231 
MET CA  CB   sing N N 232 
MET CA  HA   sing N N 233 
MET C   O    doub N N 234 
MET C   OXT  sing N N 235 
MET CB  CG   sing N N 236 
MET CB  HB2  sing N N 237 
MET CB  HB3  sing N N 238 
MET CG  SD   sing N N 239 
MET CG  HG2  sing N N 240 
MET CG  HG3  sing N N 241 
MET SD  CE   sing N N 242 
MET CE  HE1  sing N N 243 
MET CE  HE2  sing N N 244 
MET CE  HE3  sing N N 245 
MET OXT HXT  sing N N 246 
PHE N   CA   sing N N 247 
PHE N   H    sing N N 248 
PHE N   H2   sing N N 249 
PHE CA  C    sing N N 250 
PHE CA  CB   sing N N 251 
PHE CA  HA   sing N N 252 
PHE C   O    doub N N 253 
PHE C   OXT  sing N N 254 
PHE CB  CG   sing N N 255 
PHE CB  HB2  sing N N 256 
PHE CB  HB3  sing N N 257 
PHE CG  CD1  doub Y N 258 
PHE CG  CD2  sing Y N 259 
PHE CD1 CE1  sing Y N 260 
PHE CD1 HD1  sing N N 261 
PHE CD2 CE2  doub Y N 262 
PHE CD2 HD2  sing N N 263 
PHE CE1 CZ   doub Y N 264 
PHE CE1 HE1  sing N N 265 
PHE CE2 CZ   sing Y N 266 
PHE CE2 HE2  sing N N 267 
PHE CZ  HZ   sing N N 268 
PHE OXT HXT  sing N N 269 
PRO N   CA   sing N N 270 
PRO N   CD   sing N N 271 
PRO N   H    sing N N 272 
PRO CA  C    sing N N 273 
PRO CA  CB   sing N N 274 
PRO CA  HA   sing N N 275 
PRO C   O    doub N N 276 
PRO C   OXT  sing N N 277 
PRO CB  CG   sing N N 278 
PRO CB  HB2  sing N N 279 
PRO CB  HB3  sing N N 280 
PRO CG  CD   sing N N 281 
PRO CG  HG2  sing N N 282 
PRO CG  HG3  sing N N 283 
PRO CD  HD2  sing N N 284 
PRO CD  HD3  sing N N 285 
PRO OXT HXT  sing N N 286 
SER N   CA   sing N N 287 
SER N   H    sing N N 288 
SER N   H2   sing N N 289 
SER CA  C    sing N N 290 
SER CA  CB   sing N N 291 
SER CA  HA   sing N N 292 
SER C   O    doub N N 293 
SER C   OXT  sing N N 294 
SER CB  OG   sing N N 295 
SER CB  HB2  sing N N 296 
SER CB  HB3  sing N N 297 
SER OG  HG   sing N N 298 
SER OXT HXT  sing N N 299 
THR N   CA   sing N N 300 
THR N   H    sing N N 301 
THR N   H2   sing N N 302 
THR CA  C    sing N N 303 
THR CA  CB   sing N N 304 
THR CA  HA   sing N N 305 
THR C   O    doub N N 306 
THR C   OXT  sing N N 307 
THR CB  OG1  sing N N 308 
THR CB  CG2  sing N N 309 
THR CB  HB   sing N N 310 
THR OG1 HG1  sing N N 311 
THR CG2 HG21 sing N N 312 
THR CG2 HG22 sing N N 313 
THR CG2 HG23 sing N N 314 
THR OXT HXT  sing N N 315 
TYR N   CA   sing N N 316 
TYR N   H    sing N N 317 
TYR N   H2   sing N N 318 
TYR CA  C    sing N N 319 
TYR CA  CB   sing N N 320 
TYR CA  HA   sing N N 321 
TYR C   O    doub N N 322 
TYR C   OXT  sing N N 323 
TYR CB  CG   sing N N 324 
TYR CB  HB2  sing N N 325 
TYR CB  HB3  sing N N 326 
TYR CG  CD1  doub Y N 327 
TYR CG  CD2  sing Y N 328 
TYR CD1 CE1  sing Y N 329 
TYR CD1 HD1  sing N N 330 
TYR CD2 CE2  doub Y N 331 
TYR CD2 HD2  sing N N 332 
TYR CE1 CZ   doub Y N 333 
TYR CE1 HE1  sing N N 334 
TYR CE2 CZ   sing Y N 335 
TYR CE2 HE2  sing N N 336 
TYR CZ  OH   sing N N 337 
TYR OH  HH   sing N N 338 
TYR OXT HXT  sing N N 339 
VAL N   CA   sing N N 340 
VAL N   H    sing N N 341 
VAL N   H2   sing N N 342 
VAL CA  C    sing N N 343 
VAL CA  CB   sing N N 344 
VAL CA  HA   sing N N 345 
VAL C   O    doub N N 346 
VAL C   OXT  sing N N 347 
VAL CB  CG1  sing N N 348 
VAL CB  CG2  sing N N 349 
VAL CB  HB   sing N N 350 
VAL CG1 HG11 sing N N 351 
VAL CG1 HG12 sing N N 352 
VAL CG1 HG13 sing N N 353 
VAL CG2 HG21 sing N N 354 
VAL CG2 HG22 sing N N 355 
VAL CG2 HG23 sing N N 356 
VAL OXT HXT  sing N N 357 
# 
_pdbx_initial_refinement_model.id               1 
_pdbx_initial_refinement_model.entity_id_list   ? 
_pdbx_initial_refinement_model.type             'experimental model' 
_pdbx_initial_refinement_model.source_name      PDB 
_pdbx_initial_refinement_model.accession_code   1RNX 
_pdbx_initial_refinement_model.details          'PDB code 1RNX' 
# 
_atom_sites.entry_id                    4RTE 
_atom_sites.fract_transf_matrix[1][1]   0.00861015 
_atom_sites.fract_transf_matrix[1][2]   -0.00158824 
_atom_sites.fract_transf_matrix[1][3]   -0.01584965 
_atom_sites.fract_transf_matrix[2][1]   -0.00853264 
_atom_sites.fract_transf_matrix[2][2]   -0.00719549 
_atom_sites.fract_transf_matrix[2][3]   -0.01425772 
_atom_sites.fract_transf_matrix[3][1]   -0.00506330 
_atom_sites.fract_transf_matrix[3][2]   0.01429227 
_atom_sites.fract_transf_matrix[3][3]   -0.00418276 
_atom_sites.fract_transf_vector[1]      -0.329245 
_atom_sites.fract_transf_vector[2]      -0.487225 
_atom_sites.fract_transf_vector[3]      0.094345 
# 
loop_
_atom_type.symbol 
C  
CL 
N  
O  
PT 
S  
# 
loop_
_atom_site.group_PDB 
_atom_site.id 
_atom_site.type_symbol 
_atom_site.label_atom_id 
_atom_site.label_alt_id 
_atom_site.label_comp_id 
_atom_site.label_asym_id 
_atom_site.label_entity_id 
_atom_site.label_seq_id 
_atom_site.pdbx_PDB_ins_code 
_atom_site.Cartn_x 
_atom_site.Cartn_y 
_atom_site.Cartn_z 
_atom_site.occupancy 
_atom_site.B_iso_or_equiv 
_atom_site.pdbx_formal_charge 
_atom_site.auth_seq_id 
_atom_site.auth_comp_id 
_atom_site.auth_asym_id 
_atom_site.auth_atom_id 
_atom_site.pdbx_PDB_model_num 
ATOM   1    N  N   . LYS A 1 1   ? 9.124   3.119   -17.786 1.00 52.16 ? 1   LYS A N   1 
ATOM   2    C  CA  . LYS A 1 1   ? 9.606   4.297   -17.056 1.00 60.91 ? 1   LYS A CA  1 
ATOM   3    C  C   . LYS A 1 1   ? 9.182   4.330   -15.557 1.00 53.25 ? 1   LYS A C   1 
ATOM   4    O  O   . LYS A 1 1   ? 9.264   5.420   -14.940 1.00 69.80 ? 1   LYS A O   1 
ATOM   5    C  CB  . LYS A 1 1   ? 9.231   5.617   -17.776 1.00 64.22 ? 1   LYS A CB  1 
ATOM   6    N  N   . GLU A 1 2   ? 8.787   3.181   -14.966 1.00 37.52 ? 2   GLU A N   1 
ATOM   7    C  CA  . GLU A 1 2   ? 8.925   3.022   -13.482 1.00 29.61 ? 2   GLU A CA  1 
ATOM   8    C  C   . GLU A 1 2   ? 9.388   1.601   -13.119 1.00 24.21 ? 2   GLU A C   1 
ATOM   9    O  O   . GLU A 1 2   ? 8.790   0.662   -13.583 1.00 23.79 ? 2   GLU A O   1 
ATOM   10   C  CB  . GLU A 1 2   ? 7.596   3.312   -12.783 1.00 31.77 ? 2   GLU A CB  1 
ATOM   11   C  CG  . GLU A 1 2   ? 7.689   3.757   -11.372 1.00 28.39 ? 2   GLU A CG  1 
ATOM   12   C  CD  . GLU A 1 2   ? 6.335   4.215   -10.789 1.00 27.79 ? 2   GLU A CD  1 
ATOM   13   O  OE1 . GLU A 1 2   ? 5.294   3.793   -11.285 1.00 24.10 ? 2   GLU A OE1 1 
ATOM   14   O  OE2 . GLU A 1 2   ? 6.330   4.963   -9.809  1.00 26.33 ? 2   GLU A OE2 1 
ATOM   15   N  N   . THR A 1 3   ? 10.403  1.456   -12.310 1.00 21.47 ? 3   THR A N   1 
ATOM   16   C  CA  . THR A 1 3   ? 10.787  0.158   -11.730 1.00 23.00 ? 3   THR A CA  1 
ATOM   17   C  C   . THR A 1 3   ? 9.682   -0.364  -10.817 1.00 23.07 ? 3   THR A C   1 
ATOM   18   O  O   . THR A 1 3   ? 8.797   0.423   -10.358 1.00 22.31 ? 3   THR A O   1 
ATOM   19   C  CB  . THR A 1 3   ? 12.091  0.225   -10.909 1.00 22.05 ? 3   THR A CB  1 
ATOM   20   O  OG1 . THR A 1 3   ? 11.921  1.012   -9.713  1.00 21.88 ? 3   THR A OG1 1 
ATOM   21   C  CG2 . THR A 1 3   ? 13.209  0.833   -11.776 1.00 23.04 ? 3   THR A CG2 1 
ATOM   22   N  N   . ALA A 1 4   ? 9.640   -1.686  -10.682 1.00 23.27 ? 4   ALA A N   1 
ATOM   23   C  CA  . ALA A 1 4   ? 8.643   -2.323  -9.797  1.00 22.78 ? 4   ALA A CA  1 
ATOM   24   C  C   . ALA A 1 4   ? 8.787   -1.797  -8.365  1.00 21.94 ? 4   ALA A C   1 
ATOM   25   O  O   . ALA A 1 4   ? 7.780   -1.458  -7.718  1.00 22.10 ? 4   ALA A O   1 
ATOM   26   C  CB  . ALA A 1 4   ? 8.764   -3.842  -9.867  1.00 24.38 ? 4   ALA A CB  1 
ATOM   27   N  N   . ALA A 1 5   ? 10.023  -1.645  -7.871  1.00 20.61 ? 5   ALA A N   1 
ATOM   28   C  CA  . ALA A 1 5   ? 10.297  -1.080  -6.536  1.00 20.91 ? 5   ALA A CA  1 
ATOM   29   C  C   . ALA A 1 5   ? 9.813   0.343   -6.387  1.00 21.97 ? 5   ALA A C   1 
ATOM   30   O  O   . ALA A 1 5   ? 9.189   0.681   -5.367  1.00 19.54 ? 5   ALA A O   1 
ATOM   31   C  CB  . ALA A 1 5   ? 11.803  -1.154  -6.179  1.00 22.80 ? 5   ALA A CB  1 
ATOM   32   N  N   . ALA A 1 6   ? 10.121  1.196   -7.379  1.00 18.66 ? 6   ALA A N   1 
ATOM   33   C  CA  . ALA A 1 6   ? 9.656   2.558   -7.333  1.00 19.21 ? 6   ALA A CA  1 
ATOM   34   C  C   . ALA A 1 6   ? 8.124   2.671   -7.408  1.00 19.78 ? 6   ALA A C   1 
ATOM   35   O  O   . ALA A 1 6   ? 7.520   3.577   -6.789  1.00 19.34 ? 6   ALA A O   1 
ATOM   36   C  CB  . ALA A 1 6   ? 10.325  3.352   -8.427  1.00 19.23 ? 6   ALA A CB  1 
ATOM   37   N  N   . LYS A 1 7   ? 7.481   1.782   -8.179  1.00 20.47 ? 7   LYS A N   1 
ATOM   38   C  CA  . LYS A 1 7   ? 6.025   1.829   -8.260  1.00 22.18 ? 7   LYS A CA  1 
ATOM   39   C  C   . LYS A 1 7   ? 5.404   1.456   -6.893  1.00 20.91 ? 7   LYS A C   1 
ATOM   40   O  O   . LYS A 1 7   ? 4.437   2.042   -6.443  1.00 21.34 ? 7   LYS A O   1 
ATOM   41   C  CB  . LYS A 1 7   ? 5.533   0.887   -9.340  1.00 22.14 ? 7   LYS A CB  1 
ATOM   42   C  CG  . LYS A 1 7   ? 4.021   0.882   -9.419  1.00 26.67 ? 7   LYS A CG  1 
ATOM   43   C  CD  . LYS A 1 7   ? 3.564   0.102   -10.597 1.00 33.40 ? 7   LYS A CD  1 
ATOM   44   C  CE  . LYS A 1 7   ? 2.063   -0.012  -10.542 1.00 41.13 ? 7   LYS A CE  1 
ATOM   45   N  NZ  . LYS A 1 7   ? 1.677   -0.753  -11.764 1.00 53.64 ? 7   LYS A NZ  1 
ATOM   46   N  N   . PHE A 1 8   ? 5.991   0.449   -6.240  1.00 21.71 ? 8   PHE A N   1 
ATOM   47   C  CA  . PHE A 1 8   ? 5.563   0.055   -4.920  1.00 20.60 ? 8   PHE A CA  1 
ATOM   48   C  C   . PHE A 1 8   ? 5.671   1.247   -3.935  1.00 23.11 ? 8   PHE A C   1 
ATOM   49   O  O   . PHE A 1 8   ? 4.736   1.507   -3.138  1.00 20.71 ? 8   PHE A O   1 
ATOM   50   C  CB  . PHE A 1 8   ? 6.336   -1.165  -4.401  1.00 19.17 ? 8   PHE A CB  1 
ATOM   51   C  CG  . PHE A 1 8   ? 5.971   -1.527  -2.976  1.00 18.65 ? 8   PHE A CG  1 
ATOM   52   C  CD1 . PHE A 1 8   ? 6.571   -0.863  -1.915  1.00 19.83 ? 8   PHE A CD1 1 
ATOM   53   C  CD2 . PHE A 1 8   ? 5.013   -2.497  -2.712  1.00 20.39 ? 8   PHE A CD2 1 
ATOM   54   C  CE1 . PHE A 1 8   ? 6.219   -1.115  -0.594  1.00 19.48 ? 8   PHE A CE1 1 
ATOM   55   C  CE2 . PHE A 1 8   ? 4.639   -2.767  -1.385  1.00 19.45 ? 8   PHE A CE2 1 
ATOM   56   C  CZ  . PHE A 1 8   ? 5.258   -2.079  -0.326  1.00 19.22 ? 8   PHE A CZ  1 
ATOM   57   N  N   . GLU A 1 9   ? 6.815   1.940   -3.953  1.00 18.33 ? 9   GLU A N   1 
ATOM   58   C  CA  . GLU A 1 9   ? 6.988   3.094   -3.066  1.00 20.33 ? 9   GLU A CA  1 
ATOM   59   C  C   . GLU A 1 9   ? 5.896   4.134   -3.286  1.00 21.10 ? 9   GLU A C   1 
ATOM   60   O  O   . GLU A 1 9   ? 5.219   4.642   -2.338  1.00 21.25 ? 9   GLU A O   1 
ATOM   61   C  CB  . GLU A 1 9   ? 8.381   3.729   -3.304  1.00 20.40 ? 9   GLU A CB  1 
ATOM   62   C  CG  . GLU A 1 9   ? 9.549   2.880   -2.790  1.00 22.36 ? 9   GLU A CG  1 
ATOM   63   C  CD  . GLU A 1 9   ? 10.959  3.235   -3.368  1.00 21.92 ? 9   GLU A CD  1 
ATOM   64   O  OE1 . GLU A 1 9   ? 11.048  3.967   -4.388  1.00 20.11 ? 9   GLU A OE1 1 
ATOM   65   O  OE2 . GLU A 1 9   ? 11.936  2.659   -2.850  1.00 23.15 ? 9   GLU A OE2 1 
ATOM   66   N  N   . ARG A 1 10  ? 5.714   4.494   -4.540  1.00 20.46 ? 10  ARG A N   1 
ATOM   67   C  CA  . ARG A 1 10  ? 4.743   5.557   -4.889  1.00 20.73 ? 10  ARG A CA  1 
ATOM   68   C  C   . ARG A 1 10  ? 3.281   5.200   -4.476  1.00 20.52 ? 10  ARG A C   1 
ATOM   69   O  O   . ARG A 1 10  ? 2.563   6.024   -3.918  1.00 19.43 ? 10  ARG A O   1 
ATOM   70   C  CB  . ARG A 1 10  ? 4.809   5.856   -6.372  1.00 20.93 ? 10  ARG A CB  1 
ATOM   71   C  CG  . ARG A 1 10  ? 3.753   6.875   -6.893  1.00 22.44 ? 10  ARG A CG  1 
ATOM   72   C  CD  . ARG A 1 10  ? 3.868   7.242   -8.343  1.00 22.12 ? 10  ARG A CD  1 
ATOM   73   N  NE  . ARG A 1 10  ? 3.738   6.052   -9.189  1.00 22.16 ? 10  ARG A NE  1 
ATOM   74   C  CZ  . ARG A 1 10  ? 2.596   5.534   -9.651  1.00 25.93 ? 10  ARG A CZ  1 
ATOM   75   N  NH1 . ARG A 1 10  ? 1.399   6.099   -9.426  1.00 26.63 ? 10  ARG A NH1 1 
ATOM   76   N  NH2 . ARG A 1 10  ? 2.642   4.438   -10.392 1.00 25.81 ? 10  ARG A NH2 1 
ATOM   77   N  N   . GLN A 1 11  ? 2.870   3.970   -4.763  1.00 17.65 ? 11  GLN A N   1 
ATOM   78   C  CA  . GLN A 1 11  ? 1.514   3.520   -4.453  1.00 19.22 ? 11  GLN A CA  1 
ATOM   79   C  C   . GLN A 1 11  ? 1.343   3.263   -2.965  1.00 20.04 ? 11  GLN A C   1 
ATOM   80   O  O   . GLN A 1 11  ? 0.265   3.463   -2.435  1.00 22.70 ? 11  GLN A O   1 
ATOM   81   C  CB  . GLN A 1 11  ? 1.202   2.239   -5.239  1.00 22.41 ? 11  GLN A CB  1 
ATOM   82   C  CG  . GLN A 1 11  ? 1.216   2.393   -6.747  1.00 22.62 ? 11  GLN A CG  1 
ATOM   83   C  CD  . GLN A 1 11  ? 0.601   1.259   -7.497  1.00 27.48 ? 11  GLN A CD  1 
ATOM   84   O  OE1 . GLN A 1 11  ? -0.168  1.474   -8.470  1.00 34.92 ? 11  GLN A OE1 1 
ATOM   85   N  NE2 . GLN A 1 11  ? 0.904   0.060   -7.109  1.00 29.11 ? 11  GLN A NE2 1 
ATOM   86   N  N   . HIS A 1 12  ? 2.382   2.766   -2.274  1.00 19.91 ? 12  HIS A N   1 
ATOM   87   C  CA  . HIS A 1 12  ? 2.154   2.228   -0.971  1.00 20.07 ? 12  HIS A CA  1 
ATOM   88   C  C   . HIS A 1 12  ? 2.858   2.874   0.236   1.00 21.21 ? 12  HIS A C   1 
ATOM   89   O  O   . HIS A 1 12  ? 2.542   2.496   1.363   1.00 22.17 ? 12  HIS A O   1 
ATOM   90   C  CB  . HIS A 1 12  ? 2.425   0.715   -1.012  1.00 22.03 ? 12  HIS A CB  1 
ATOM   91   C  CG  . HIS A 1 12  ? 1.540   -0.002  -1.981  1.00 20.74 ? 12  HIS A CG  1 
ATOM   92   N  ND1 . HIS A 1 12  ? 0.160   0.024   -1.875  1.00 20.28 ? 12  HIS A ND1 1 
ATOM   93   C  CD2 . HIS A 1 12  ? 1.824   -0.710  -3.107  1.00 19.82 ? 12  HIS A CD2 1 
ATOM   94   C  CE1 . HIS A 1 12  ? -0.372  -0.627  -2.908  1.00 20.31 ? 12  HIS A CE1 1 
ATOM   95   N  NE2 . HIS A 1 12  ? 0.611   -1.087  -3.663  1.00 21.16 ? 12  HIS A NE2 1 
ATOM   96   N  N   . MET A 1 13  ? 3.824   3.758   0.031   1.00 19.85 ? 13  MET A N   1 
ATOM   97   C  CA  . MET A 1 13  ? 4.541   4.343   1.162   1.00 20.23 ? 13  MET A CA  1 
ATOM   98   C  C   . MET A 1 13  ? 3.975   5.726   1.569   1.00 21.68 ? 13  MET A C   1 
ATOM   99   O  O   . MET A 1 13  ? 3.831   6.589   0.704   1.00 25.08 ? 13  MET A O   1 
ATOM   100  C  CB  . MET A 1 13  ? 6.062   4.450   0.883   1.00 20.96 ? 13  MET A CB  1 
ATOM   101  C  CG  . MET A 1 13  ? 6.787   3.090   0.752   1.00 20.37 ? 13  MET A CG  1 
ATOM   102  S  SD  . MET A 1 13  ? 6.568   2.036   2.219   1.00 22.58 ? 13  MET A SD  1 
ATOM   103  C  CE  . MET A 1 13  ? 7.183   3.096   3.475   1.00 22.64 ? 13  MET A CE  1 
ATOM   104  N  N   . ASP A 1 14  ? 3.613   5.890   2.848   1.00 21.13 ? 14  ASP A N   1 
ATOM   105  C  CA  . ASP A 1 14  ? 3.339   7.237   3.381   1.00 24.96 ? 14  ASP A CA  1 
ATOM   106  C  C   . ASP A 1 14  ? 3.888   7.397   4.730   1.00 23.56 ? 14  ASP A C   1 
ATOM   107  O  O   . ASP A 1 14  ? 3.153   7.371   5.686   1.00 23.44 ? 14  ASP A O   1 
ATOM   108  C  CB  . ASP A 1 14  ? 1.842   7.603   3.383   1.00 25.01 ? 14  ASP A CB  1 
ATOM   109  C  CG  . ASP A 1 14  ? 1.603   9.094   3.779   1.00 25.34 ? 14  ASP A CG  1 
ATOM   110  O  OD1 . ASP A 1 14  ? 2.547   9.933   3.783   1.00 26.93 ? 14  ASP A OD1 1 
ATOM   111  O  OD2 . ASP A 1 14  ? 0.488   9.367   4.143   1.00 26.58 ? 14  ASP A OD2 1 
ATOM   112  N  N   . SER A 1 15  ? 5.213   7.543   4.803   1.00 23.48 ? 15  SER A N   1 
ATOM   113  C  CA  . SER A 1 15  ? 5.927   7.623   6.055   1.00 24.56 ? 15  SER A CA  1 
ATOM   114  C  C   . SER A 1 15  ? 5.791   9.002   6.766   1.00 30.22 ? 15  SER A C   1 
ATOM   115  O  O   . SER A 1 15  ? 6.128   9.124   7.931   1.00 33.11 ? 15  SER A O   1 
ATOM   116  C  CB  . SER A 1 15  ? 7.423   7.395   5.794   1.00 25.45 ? 15  SER A CB  1 
ATOM   117  O  OG  . SER A 1 15  ? 7.633   6.197   5.085   1.00 23.14 ? 15  SER A OG  1 
ATOM   118  N  N   . SER A 1 16  ? 5.311   10.030  6.082   1.00 27.80 ? 16  SER A N   1 
ATOM   119  C  CA  . SER A 1 16  ? 5.313   11.419  6.612   1.00 31.18 ? 16  SER A CA  1 
ATOM   120  C  C   . SER A 1 16  ? 4.176   11.644  7.640   1.00 33.84 ? 16  SER A C   1 
ATOM   121  O  O   . SER A 1 16  ? 4.120   12.646  8.308   1.00 31.68 ? 16  SER A O   1 
ATOM   122  C  CB  . SER A 1 16  ? 5.209   12.394  5.430   1.00 30.64 ? 16  SER A CB  1 
ATOM   123  O  OG  . SER A 1 16  ? 3.923   12.347  4.809   1.00 34.66 ? 16  SER A OG  1 
ATOM   124  N  N   . THR A 1 17  ? 3.219   10.733  7.698   1.00 35.93 ? 17  THR A N   1 
ATOM   125  C  CA  . THR A 1 17  ? 2.256   10.740  8.777   1.00 45.58 ? 17  THR A CA  1 
ATOM   126  C  C   . THR A 1 17  ? 2.224   9.415   9.519   1.00 43.13 ? 17  THR A C   1 
ATOM   127  O  O   . THR A 1 17  ? 2.344   8.330   8.923   1.00 38.29 ? 17  THR A O   1 
ATOM   128  C  CB  . THR A 1 17  ? 0.801   11.046  8.331   1.00 47.85 ? 17  THR A CB  1 
ATOM   129  O  OG1 . THR A 1 17  ? 0.532   10.537  7.013   1.00 44.63 ? 17  THR A OG1 1 
ATOM   130  C  CG2 . THR A 1 17  ? 0.521   12.512  8.407   1.00 51.32 ? 17  THR A CG2 1 
ATOM   131  N  N   . SER A 1 18  ? 1.963   9.535   10.812  1.00 42.27 ? 18  SER A N   1 
ATOM   132  C  CA  . SER A 1 18  ? 1.701   8.376   11.674  1.00 41.66 ? 18  SER A CA  1 
ATOM   133  C  C   . SER A 1 18  ? 0.380   7.566   11.371  1.00 31.20 ? 18  SER A C   1 
ATOM   134  O  O   . SER A 1 18  ? 0.281   6.394   11.660  1.00 26.04 ? 18  SER A O   1 
ATOM   135  C  CB  . SER A 1 18  ? 1.711   8.869   13.152  1.00 40.93 ? 18  SER A CB  1 
ATOM   136  O  OG  . SER A 1 18  ? 0.697   9.861   13.336  1.00 47.82 ? 18  SER A OG  1 
ATOM   137  N  N   . ALA A 1 19  ? -0.640  8.228   10.848  1.00 35.72 ? 19  ALA A N   1 
ATOM   138  C  CA  . ALA A 1 19  ? -1.996  7.658   10.707  1.00 36.64 ? 19  ALA A CA  1 
ATOM   139  C  C   . ALA A 1 19  ? -2.833  8.660   9.918   1.00 41.39 ? 19  ALA A C   1 
ATOM   140  O  O   . ALA A 1 19  ? -2.625  9.884   10.070  1.00 47.43 ? 19  ALA A O   1 
ATOM   141  C  CB  . ALA A 1 19  ? -2.639  7.434   12.091  1.00 37.68 ? 19  ALA A CB  1 
ATOM   142  N  N   . ALA A 1 20  ? -3.739  8.155   9.068   1.00 34.71 ? 20  ALA A N   1 
ATOM   143  C  CA  . ALA A 1 20  ? -4.724  8.946   8.363   1.00 35.09 ? 20  ALA A CA  1 
ATOM   144  C  C   . ALA A 1 20  ? -5.458  9.868   9.321   1.00 45.22 ? 20  ALA A C   1 
ATOM   145  O  O   . ALA A 1 20  ? -6.304  9.447   10.089  1.00 38.93 ? 20  ALA A O   1 
ATOM   146  C  CB  . ALA A 1 20  ? -5.736  8.085   7.637   1.00 32.63 ? 20  ALA A CB  1 
ATOM   147  N  N   . SER A 1 21  ? -5.022  11.119  9.267   1.00 56.74 ? 21  SER A N   1 
ATOM   148  C  CA  . SER A 1 21  ? -5.752  12.331  9.633   1.00 61.41 ? 21  SER A CA  1 
ATOM   149  C  C   . SER A 1 21  ? -7.320  12.309  9.740   1.00 62.67 ? 21  SER A C   1 
ATOM   150  O  O   . SER A 1 21  ? -7.922  12.512  10.816  1.00 62.13 ? 21  SER A O   1 
ATOM   151  C  CB  . SER A 1 21  ? -5.343  13.354  8.530   1.00 64.01 ? 21  SER A CB  1 
ATOM   152  O  OG  . SER A 1 21  ? -5.079  12.713  7.267   1.00 37.67 ? 21  SER A OG  1 
ATOM   153  N  N   . SER A 1 22  ? -7.946  12.074  8.590   1.00 49.77 ? 22  SER A N   1 
ATOM   154  C  CA  . SER A 1 22  ? -9.261  12.576  8.308   1.00 42.72 ? 22  SER A CA  1 
ATOM   155  C  C   . SER A 1 22  ? -9.921  11.728  7.265   1.00 34.88 ? 22  SER A C   1 
ATOM   156  O  O   . SER A 1 22  ? -9.232  10.959  6.594   1.00 29.52 ? 22  SER A O   1 
ATOM   157  C  CB  . SER A 1 22  ? -9.118  13.998  7.752   1.00 46.63 ? 22  SER A CB  1 
ATOM   158  O  OG  . SER A 1 22  ? -8.661  13.987  6.441   1.00 46.31 ? 22  SER A OG  1 
ATOM   159  N  N   . SER A 1 23  ? -11.241 11.887  7.081   1.00 30.74 ? 23  SER A N   1 
ATOM   160  C  CA  . SER A 1 23  ? -11.975 11.126  6.054   1.00 27.31 ? 23  SER A CA  1 
ATOM   161  C  C   . SER A 1 23  ? -11.499 11.431  4.633   1.00 25.33 ? 23  SER A C   1 
ATOM   162  O  O   . SER A 1 23  ? -11.833 10.690  3.742   1.00 26.99 ? 23  SER A O   1 
ATOM   163  C  CB  . SER A 1 23  ? -13.450 11.480  6.081   1.00 30.56 ? 23  SER A CB  1 
ATOM   164  O  OG  . SER A 1 23  ? -13.540 12.900  6.137   1.00 28.40 ? 23  SER A OG  1 
ATOM   165  N  N   . ASN A 1 24  ? -10.792 12.561  4.437   1.00 22.98 ? 24  ASN A N   1 
ATOM   166  C  CA  . ASN A 1 24  ? -10.376 12.978  3.119   1.00 24.84 ? 24  ASN A CA  1 
ATOM   167  C  C   . ASN A 1 24  ? -8.954  12.600  2.726   1.00 24.21 ? 24  ASN A C   1 
ATOM   168  O  O   . ASN A 1 24  ? -8.527  12.951  1.645   1.00 21.67 ? 24  ASN A O   1 
ATOM   169  C  CB  . ASN A 1 24  ? -10.546 14.486  3.029   1.00 28.11 ? 24  ASN A CB  1 
ATOM   170  C  CG  . ASN A 1 24  ? -12.018 14.888  3.095   1.00 31.54 ? 24  ASN A CG  1 
ATOM   171  O  OD1 . ASN A 1 24  ? -12.889 14.332  2.422   1.00 33.86 ? 24  ASN A OD1 1 
ATOM   172  N  ND2 . ASN A 1 24  ? -12.281 15.877  3.850   1.00 38.10 ? 24  ASN A ND2 1 
ATOM   173  N  N   . TYR A 1 25  ? -8.254  11.871  3.598   1.00 22.49 ? 25  TYR A N   1 
ATOM   174  C  CA  . TYR A 1 25  ? -6.901  11.450  3.360   1.00 22.28 ? 25  TYR A CA  1 
ATOM   175  C  C   . TYR A 1 25  ? -6.828  10.698  2.029   1.00 21.86 ? 25  TYR A C   1 
ATOM   176  O  O   . TYR A 1 25  ? -5.995  10.991  1.211   1.00 21.34 ? 25  TYR A O   1 
ATOM   177  C  CB  . TYR A 1 25  ? -6.500  10.567  4.537   1.00 20.08 ? 25  TYR A CB  1 
ATOM   178  C  CG  . TYR A 1 25  ? -5.192  9.863   4.302   1.00 21.94 ? 25  TYR A CG  1 
ATOM   179  C  CD1 . TYR A 1 25  ? -5.162  8.594   3.654   1.00 21.08 ? 25  TYR A CD1 1 
ATOM   180  C  CD2 . TYR A 1 25  ? -4.006  10.462  4.627   1.00 22.76 ? 25  TYR A CD2 1 
ATOM   181  C  CE1 . TYR A 1 25  ? -3.950  7.966   3.378   1.00 23.12 ? 25  TYR A CE1 1 
ATOM   182  C  CE2 . TYR A 1 25  ? -2.772  9.789   4.398   1.00 25.82 ? 25  TYR A CE2 1 
ATOM   183  C  CZ  . TYR A 1 25  ? -2.762  8.527   3.768   1.00 22.47 ? 25  TYR A CZ  1 
ATOM   184  O  OH  . TYR A 1 25  ? -1.556  7.866   3.462   1.00 23.72 ? 25  TYR A OH  1 
ATOM   185  N  N   . CYS A 1 26  ? -7.717  9.709   1.818   1.00 20.27 ? 26  CYS A N   1 
ATOM   186  C  CA  . CYS A 1 26  ? -7.646  8.890   0.612   1.00 19.85 ? 26  CYS A CA  1 
ATOM   187  C  C   . CYS A 1 26  ? -7.926  9.663   -0.637  1.00 22.35 ? 26  CYS A C   1 
ATOM   188  O  O   . CYS A 1 26  ? -7.195  9.491   -1.646  1.00 25.19 ? 26  CYS A O   1 
ATOM   189  C  CB  . CYS A 1 26  ? -8.548  7.644   0.662   1.00 18.78 ? 26  CYS A CB  1 
ATOM   190  S  SG  . CYS A 1 26  ? -7.870  6.417   1.808   1.00 20.10 ? 26  CYS A SG  1 
ATOM   191  N  N   . ASN A 1 27  ? -8.941  10.530  -0.639  1.00 22.69 ? 27  ASN A N   1 
ATOM   192  C  CA  . ASN A 1 27  ? -9.120  11.361  -1.841  1.00 22.30 ? 27  ASN A CA  1 
ATOM   193  C  C   . ASN A 1 27  ? -7.869  12.153  -2.192  1.00 22.83 ? 27  ASN A C   1 
ATOM   194  O  O   . ASN A 1 27  ? -7.427  12.158  -3.362  1.00 23.12 ? 27  ASN A O   1 
ATOM   195  C  CB  . ASN A 1 27  ? -10.282 12.320  -1.632  1.00 24.58 ? 27  ASN A CB  1 
ATOM   196  C  CG  . ASN A 1 27  ? -11.596 11.589  -1.549  1.00 26.85 ? 27  ASN A CG  1 
ATOM   197  O  OD1 . ASN A 1 27  ? -11.766 10.503  -2.089  1.00 27.82 ? 27  ASN A OD1 1 
ATOM   198  N  ND2 . ASN A 1 27  ? -12.553 12.217  -0.934  1.00 32.82 ? 27  ASN A ND2 1 
ATOM   199  N  N   . GLN A 1 28  ? -7.262  12.787  -1.188  1.00 22.87 ? 28  GLN A N   1 
ATOM   200  C  CA  . GLN A 1 28  ? -6.076  13.555  -1.413  1.00 26.70 ? 28  GLN A CA  1 
ATOM   201  C  C   . GLN A 1 28  ? -4.865  12.728  -1.859  1.00 25.35 ? 28  GLN A C   1 
ATOM   202  O  O   . GLN A 1 28  ? -4.198  13.083  -2.827  1.00 23.75 ? 28  GLN A O   1 
ATOM   203  C  CB  . GLN A 1 28  ? -5.733  14.316  -0.173  1.00 30.21 ? 28  GLN A CB  1 
ATOM   204  C  CG  . GLN A 1 28  ? -6.715  15.441  0.036   1.00 36.49 ? 28  GLN A CG  1 
ATOM   205  C  CD  . GLN A 1 28  ? -6.418  16.107  1.351   1.00 46.30 ? 28  GLN A CD  1 
ATOM   206  O  OE1 . GLN A 1 28  ? -5.436  15.760  2.024   1.00 48.65 ? 28  GLN A OE1 1 
ATOM   207  N  NE2 . GLN A 1 28  ? -7.297  17.008  1.767   1.00 56.37 ? 28  GLN A NE2 1 
ATOM   208  N  N   A MET A 1 29  ? -4.584  11.634  -1.155  0.60 23.49 ? 29  MET A N   1 
ATOM   209  N  N   B MET A 1 29  ? -4.610  11.635  -1.153  0.40 25.30 ? 29  MET A N   1 
ATOM   210  C  CA  A MET A 1 29  ? -3.429  10.783  -1.512  0.60 21.55 ? 29  MET A CA  1 
ATOM   211  C  CA  B MET A 1 29  ? -3.473  10.774  -1.458  0.40 24.62 ? 29  MET A CA  1 
ATOM   212  C  C   A MET A 1 29  ? -3.601  10.023  -2.821  0.60 22.68 ? 29  MET A C   1 
ATOM   213  C  C   B MET A 1 29  ? -3.605  10.030  -2.785  0.40 24.47 ? 29  MET A C   1 
ATOM   214  O  O   A MET A 1 29  ? -2.635  9.821   -3.574  0.60 22.97 ? 29  MET A O   1 
ATOM   215  O  O   B MET A 1 29  ? -2.613  9.866   -3.503  0.40 25.37 ? 29  MET A O   1 
ATOM   216  C  CB  A MET A 1 29  ? -3.112  9.821   -0.379  0.60 21.73 ? 29  MET A CB  1 
ATOM   217  C  CB  B MET A 1 29  ? -3.284  9.799   -0.313  0.40 26.17 ? 29  MET A CB  1 
ATOM   218  C  CG  A MET A 1 29  ? -2.682  10.504  0.888   0.60 20.67 ? 29  MET A CG  1 
ATOM   219  C  CG  B MET A 1 29  ? -2.961  10.485  0.991   0.40 26.45 ? 29  MET A CG  1 
ATOM   220  S  SD  A MET A 1 29  ? -1.194  11.475  0.614   0.60 21.41 ? 29  MET A SD  1 
ATOM   221  S  SD  B MET A 1 29  ? -1.177  10.565  1.198   0.40 28.79 ? 29  MET A SD  1 
ATOM   222  C  CE  A MET A 1 29  ? 0.113   10.268  0.569   0.60 20.42 ? 29  MET A CE  1 
ATOM   223  C  CE  B MET A 1 29  ? -0.698  9.754   -0.319  0.40 29.18 ? 29  MET A CE  1 
ATOM   224  N  N   . MET A 1 30  ? -4.804  9.568   -3.140  1.00 23.18 ? 30  MET A N   1 
ATOM   225  C  CA  . MET A 1 30  ? -4.953  8.806   -4.391  1.00 24.27 ? 30  MET A CA  1 
ATOM   226  C  C   . MET A 1 30  ? -4.696  9.743   -5.566  1.00 23.95 ? 30  MET A C   1 
ATOM   227  O  O   . MET A 1 30  ? -4.187  9.352   -6.593  1.00 24.89 ? 30  MET A O   1 
ATOM   228  C  CB  . MET A 1 30  ? -6.348  8.200   -4.503  1.00 24.03 ? 30  MET A CB  1 
ATOM   229  C  CG  . MET A 1 30  ? -6.601  7.086   -3.470  1.00 25.36 ? 30  MET A CG  1 
ATOM   230  S  SD  . MET A 1 30  ? -5.473  5.683   -3.569  1.00 24.11 ? 30  MET A SD  1 
ATOM   231  C  CE  . MET A 1 30  ? -6.095  4.894   -5.095  1.00 24.16 ? 30  MET A CE  1 
ATOM   232  N  N   . LYS A 1 31  ? -5.116  10.988  -5.411  1.00 25.35 ? 31  LYS A N   1 
ATOM   233  C  CA  . LYS A 1 31  ? -4.856  11.998  -6.448  1.00 26.84 ? 31  LYS A CA  1 
ATOM   234  C  C   . LYS A 1 31  ? -3.391  12.384  -6.521  1.00 25.22 ? 31  LYS A C   1 
ATOM   235  O  O   . LYS A 1 31  ? -2.794  12.330  -7.599  1.00 23.58 ? 31  LYS A O   1 
ATOM   236  C  CB  . LYS A 1 31  ? -5.718  13.236  -6.198  1.00 31.78 ? 31  LYS A CB  1 
ATOM   237  C  CG  . LYS A 1 31  ? -5.545  14.262  -7.300  1.00 42.90 ? 31  LYS A CG  1 
ATOM   238  C  CD  . LYS A 1 31  ? -6.365  15.541  -7.123  1.00 46.81 ? 31  LYS A CD  1 
ATOM   239  C  CE  . LYS A 1 31  ? -7.857  15.250  -7.030  1.00 53.44 ? 31  LYS A CE  1 
ATOM   240  N  NZ  . LYS A 1 31  ? -8.350  15.177  -5.611  1.00 58.98 ? 31  LYS A NZ  1 
ATOM   241  N  N   . SER A 1 32  ? -2.800  12.720  -5.371  1.00 24.99 ? 32  SER A N   1 
ATOM   242  C  CA  . SER A 1 32  ? -1.414  13.211  -5.315  1.00 27.73 ? 32  SER A CA  1 
ATOM   243  C  C   . SER A 1 32  ? -0.399  12.129  -5.749  1.00 28.57 ? 32  SER A C   1 
ATOM   244  O  O   . SER A 1 32  ? 0.637   12.468  -6.356  1.00 28.97 ? 32  SER A O   1 
ATOM   245  C  CB  . SER A 1 32  ? -1.069  13.828  -3.936  1.00 27.01 ? 32  SER A CB  1 
ATOM   246  O  OG  . SER A 1 32  ? -0.868  12.860  -2.946  1.00 32.22 ? 32  SER A OG  1 
ATOM   247  N  N   . ARG A 1 33  ? -0.735  10.843  -5.554  1.00 26.22 ? 33  ARG A N   1 
ATOM   248  C  CA  . ARG A 1 33  ? 0.171   9.768   -5.949  1.00 27.09 ? 33  ARG A CA  1 
ATOM   249  C  C   . ARG A 1 33  ? -0.131  9.299   -7.348  1.00 26.53 ? 33  ARG A C   1 
ATOM   250  O  O   . ARG A 1 33  ? 0.467   8.303   -7.789  1.00 27.70 ? 33  ARG A O   1 
ATOM   251  C  CB  . ARG A 1 33  ? 0.133   8.630   -4.928  1.00 22.93 ? 33  ARG A CB  1 
ATOM   252  C  CG  . ARG A 1 33  ? 0.683   9.072   -3.581  1.00 23.01 ? 33  ARG A CG  1 
ATOM   253  C  CD  . ARG A 1 33  ? 2.188   9.457   -3.668  1.00 20.59 ? 33  ARG A CD  1 
ATOM   254  N  NE  . ARG A 1 33  ? 2.749   9.758   -2.379  1.00 19.87 ? 33  ARG A NE  1 
ATOM   255  C  CZ  . ARG A 1 33  ? 3.264   8.844   -1.535  1.00 23.11 ? 33  ARG A CZ  1 
ATOM   256  N  NH1 . ARG A 1 33  ? 3.299   7.542   -1.840  1.00 24.98 ? 33  ARG A NH1 1 
ATOM   257  N  NH2 . ARG A 1 33  ? 3.689   9.224   -0.341  1.00 22.72 ? 33  ARG A NH2 1 
ATOM   258  N  N   . ASN A 1 34  ? -0.980  10.054  -8.070  1.00 25.53 ? 34  ASN A N   1 
ATOM   259  C  CA  . ASN A 1 34  ? -1.296  9.787   -9.433  1.00 26.16 ? 34  ASN A CA  1 
ATOM   260  C  C   . ASN A 1 34  ? -1.971  8.441   -9.695  1.00 28.42 ? 34  ASN A C   1 
ATOM   261  O  O   . ASN A 1 34  ? -1.752  7.801   -10.735 1.00 26.58 ? 34  ASN A O   1 
ATOM   262  C  CB  . ASN A 1 34  ? -0.016  9.972   -10.265 1.00 32.40 ? 34  ASN A CB  1 
ATOM   263  C  CG  . ASN A 1 34  ? 0.435   11.423  -10.290 1.00 31.61 ? 34  ASN A CG  1 
ATOM   264  O  OD1 . ASN A 1 34  ? -0.417  12.309  -10.339 1.00 32.46 ? 34  ASN A OD1 1 
ATOM   265  N  ND2 . ASN A 1 34  ? 1.756   11.672  -10.315 1.00 38.66 ? 34  ASN A ND2 1 
ATOM   266  N  N   . LEU A 1 35  ? -2.825  8.025   -8.753  1.00 26.19 ? 35  LEU A N   1 
ATOM   267  C  CA  . LEU A 1 35  ? -3.562  6.787   -8.903  1.00 26.22 ? 35  LEU A CA  1 
ATOM   268  C  C   . LEU A 1 35  ? -4.958  7.011   -9.429  1.00 28.63 ? 35  LEU A C   1 
ATOM   269  O  O   . LEU A 1 35  ? -5.723  6.065   -9.519  1.00 28.06 ? 35  LEU A O   1 
ATOM   270  C  CB  . LEU A 1 35  ? -3.616  6.015   -7.560  1.00 26.04 ? 35  LEU A CB  1 
ATOM   271  C  CG  . LEU A 1 35  ? -2.221  5.827   -6.957  1.00 26.51 ? 35  LEU A CG  1 
ATOM   272  C  CD1 . LEU A 1 35  ? -2.229  5.181   -5.632  1.00 29.74 ? 35  LEU A CD1 1 
ATOM   273  C  CD2 . LEU A 1 35  ? -1.351  5.066   -7.894  1.00 28.39 ? 35  LEU A CD2 1 
ATOM   274  N  N   . THR A 1 36  ? -5.269  8.243   -9.844  1.00 32.65 ? 36  THR A N   1 
ATOM   275  C  CA  . THR A 1 36  ? -6.599  8.588   -10.378 1.00 35.12 ? 36  THR A CA  1 
ATOM   276  C  C   . THR A 1 36  ? -6.546  9.149   -11.826 1.00 37.50 ? 36  THR A C   1 
ATOM   277  O  O   . THR A 1 36  ? -7.408  9.903   -12.256 1.00 34.21 ? 36  THR A O   1 
ATOM   278  C  CB  . THR A 1 36  ? -7.363  9.528   -9.410  1.00 30.55 ? 36  THR A CB  1 
ATOM   279  O  OG1 . THR A 1 36  ? -6.765  10.825  -9.315  1.00 29.76 ? 36  THR A OG1 1 
ATOM   280  C  CG2 . THR A 1 36  ? -7.413  8.941   -8.002  1.00 32.40 ? 36  THR A CG2 1 
ATOM   281  N  N   . LYS A 1 37  ? -5.539  8.738   -12.570 1.00 42.28 ? 37  LYS A N   1 
ATOM   282  C  CA  . LYS A 1 37  ? -5.218  9.368   -13.861 1.00 47.22 ? 37  LYS A CA  1 
ATOM   283  C  C   . LYS A 1 37  ? -6.147  9.093   -15.000 1.00 45.84 ? 37  LYS A C   1 
ATOM   284  O  O   . LYS A 1 37  ? -6.746  10.035  -15.498 1.00 49.31 ? 37  LYS A O   1 
ATOM   285  C  CB  . LYS A 1 37  ? -3.795  9.059   -14.285 1.00 51.75 ? 37  LYS A CB  1 
ATOM   286  C  CG  . LYS A 1 37  ? -2.821  9.944   -13.556 1.00 56.27 ? 37  LYS A CG  1 
ATOM   287  C  CD  . LYS A 1 37  ? -3.409  11.338  -13.368 1.00 60.78 ? 37  LYS A CD  1 
ATOM   288  C  CE  . LYS A 1 37  ? -2.339  12.360  -13.076 1.00 65.02 ? 37  LYS A CE  1 
ATOM   289  N  NZ  . LYS A 1 37  ? -2.956  13.484  -12.316 1.00 68.74 ? 37  LYS A NZ  1 
ATOM   290  N  N   . ASP A 1 38  ? -6.275  7.853   -15.420 1.00 48.13 ? 38  ASP A N   1 
ATOM   291  C  CA  . ASP A 1 38  ? -7.227  7.533   -16.501 1.00 58.39 ? 38  ASP A CA  1 
ATOM   292  C  C   . ASP A 1 38  ? -8.421  6.792   -15.958 1.00 59.54 ? 38  ASP A C   1 
ATOM   293  O  O   . ASP A 1 38  ? -9.484  6.706   -16.606 1.00 56.37 ? 38  ASP A O   1 
ATOM   294  C  CB  . ASP A 1 38  ? -6.538  6.700   -17.570 1.00 63.22 ? 38  ASP A CB  1 
ATOM   295  C  CG  . ASP A 1 38  ? -5.198  7.276   -17.941 1.00 72.39 ? 38  ASP A CG  1 
ATOM   296  O  OD1 . ASP A 1 38  ? -5.178  8.444   -18.391 1.00 64.54 ? 38  ASP A OD1 1 
ATOM   297  O  OD2 . ASP A 1 38  ? -4.171  6.592   -17.720 1.00 85.85 ? 38  ASP A OD2 1 
ATOM   298  N  N   . ARG A 1 39  ? -8.219  6.248   -14.757 1.00 51.45 ? 39  ARG A N   1 
ATOM   299  C  CA  . ARG A 1 39  ? -9.288  5.673   -14.002 1.00 48.44 ? 39  ARG A CA  1 
ATOM   300  C  C   . ARG A 1 39  ? -9.019  5.827   -12.516 1.00 37.00 ? 39  ARG A C   1 
ATOM   301  O  O   . ARG A 1 39  ? -7.916  6.111   -12.084 1.00 36.30 ? 39  ARG A O   1 
ATOM   302  C  CB  . ARG A 1 39  ? -9.454  4.198   -14.351 1.00 48.48 ? 39  ARG A CB  1 
ATOM   303  C  CG  . ARG A 1 39  ? -8.136  3.488   -14.555 1.00 63.97 ? 39  ARG A CG  1 
ATOM   304  C  CD  . ARG A 1 39  ? -8.289  1.963   -14.595 1.00 73.21 ? 39  ARG A CD  1 
ATOM   305  N  NE  . ARG A 1 39  ? -7.930  1.128   -13.411 1.00 76.17 ? 39  ARG A NE  1 
ATOM   306  C  CZ  . ARG A 1 39  ? -7.115  1.417   -12.374 1.00 61.28 ? 39  ARG A CZ  1 
ATOM   307  N  NH1 . ARG A 1 39  ? -6.515  2.587   -12.206 1.00 63.50 ? 39  ARG A NH1 1 
ATOM   308  N  NH2 . ARG A 1 39  ? -6.901  0.484   -11.457 1.00 62.16 ? 39  ARG A NH2 1 
ATOM   309  N  N   . CYS A 1 40  ? -10.072 5.576   -11.749 1.00 34.32 ? 40  CYS A N   1 
ATOM   310  C  CA  . CYS A 1 40  ? -9.973  5.506   -10.302 1.00 30.54 ? 40  CYS A CA  1 
ATOM   311  C  C   . CYS A 1 40  ? -9.432  4.141   -9.950  1.00 30.48 ? 40  CYS A C   1 
ATOM   312  O  O   . CYS A 1 40  ? -10.070 3.098   -10.181 1.00 33.54 ? 40  CYS A O   1 
ATOM   313  C  CB  . CYS A 1 40  ? -11.344 5.742   -9.653  1.00 31.10 ? 40  CYS A CB  1 
ATOM   314  S  SG  . CYS A 1 40  ? -12.175 7.269   -10.175 1.00 29.73 ? 40  CYS A SG  1 
ATOM   315  N  N   . LYS A 1 41  ? -8.241  4.117   -9.389  1.00 27.17 ? 41  LYS A N   1 
ATOM   316  C  CA  . LYS A 1 41  ? -7.717  2.852   -8.894  1.00 25.60 ? 41  LYS A CA  1 
ATOM   317  C  C   . LYS A 1 41  ? -8.670  2.380   -7.785  1.00 22.73 ? 41  LYS A C   1 
ATOM   318  O  O   . LYS A 1 41  ? -8.978  3.188   -6.903  1.00 26.79 ? 41  LYS A O   1 
ATOM   319  C  CB  . LYS A 1 41  ? -6.300  2.982   -8.338  1.00 25.48 ? 41  LYS A CB  1 
ATOM   320  C  CG  . LYS A 1 41  ? -5.716  1.615   -7.990  1.00 28.14 ? 41  LYS A CG  1 
ATOM   321  C  CD  . LYS A 1 41  ? -4.334  1.738   -7.378  1.00 31.35 ? 41  LYS A CD  1 
ATOM   322  C  CE  . LYS A 1 41  ? -3.614  0.413   -7.375  1.00 34.76 ? 41  LYS A CE  1 
ATOM   323  N  NZ  . LYS A 1 41  ? -3.197  0.087   -5.998  1.00 36.94 ? 41  LYS A NZ  1 
ATOM   324  N  N   . PRO A 1 42  ? -9.187  1.125   -7.864  1.00 25.31 ? 42  PRO A N   1 
ATOM   325  C  CA  . PRO A 1 42  ? -10.355 0.836   -6.985  1.00 26.42 ? 42  PRO A CA  1 
ATOM   326  C  C   . PRO A 1 42  ? -9.942  0.707   -5.541  1.00 26.03 ? 42  PRO A C   1 
ATOM   327  O  O   . PRO A 1 42  ? -10.660 1.156   -4.662  1.00 23.18 ? 42  PRO A O   1 
ATOM   328  C  CB  . PRO A 1 42  ? -10.910 -0.509  -7.476  1.00 28.77 ? 42  PRO A CB  1 
ATOM   329  C  CG  . PRO A 1 42  ? -10.165 -0.841  -8.725  1.00 30.51 ? 42  PRO A CG  1 
ATOM   330  C  CD  . PRO A 1 42  ? -9.104  0.189   -8.998  1.00 28.21 ? 42  PRO A CD  1 
ATOM   331  N  N   . VAL A 1 43  ? -8.824  0.054   -5.314  1.00 23.35 ? 43  VAL A N   1 
ATOM   332  C  CA  . VAL A 1 43  ? -8.365  -0.263  -3.953  1.00 24.70 ? 43  VAL A CA  1 
ATOM   333  C  C   . VAL A 1 43  ? -6.855  0.007   -3.831  1.00 23.94 ? 43  VAL A C   1 
ATOM   334  O  O   . VAL A 1 43  ? -6.121  -0.358  -4.739  1.00 21.37 ? 43  VAL A O   1 
ATOM   335  C  CB  . VAL A 1 43  ? -8.613  -1.727  -3.661  1.00 24.91 ? 43  VAL A CB  1 
ATOM   336  C  CG1 . VAL A 1 43  ? -7.893  -2.175  -2.421  1.00 26.95 ? 43  VAL A CG1 1 
ATOM   337  C  CG2 . VAL A 1 43  ? -10.122 -2.016  -3.556  1.00 26.22 ? 43  VAL A CG2 1 
ATOM   338  N  N   . ASN A 1 44  ? -6.430  0.630   -2.735  1.00 22.43 ? 44  ASN A N   1 
ATOM   339  C  CA  . ASN A 1 44  ? -5.009  0.874   -2.501  1.00 23.10 ? 44  ASN A CA  1 
ATOM   340  C  C   . ASN A 1 44  ? -4.686  1.112   -1.026  1.00 23.11 ? 44  ASN A C   1 
ATOM   341  O  O   . ASN A 1 44  ? -5.364  1.896   -0.339  1.00 21.89 ? 44  ASN A O   1 
ATOM   342  C  CB  . ASN A 1 44  ? -4.544  2.051   -3.411  1.00 22.51 ? 44  ASN A CB  1 
ATOM   343  C  CG  . ASN A 1 44  ? -3.021  2.251   -3.358  1.00 22.82 ? 44  ASN A CG  1 
ATOM   344  O  OD1 . ASN A 1 44  ? -2.250  1.436   -3.887  1.00 22.59 ? 44  ASN A OD1 1 
ATOM   345  N  ND2 . ASN A 1 44  ? -2.591  3.280   -2.711  1.00 19.12 ? 44  ASN A ND2 1 
ATOM   346  N  N   . THR A 1 45  ? -3.608  0.507   -0.544  1.00 21.50 ? 45  THR A N   1 
ATOM   347  C  CA  . THR A 1 45  ? -3.186  0.649   0.817   1.00 21.39 ? 45  THR A CA  1 
ATOM   348  C  C   . THR A 1 45  ? -1.874  1.443   0.926   1.00 21.39 ? 45  THR A C   1 
ATOM   349  O  O   . THR A 1 45  ? -0.933  1.190   0.175   1.00 20.86 ? 45  THR A O   1 
ATOM   350  C  CB  . THR A 1 45  ? -2.932  -0.718  1.466   1.00 22.17 ? 45  THR A CB  1 
ATOM   351  O  OG1 . THR A 1 45  ? -4.093  -1.517  1.343   1.00 23.68 ? 45  THR A OG1 1 
ATOM   352  C  CG2 . THR A 1 45  ? -2.585  -0.580  2.936   1.00 23.73 ? 45  THR A CG2 1 
ATOM   353  N  N   . PHE A 1 46  ? -1.862  2.366   1.883   1.00 20.56 ? 46  PHE A N   1 
ATOM   354  C  CA  . PHE A 1 46  ? -0.694  3.137   2.260   1.00 19.72 ? 46  PHE A CA  1 
ATOM   355  C  C   . PHE A 1 46  ? -0.181  2.727   3.631   1.00 19.32 ? 46  PHE A C   1 
ATOM   356  O  O   . PHE A 1 46  ? -0.958  2.497   4.562   1.00 19.70 ? 46  PHE A O   1 
ATOM   357  C  CB  . PHE A 1 46  ? -1.048  4.601   2.285   1.00 21.54 ? 46  PHE A CB  1 
ATOM   358  C  CG  . PHE A 1 46  ? -1.324  5.207   0.908   1.00 21.02 ? 46  PHE A CG  1 
ATOM   359  C  CD1 . PHE A 1 46  ? -0.277  5.525   0.076   1.00 22.37 ? 46  PHE A CD1 1 
ATOM   360  C  CD2 . PHE A 1 46  ? -2.636  5.531   0.522   1.00 23.10 ? 46  PHE A CD2 1 
ATOM   361  C  CE1 . PHE A 1 46  ? -0.517  6.106   -1.151  1.00 22.82 ? 46  PHE A CE1 1 
ATOM   362  C  CE2 . PHE A 1 46  ? -2.896  6.101   -0.713  1.00 22.25 ? 46  PHE A CE2 1 
ATOM   363  C  CZ  . PHE A 1 46  ? -1.830  6.386   -1.554  1.00 21.73 ? 46  PHE A CZ  1 
ATOM   364  N  N   . VAL A 1 47  ? 1.151   2.623   3.749   1.00 18.15 ? 47  VAL A N   1 
ATOM   365  C  CA  . VAL A 1 47  ? 1.768   2.169   4.966   1.00 18.99 ? 47  VAL A CA  1 
ATOM   366  C  C   . VAL A 1 47  ? 2.452   3.363   5.641   1.00 20.89 ? 47  VAL A C   1 
ATOM   367  O  O   . VAL A 1 47  ? 3.277   4.005   5.014   1.00 22.60 ? 47  VAL A O   1 
ATOM   368  C  CB  . VAL A 1 47  ? 2.781   1.058   4.715   1.00 19.58 ? 47  VAL A CB  1 
ATOM   369  C  CG1 . VAL A 1 47  ? 3.442   0.560   6.042   1.00 19.96 ? 47  VAL A CG1 1 
ATOM   370  C  CG2 . VAL A 1 47  ? 2.131   -0.086  3.916   1.00 20.14 ? 47  VAL A CG2 1 
ATOM   371  N  N   . HIS A 1 48  ? 2.158   3.567   6.922   1.00 19.74 ? 48  HIS A N   1 
ATOM   372  C  CA  . HIS A 1 48  ? 2.697   4.679   7.731   1.00 20.84 ? 48  HIS A CA  1 
ATOM   373  C  C   . HIS A 1 48  ? 3.849   4.232   8.572   1.00 22.68 ? 48  HIS A C   1 
ATOM   374  O  O   . HIS A 1 48  ? 3.768   4.244   9.820   1.00 25.69 ? 48  HIS A O   1 
ATOM   375  C  CB  . HIS A 1 48  ? 1.611   5.327   8.573   1.00 23.58 ? 48  HIS A CB  1 
ATOM   376  C  CG  . HIS A 1 48  ? 0.410   5.725   7.776   1.00 25.70 ? 48  HIS A CG  1 
ATOM   377  N  ND1 . HIS A 1 48  ? 0.468   6.667   6.777   1.00 30.54 ? 48  HIS A ND1 1 
ATOM   378  C  CD2 . HIS A 1 48  ? -0.845  5.240   7.760   1.00 24.65 ? 48  HIS A CD2 1 
ATOM   379  C  CE1 . HIS A 1 48  ? -0.718  6.791   6.221   1.00 31.12 ? 48  HIS A CE1 1 
ATOM   380  N  NE2 . HIS A 1 48  ? -1.538  5.947   6.815   1.00 29.85 ? 48  HIS A NE2 1 
ATOM   381  N  N   . GLU A 1 49  ? 4.895   3.759   7.898   1.00 19.82 ? 49  GLU A N   1 
ATOM   382  C  CA  . GLU A 1 49  ? 6.139   3.319   8.569   1.00 21.28 ? 49  GLU A CA  1 
ATOM   383  C  C   . GLU A 1 49  ? 7.304   3.824   7.682   1.00 20.58 ? 49  GLU A C   1 
ATOM   384  O  O   . GLU A 1 49  ? 7.095   4.235   6.558   1.00 19.93 ? 49  GLU A O   1 
ATOM   385  C  CB  . GLU A 1 49  ? 6.203   1.798   8.776   1.00 20.38 ? 49  GLU A CB  1 
ATOM   386  C  CG  . GLU A 1 49  ? 5.051   1.192   9.589   1.00 21.94 ? 49  GLU A CG  1 
ATOM   387  C  CD  . GLU A 1 49  ? 4.912   1.697   11.044  1.00 22.04 ? 49  GLU A CD  1 
ATOM   388  O  OE1 . GLU A 1 49  ? 5.855   2.264   11.643  1.00 23.15 ? 49  GLU A OE1 1 
ATOM   389  O  OE2 . GLU A 1 49  ? 3.812   1.523   11.653  1.00 20.69 ? 49  GLU A OE2 1 
ATOM   390  N  N   . SER A 1 50  ? 8.519   3.786   8.205   1.00 20.60 ? 50  SER A N   1 
ATOM   391  C  CA  . SER A 1 50  ? 9.672   4.178   7.396   1.00 21.97 ? 50  SER A CA  1 
ATOM   392  C  C   . SER A 1 50  ? 9.765   3.194   6.216   1.00 20.73 ? 50  SER A C   1 
ATOM   393  O  O   . SER A 1 50  ? 9.388   2.009   6.331   1.00 20.47 ? 50  SER A O   1 
ATOM   394  C  CB  . SER A 1 50  ? 10.978  4.202   8.214   1.00 21.46 ? 50  SER A CB  1 
ATOM   395  O  OG  . SER A 1 50  ? 11.297  2.890   8.627   1.00 18.38 ? 50  SER A OG  1 
ATOM   396  N  N   . LEU A 1 51  ? 10.351  3.675   5.112   1.00 18.35 ? 51  LEU A N   1 
ATOM   397  C  CA  . LEU A 1 51  ? 10.704  2.823   4.041   1.00 18.83 ? 51  LEU A CA  1 
ATOM   398  C  C   . LEU A 1 51  ? 11.628  1.718   4.488   1.00 20.34 ? 51  LEU A C   1 
ATOM   399  O  O   . LEU A 1 51  ? 11.443  0.552   4.089   1.00 21.25 ? 51  LEU A O   1 
ATOM   400  C  CB  . LEU A 1 51  ? 11.344  3.679   2.915   1.00 18.87 ? 51  LEU A CB  1 
ATOM   401  C  CG  . LEU A 1 51  ? 11.793  2.871   1.721   1.00 20.79 ? 51  LEU A CG  1 
ATOM   402  C  CD1 . LEU A 1 51  ? 10.708  2.090   0.954   1.00 20.11 ? 51  LEU A CD1 1 
ATOM   403  C  CD2 . LEU A 1 51  ? 12.518  3.871   0.857   1.00 24.44 ? 51  LEU A CD2 1 
ATOM   404  N  N   . ALA A 1 52  ? 12.622  2.022   5.330   1.00 20.85 ? 52  ALA A N   1 
ATOM   405  C  CA  . ALA A 1 52  ? 13.487  0.910   5.854   1.00 21.38 ? 52  ALA A CA  1 
ATOM   406  C  C   . ALA A 1 52  ? 12.693  -0.203  6.587   1.00 20.75 ? 52  ALA A C   1 
ATOM   407  O  O   . ALA A 1 52  ? 12.937  -1.416  6.368   1.00 21.25 ? 52  ALA A O   1 
ATOM   408  C  CB  . ALA A 1 52  ? 14.608  1.456   6.730   1.00 23.40 ? 52  ALA A CB  1 
ATOM   409  N  N   . ASP A 1 53  ? 11.717  0.190   7.405   1.00 20.73 ? 53  ASP A N   1 
ATOM   410  C  CA  . ASP A 1 53  ? 10.880  -0.816  8.129   1.00 22.51 ? 53  ASP A CA  1 
ATOM   411  C  C   . ASP A 1 53  ? 10.067  -1.686  7.180   1.00 20.37 ? 53  ASP A C   1 
ATOM   412  O  O   . ASP A 1 53  ? 9.890   -2.899  7.407   1.00 20.42 ? 53  ASP A O   1 
ATOM   413  C  CB  . ASP A 1 53  ? 9.930   -0.140  9.116   1.00 21.07 ? 53  ASP A CB  1 
ATOM   414  C  CG  . ASP A 1 53  ? 10.618  0.249   10.441  1.00 24.21 ? 53  ASP A CG  1 
ATOM   415  O  OD1 . ASP A 1 53  ? 11.863  0.092   10.504  1.00 26.02 ? 53  ASP A OD1 1 
ATOM   416  O  OD2 . ASP A 1 53  ? 9.895   0.727   11.362  1.00 23.00 ? 53  ASP A OD2 1 
ATOM   417  N  N   . VAL A 1 54  ? 9.590   -1.085  6.111   1.00 19.30 ? 54  VAL A N   1 
ATOM   418  C  CA  . VAL A 1 54  ? 8.850   -1.831  5.099   1.00 20.40 ? 54  VAL A CA  1 
ATOM   419  C  C   . VAL A 1 54  ? 9.766   -2.729  4.248   1.00 21.44 ? 54  VAL A C   1 
ATOM   420  O  O   . VAL A 1 54  ? 9.451   -3.939  3.982   1.00 21.40 ? 54  VAL A O   1 
ATOM   421  C  CB  . VAL A 1 54  ? 7.964   -0.882  4.220   1.00 19.28 ? 54  VAL A CB  1 
ATOM   422  C  CG1 . VAL A 1 54  ? 7.267   -1.693  3.127   1.00 24.30 ? 54  VAL A CG1 1 
ATOM   423  C  CG2 . VAL A 1 54  ? 6.946   -0.196  5.106   1.00 20.12 ? 54  VAL A CG2 1 
ATOM   424  N  N   . GLN A 1 55  ? 10.895  -2.168  3.814   1.00 20.01 ? 55  GLN A N   1 
ATOM   425  C  CA  . GLN A 1 55  ? 11.896  -2.938  3.117   1.00 19.09 ? 55  GLN A CA  1 
ATOM   426  C  C   . GLN A 1 55  ? 12.309  -4.181  3.924   1.00 19.33 ? 55  GLN A C   1 
ATOM   427  O  O   . GLN A 1 55  ? 12.509  -5.274  3.343   1.00 19.29 ? 55  GLN A O   1 
ATOM   428  C  CB  . GLN A 1 55  ? 13.079  -2.082  2.771   1.00 20.01 ? 55  GLN A CB  1 
ATOM   429  C  CG  . GLN A 1 55  ? 12.835  -1.237  1.516   1.00 20.46 ? 55  GLN A CG  1 
ATOM   430  C  CD  . GLN A 1 55  ? 13.887  -0.133  1.294   1.00 20.35 ? 55  GLN A CD  1 
ATOM   431  O  OE1 . GLN A 1 55  ? 13.963  0.443   0.208   1.00 23.99 ? 55  GLN A OE1 1 
ATOM   432  N  NE2 . GLN A 1 55  ? 14.680  0.139   2.291   1.00 18.79 ? 55  GLN A NE2 1 
ATOM   433  N  N   . ALA A 1 56  ? 12.421  -3.999  5.250   1.00 19.35 ? 56  ALA A N   1 
ATOM   434  C  CA  . ALA A 1 56  ? 12.847  -5.084  6.182   1.00 20.93 ? 56  ALA A CA  1 
ATOM   435  C  C   . ALA A 1 56  ? 11.928  -6.268  6.162   1.00 19.55 ? 56  ALA A C   1 
ATOM   436  O  O   . ALA A 1 56  ? 12.313  -7.349  6.585   1.00 22.82 ? 56  ALA A O   1 
ATOM   437  C  CB  . ALA A 1 56  ? 12.935  -4.580  7.623   1.00 21.52 ? 56  ALA A CB  1 
ATOM   438  N  N   . VAL A 1 57  ? 10.687  -6.060  5.754   1.00 20.74 ? 57  VAL A N   1 
ATOM   439  C  CA  . VAL A 1 57  ? 9.725   -7.154  5.727   1.00 21.06 ? 57  VAL A CA  1 
ATOM   440  C  C   . VAL A 1 57  ? 10.215  -8.262  4.793   1.00 20.26 ? 57  VAL A C   1 
ATOM   441  O  O   . VAL A 1 57  ? 9.858   -9.453  5.018   1.00 21.48 ? 57  VAL A O   1 
ATOM   442  C  CB  . VAL A 1 57  ? 8.306   -6.649  5.446   1.00 19.85 ? 57  VAL A CB  1 
ATOM   443  C  CG1 . VAL A 1 57  ? 7.266   -7.804  5.294   1.00 20.13 ? 57  VAL A CG1 1 
ATOM   444  C  CG2 . VAL A 1 57  ? 7.897   -5.727  6.598   1.00 21.10 ? 57  VAL A CG2 1 
ATOM   445  N  N   . CYS A 1 58  ? 10.979  -7.916  3.741   1.00 22.04 ? 58  CYS A N   1 
ATOM   446  C  CA  . CYS A 1 58  ? 11.495  -8.933  2.788   1.00 22.56 ? 58  CYS A CA  1 
ATOM   447  C  C   . CYS A 1 58  ? 12.436  -9.955  3.415   1.00 21.95 ? 58  CYS A C   1 
ATOM   448  O  O   . CYS A 1 58  ? 12.812  -10.897 2.754   1.00 22.24 ? 58  CYS A O   1 
ATOM   449  C  CB  . CYS A 1 58  ? 12.170  -8.320  1.575   1.00 21.34 ? 58  CYS A CB  1 
ATOM   450  S  SG  . CYS A 1 58  ? 11.062  -7.214  0.630   1.00 23.21 ? 58  CYS A SG  1 
ATOM   451  N  N   . SER A 1 59  ? 12.812  -9.755  4.657   1.00 21.37 ? 59  SER A N   1 
ATOM   452  C  CA  . SER A 1 59  ? 13.617  -10.741 5.386   1.00 24.81 ? 59  SER A CA  1 
ATOM   453  C  C   . SER A 1 59  ? 12.909  -11.348 6.611   1.00 25.61 ? 59  SER A C   1 
ATOM   454  O  O   . SER A 1 59  ? 13.560  -12.001 7.429   1.00 23.48 ? 59  SER A O   1 
ATOM   455  C  CB  . SER A 1 59  ? 15.002  -10.098 5.744   1.00 26.72 ? 59  SER A CB  1 
ATOM   456  O  OG  . SER A 1 59  ? 14.841  -9.120  6.774   1.00 36.76 ? 59  SER A OG  1 
ATOM   457  N  N   . GLN A 1 60  ? 11.579  -11.179 6.695   1.00 22.96 ? 60  GLN A N   1 
ATOM   458  C  CA  . GLN A 1 60  ? 10.749  -11.547 7.860   1.00 22.79 ? 60  GLN A CA  1 
ATOM   459  C  C   . GLN A 1 60  ? 10.032  -12.848 7.503   1.00 23.95 ? 60  GLN A C   1 
ATOM   460  O  O   . GLN A 1 60  ? 10.665  -13.723 6.933   1.00 22.60 ? 60  GLN A O   1 
ATOM   461  C  CB  . GLN A 1 60  ? 9.824   -10.394 8.277   1.00 21.74 ? 60  GLN A CB  1 
ATOM   462  C  CG  . GLN A 1 60  ? 10.707  -9.278  8.843   1.00 23.22 ? 60  GLN A CG  1 
ATOM   463  C  CD  . GLN A 1 60  ? 10.028  -8.086  9.423   1.00 22.43 ? 60  GLN A CD  1 
ATOM   464  O  OE1 . GLN A 1 60  ? 8.833   -8.078  9.698   1.00 21.81 ? 60  GLN A OE1 1 
ATOM   465  N  NE2 . GLN A 1 60  ? 10.822  -7.038  9.666   1.00 23.03 ? 60  GLN A NE2 1 
ATOM   466  N  N   . LYS A 1 61  ? 8.745   -13.012 7.814   1.00 23.31 ? 61  LYS A N   1 
ATOM   467  C  CA  . LYS A 1 61  ? 8.134   -14.336 7.693   1.00 24.69 ? 61  LYS A CA  1 
ATOM   468  C  C   . LYS A 1 61  ? 7.692   -14.628 6.260   1.00 24.69 ? 61  LYS A C   1 
ATOM   469  O  O   . LYS A 1 61  ? 6.820   -13.945 5.724   1.00 25.24 ? 61  LYS A O   1 
ATOM   470  C  CB  . LYS A 1 61  ? 6.849   -14.406 8.589   1.00 25.23 ? 61  LYS A CB  1 
ATOM   471  C  CG  . LYS A 1 61  ? 6.270   -15.838 8.679   1.00 26.18 ? 61  LYS A CG  1 
ATOM   472  C  CD  . LYS A 1 61  ? 7.128   -16.723 9.555   1.00 27.19 ? 61  LYS A CD  1 
ATOM   473  C  CE  . LYS A 1 61  ? 6.500   -18.124 9.771   1.00 30.61 ? 61  LYS A CE  1 
ATOM   474  N  NZ  . LYS A 1 61  ? 7.028   -18.778 10.988  1.00 29.49 ? 61  LYS A NZ  1 
ATOM   475  N  N   . ASN A 1 62  ? 8.255   -15.651 5.673   1.00 24.57 ? 62  ASN A N   1 
ATOM   476  C  CA  . ASN A 1 62  ? 7.943   -16.051 4.334   1.00 27.56 ? 62  ASN A CA  1 
ATOM   477  C  C   . ASN A 1 62  ? 6.627   -16.846 4.331   1.00 32.35 ? 62  ASN A C   1 
ATOM   478  O  O   . ASN A 1 62  ? 6.490   -17.871 5.022   1.00 29.54 ? 62  ASN A O   1 
ATOM   479  C  CB  . ASN A 1 62  ? 9.108   -16.865 3.790   1.00 29.45 ? 62  ASN A CB  1 
ATOM   480  C  CG  . ASN A 1 62  ? 8.937   -17.331 2.345   1.00 32.21 ? 62  ASN A CG  1 
ATOM   481  O  OD1 . ASN A 1 62  ? 9.444   -18.393 2.008   1.00 30.27 ? 62  ASN A OD1 1 
ATOM   482  N  ND2 . ASN A 1 62  ? 8.300   -16.518 1.474   1.00 34.18 ? 62  ASN A ND2 1 
ATOM   483  N  N   . VAL A 1 63  ? 5.668   -16.308 3.572   1.00 27.24 ? 63  VAL A N   1 
ATOM   484  C  CA  . VAL A 1 63  ? 4.312   -16.835 3.415   1.00 27.20 ? 63  VAL A CA  1 
ATOM   485  C  C   . VAL A 1 63  ? 3.966   -16.869 1.920   1.00 28.63 ? 63  VAL A C   1 
ATOM   486  O  O   . VAL A 1 63  ? 4.589   -16.168 1.091   1.00 27.55 ? 63  VAL A O   1 
ATOM   487  C  CB  . VAL A 1 63  ? 3.244   -15.988 4.174   1.00 27.61 ? 63  VAL A CB  1 
ATOM   488  C  CG1 . VAL A 1 63  ? 3.497   -16.016 5.672   1.00 30.68 ? 63  VAL A CG1 1 
ATOM   489  C  CG2 . VAL A 1 63  ? 3.188   -14.534 3.676   1.00 28.58 ? 63  VAL A CG2 1 
ATOM   490  N  N   . ALA A 1 64  ? 2.982   -17.695 1.551   1.00 29.20 ? 64  ALA A N   1 
ATOM   491  C  CA  . ALA A 1 64  ? 2.420   -17.646 0.172   1.00 28.85 ? 64  ALA A CA  1 
ATOM   492  C  C   . ALA A 1 64  ? 1.714   -16.335 -0.104  1.00 26.54 ? 64  ALA A C   1 
ATOM   493  O  O   . ALA A 1 64  ? 1.048   -15.729 0.784   1.00 23.97 ? 64  ALA A O   1 
ATOM   494  C  CB  . ALA A 1 64  ? 1.436   -18.778 -0.002  1.00 29.50 ? 64  ALA A CB  1 
ATOM   495  N  N   . CYS A 1 65  ? 1.804   -15.932 -1.363  1.00 29.17 ? 65  CYS A N   1 
ATOM   496  C  CA  . CYS A 1 65  ? 1.054   -14.817 -1.891  1.00 29.35 ? 65  CYS A CA  1 
ATOM   497  C  C   . CYS A 1 65  ? -0.338  -15.343 -2.325  1.00 31.31 ? 65  CYS A C   1 
ATOM   498  O  O   . CYS A 1 65  ? -0.476  -16.545 -2.583  1.00 29.93 ? 65  CYS A O   1 
ATOM   499  C  CB  . CYS A 1 65  ? 1.775   -14.242 -3.139  1.00 29.61 ? 65  CYS A CB  1 
ATOM   500  S  SG  . CYS A 1 65  ? 3.514   -13.782 -2.944  1.00 30.70 ? 65  CYS A SG  1 
ATOM   501  N  N   . LYS A 1 66  ? -1.353  -14.454 -2.377  1.00 33.72 ? 66  LYS A N   1 
ATOM   502  C  CA  . LYS A 1 66  ? -2.746  -14.850 -2.785  1.00 39.70 ? 66  LYS A CA  1 
ATOM   503  C  C   . LYS A 1 66  ? -2.699  -15.657 -4.044  1.00 36.27 ? 66  LYS A C   1 
ATOM   504  O  O   . LYS A 1 66  ? -3.400  -16.623 -4.160  1.00 36.25 ? 66  LYS A O   1 
ATOM   505  C  CB  . LYS A 1 66  ? -3.728  -13.668 -2.971  1.00 43.14 ? 66  LYS A CB  1 
ATOM   506  C  CG  . LYS A 1 66  ? -4.015  -12.934 -1.661  1.00 54.68 ? 66  LYS A CG  1 
ATOM   507  C  CD  . LYS A 1 66  ? -5.432  -12.391 -1.510  1.00 63.94 ? 66  LYS A CD  1 
ATOM   508  C  CE  . LYS A 1 66  ? -5.740  -12.052 -0.045  1.00 69.03 ? 66  LYS A CE  1 
ATOM   509  N  NZ  . LYS A 1 66  ? -7.040  -11.318 0.159   1.00 75.37 ? 66  LYS A NZ  1 
ATOM   510  N  N   . ASN A 1 67  ? -1.829  -15.258 -4.943  1.00 35.88 ? 67  ASN A N   1 
ATOM   511  C  CA  . ASN A 1 67  ? -1.699  -15.849 -6.247  1.00 42.65 ? 67  ASN A CA  1 
ATOM   512  C  C   . ASN A 1 67  ? -0.848  -17.110 -6.292  1.00 43.32 ? 67  ASN A C   1 
ATOM   513  O  O   . ASN A 1 67  ? -0.543  -17.601 -7.383  1.00 45.09 ? 67  ASN A O   1 
ATOM   514  C  CB  . ASN A 1 67  ? -1.108  -14.806 -7.195  1.00 44.28 ? 67  ASN A CB  1 
ATOM   515  C  CG  . ASN A 1 67  ? 0.397   -14.690 -7.059  1.00 45.52 ? 67  ASN A CG  1 
ATOM   516  O  OD1 . ASN A 1 67  ? 1.023   -15.338 -6.225  1.00 44.98 ? 67  ASN A OD1 1 
ATOM   517  N  ND2 . ASN A 1 67  ? 0.995   -13.896 -7.921  1.00 45.59 ? 67  ASN A ND2 1 
ATOM   518  N  N   . GLY A 1 68  ? -0.427  -17.641 -5.139  1.00 41.86 ? 68  GLY A N   1 
ATOM   519  C  CA  . GLY A 1 68  ? 0.301   -18.921 -5.153  1.00 40.32 ? 68  GLY A CA  1 
ATOM   520  C  C   . GLY A 1 68  ? 1.817   -18.799 -5.232  1.00 42.53 ? 68  GLY A C   1 
ATOM   521  O  O   . GLY A 1 68  ? 2.541   -19.750 -4.935  1.00 39.62 ? 68  GLY A O   1 
ATOM   522  N  N   . GLN A 1 69  ? 2.334   -17.622 -5.571  1.00 40.69 ? 69  GLN A N   1 
ATOM   523  C  CA  . GLN A 1 69  ? 3.782   -17.432 -5.502  1.00 39.42 ? 69  GLN A CA  1 
ATOM   524  C  C   . GLN A 1 69  ? 4.305   -17.519 -4.046  1.00 36.04 ? 69  GLN A C   1 
ATOM   525  O  O   . GLN A 1 69  ? 3.566   -17.375 -3.040  1.00 36.46 ? 69  GLN A O   1 
ATOM   526  C  CB  . GLN A 1 69  ? 4.176   -16.122 -6.180  1.00 46.87 ? 69  GLN A CB  1 
ATOM   527  C  CG  . GLN A 1 69  ? 4.150   -16.264 -7.684  1.00 56.55 ? 69  GLN A CG  1 
ATOM   528  C  CD  . GLN A 1 69  ? 4.438   -14.961 -8.405  1.00 68.83 ? 69  GLN A CD  1 
ATOM   529  O  OE1 . GLN A 1 69  ? 3.755   -13.959 -8.212  1.00 66.66 ? 69  GLN A OE1 1 
ATOM   530  N  NE2 . GLN A 1 69  ? 5.454   -14.973 -9.253  1.00 80.19 ? 69  GLN A NE2 1 
ATOM   531  N  N   . THR A 1 70  ? 5.602   -17.754 -3.953  1.00 31.59 ? 70  THR A N   1 
ATOM   532  C  CA  . THR A 1 70  ? 6.242   -18.056 -2.682  1.00 35.47 ? 70  THR A CA  1 
ATOM   533  C  C   . THR A 1 70  ? 7.238   -16.992 -2.231  1.00 32.30 ? 70  THR A C   1 
ATOM   534  O  O   . THR A 1 70  ? 8.014   -17.247 -1.308  1.00 31.53 ? 70  THR A O   1 
ATOM   535  C  CB  . THR A 1 70  ? 6.985   -19.392 -2.796  1.00 40.09 ? 70  THR A CB  1 
ATOM   536  O  OG1 . THR A 1 70  ? 7.896   -19.321 -3.902  1.00 41.05 ? 70  THR A OG1 1 
ATOM   537  C  CG2 . THR A 1 70  ? 5.973   -20.487 -3.062  1.00 44.57 ? 70  THR A CG2 1 
ATOM   538  N  N   . ASN A 1 71  ? 7.209   -15.815 -2.875  1.00 29.00 ? 71  ASN A N   1 
ATOM   539  C  CA  . ASN A 1 71  ? 8.101   -14.693 -2.542  1.00 28.20 ? 71  ASN A CA  1 
ATOM   540  C  C   . ASN A 1 71  ? 7.364   -13.587 -1.763  1.00 27.72 ? 71  ASN A C   1 
ATOM   541  O  O   . ASN A 1 71  ? 7.671   -12.416 -1.941  1.00 26.36 ? 71  ASN A O   1 
ATOM   542  C  CB  . ASN A 1 71  ? 8.718   -14.127 -3.855  1.00 31.36 ? 71  ASN A CB  1 
ATOM   543  C  CG  . ASN A 1 71  ? 7.690   -13.473 -4.762  1.00 30.00 ? 71  ASN A CG  1 
ATOM   544  O  OD1 . ASN A 1 71  ? 6.563   -13.983 -4.932  1.00 28.01 ? 71  ASN A OD1 1 
ATOM   545  N  ND2 . ASN A 1 71  ? 8.057   -12.284 -5.337  1.00 29.28 ? 71  ASN A ND2 1 
ATOM   546  N  N   . CYS A 1 72  ? 6.392   -13.969 -0.917  1.00 25.76 ? 72  CYS A N   1 
ATOM   547  C  CA  . CYS A 1 72  ? 5.675   -13.033 -0.020  1.00 26.03 ? 72  CYS A CA  1 
ATOM   548  C  C   . CYS A 1 72  ? 6.150   -13.203 1.413   1.00 22.64 ? 72  CYS A C   1 
ATOM   549  O  O   . CYS A 1 72  ? 6.738   -14.228 1.771   1.00 21.64 ? 72  CYS A O   1 
ATOM   550  C  CB  . CYS A 1 72  ? 4.156   -13.192 -0.104  1.00 28.32 ? 72  CYS A CB  1 
ATOM   551  S  SG  . CYS A 1 72  ? 3.424   -12.371 -1.579  1.00 30.39 ? 72  CYS A SG  1 
ATOM   552  N  N   . TYR A 1 73  ? 6.022   -12.124 2.160   1.00 22.74 ? 73  TYR A N   1 
ATOM   553  C  CA  . TYR A 1 73  ? 6.573   -11.982 3.499   1.00 22.90 ? 73  TYR A CA  1 
ATOM   554  C  C   . TYR A 1 73  ? 5.579   -11.177 4.296   1.00 22.44 ? 73  TYR A C   1 
ATOM   555  O  O   . TYR A 1 73  ? 5.064   -10.160 3.811   1.00 21.55 ? 73  TYR A O   1 
ATOM   556  C  CB  . TYR A 1 73  ? 7.932   -11.234 3.477   1.00 22.23 ? 73  TYR A CB  1 
ATOM   557  C  CG  . TYR A 1 73  ? 8.999   -12.029 2.776   1.00 22.79 ? 73  TYR A CG  1 
ATOM   558  C  CD1 . TYR A 1 73  ? 9.094   -12.000 1.399   1.00 25.61 ? 73  TYR A CD1 1 
ATOM   559  C  CD2 . TYR A 1 73  ? 9.834   -12.893 3.463   1.00 24.82 ? 73  TYR A CD2 1 
ATOM   560  C  CE1 . TYR A 1 73  ? 9.995   -12.787 0.723   1.00 27.64 ? 73  TYR A CE1 1 
ATOM   561  C  CE2 . TYR A 1 73  ? 10.719  -13.721 2.794   1.00 26.52 ? 73  TYR A CE2 1 
ATOM   562  C  CZ  . TYR A 1 73  ? 10.810  -13.624 1.422   1.00 29.21 ? 73  TYR A CZ  1 
ATOM   563  O  OH  . TYR A 1 73  ? 11.729  -14.375 0.739   1.00 33.82 ? 73  TYR A OH  1 
ATOM   564  N  N   . GLN A 1 74  ? 5.368   -11.626 5.517   1.00 20.67 ? 74  GLN A N   1 
ATOM   565  C  CA  . GLN A 1 74  ? 4.445   -11.046 6.436   1.00 20.51 ? 74  GLN A CA  1 
ATOM   566  C  C   . GLN A 1 74  ? 5.255   -10.396 7.581   1.00 20.95 ? 74  GLN A C   1 
ATOM   567  O  O   . GLN A 1 74  ? 6.154   -11.018 8.146   1.00 23.88 ? 74  GLN A O   1 
ATOM   568  C  CB  . GLN A 1 74  ? 3.494   -12.138 6.963   1.00 20.09 ? 74  GLN A CB  1 
ATOM   569  C  CG  . GLN A 1 74  ? 2.457   -11.585 7.955   1.00 20.85 ? 74  GLN A CG  1 
ATOM   570  C  CD  . GLN A 1 74  ? 1.268   -12.487 8.128   1.00 24.64 ? 74  GLN A CD  1 
ATOM   571  O  OE1 . GLN A 1 74  ? 0.863   -13.245 7.180   1.00 23.08 ? 74  GLN A OE1 1 
ATOM   572  N  NE2 . GLN A 1 74  ? 0.717   -12.494 9.362   1.00 25.58 ? 74  GLN A NE2 1 
ATOM   573  N  N   . SER A 1 75  ? 4.967   -9.129  7.834   1.00 19.72 ? 75  SER A N   1 
ATOM   574  C  CA  . SER A 1 75  ? 5.643   -8.325  8.867   1.00 20.38 ? 75  SER A CA  1 
ATOM   575  C  C   . SER A 1 75  ? 5.399   -8.997  10.183  1.00 21.82 ? 75  SER A C   1 
ATOM   576  O  O   . SER A 1 75  ? 4.268   -9.450  10.479  1.00 20.39 ? 75  SER A O   1 
ATOM   577  C  CB  . SER A 1 75  ? 5.129   -6.877  8.863   1.00 20.29 ? 75  SER A CB  1 
ATOM   578  O  OG  . SER A 1 75  ? 3.796   -6.701  9.260   1.00 20.64 ? 75  SER A OG  1 
ATOM   579  N  N   . TYR A 1 76  ? 6.464   -9.125  10.973  1.00 21.58 ? 76  TYR A N   1 
ATOM   580  C  CA  . TYR A 1 76  ? 6.338   -9.669  12.324  1.00 21.01 ? 76  TYR A CA  1 
ATOM   581  C  C   . TYR A 1 76  ? 5.489   -8.776  13.234  1.00 20.18 ? 76  TYR A C   1 
ATOM   582  O  O   . TYR A 1 76  ? 4.752   -9.316  14.073  1.00 22.31 ? 76  TYR A O   1 
ATOM   583  C  CB  . TYR A 1 76  ? 7.698   -9.884  13.009  1.00 23.30 ? 76  TYR A CB  1 
ATOM   584  C  CG  . TYR A 1 76  ? 8.686   -10.823 12.360  1.00 23.51 ? 76  TYR A CG  1 
ATOM   585  C  CD1 . TYR A 1 76  ? 8.287   -12.053 11.811  1.00 23.97 ? 76  TYR A CD1 1 
ATOM   586  C  CD2 . TYR A 1 76  ? 10.075  -10.504 12.335  1.00 20.67 ? 76  TYR A CD2 1 
ATOM   587  C  CE1 . TYR A 1 76  ? 9.245   -12.942 11.282  1.00 23.45 ? 76  TYR A CE1 1 
ATOM   588  C  CE2 . TYR A 1 76  ? 11.008  -11.385 11.803  1.00 22.27 ? 76  TYR A CE2 1 
ATOM   589  C  CZ  . TYR A 1 76  ? 10.600  -12.608 11.297  1.00 21.71 ? 76  TYR A CZ  1 
ATOM   590  O  OH  . TYR A 1 76  ? 11.488  -13.486 10.708  1.00 22.32 ? 76  TYR A OH  1 
ATOM   591  N  N   . SER A 1 77  ? 5.581   -7.440  13.095  1.00 18.15 ? 77  SER A N   1 
ATOM   592  C  CA  . SER A 1 77  ? 4.773   -6.542  13.896  1.00 19.83 ? 77  SER A CA  1 
ATOM   593  C  C   . SER A 1 77  ? 3.619   -6.026  13.011  1.00 19.57 ? 77  SER A C   1 
ATOM   594  O  O   . SER A 1 77  ? 3.656   -6.090  11.763  1.00 20.90 ? 77  SER A O   1 
ATOM   595  C  CB  . SER A 1 77  ? 5.573   -5.347  14.425  1.00 20.33 ? 77  SER A CB  1 
ATOM   596  O  OG  . SER A 1 77  ? 6.126   -4.575  13.315  1.00 33.54 ? 77  SER A OG  1 
ATOM   597  N  N   . THR A 1 78  ? 2.628   -5.455  13.670  1.00 21.18 ? 78  THR A N   1 
ATOM   598  C  CA  . THR A 1 78  ? 1.625   -4.683  12.974  1.00 23.71 ? 78  THR A CA  1 
ATOM   599  C  C   . THR A 1 78  ? 2.274   -3.320  12.630  1.00 22.02 ? 78  THR A C   1 
ATOM   600  O  O   . THR A 1 78  ? 3.219   -2.885  13.271  1.00 21.51 ? 78  THR A O   1 
ATOM   601  C  CB  . THR A 1 78  ? 0.387   -4.446  13.844  1.00 22.86 ? 78  THR A CB  1 
ATOM   602  O  OG1 . THR A 1 78  ? 0.764   -3.717  15.047  1.00 22.90 ? 78  THR A OG1 1 
ATOM   603  C  CG2 . THR A 1 78  ? -0.270  -5.773  14.194  1.00 27.64 ? 78  THR A CG2 1 
ATOM   604  N  N   . MET A 1 79  ? 1.697   -2.671  11.653  1.00 19.02 ? 79  MET A N   1 
ATOM   605  C  CA  . MET A 1 79  ? 2.106   -1.384  11.132  1.00 19.96 ? 79  MET A CA  1 
ATOM   606  C  C   . MET A 1 79  ? 0.876   -0.523  10.946  1.00 21.08 ? 79  MET A C   1 
ATOM   607  O  O   . MET A 1 79  ? -0.219  -1.061  10.731  1.00 22.37 ? 79  MET A O   1 
ATOM   608  C  CB  . MET A 1 79  ? 2.751   -1.598  9.784   1.00 19.04 ? 79  MET A CB  1 
ATOM   609  C  CG  . MET A 1 79  ? 4.116   -2.319  9.886   1.00 20.15 ? 79  MET A CG  1 
ATOM   610  S  SD  . MET A 1 79  ? 4.988   -2.347  8.278   1.00 22.12 ? 79  MET A SD  1 
ATOM   611  C  CE  . MET A 1 79  ? 6.551   -3.115  8.789   1.00 22.48 ? 79  MET A CE  1 
ATOM   612  N  N   . SER A 1 80  ? 1.027   0.781   11.119  1.00 20.84 ? 80  SER A N   1 
ATOM   613  C  CA  . SER A 1 80  ? -0.054  1.718   10.814  1.00 20.99 ? 80  SER A CA  1 
ATOM   614  C  C   . SER A 1 80  ? -0.282  1.726   9.320   1.00 22.28 ? 80  SER A C   1 
ATOM   615  O  O   . SER A 1 80  ? 0.663   1.959   8.555   1.00 19.98 ? 80  SER A O   1 
ATOM   616  C  CB  . SER A 1 80  ? 0.336   3.116   11.303  1.00 22.84 ? 80  SER A CB  1 
ATOM   617  O  OG  . SER A 1 80  ? -0.621  4.086   10.878  1.00 22.69 ? 80  SER A OG  1 
ATOM   618  N  N   . ILE A 1 81  ? -1.520  1.474   8.881   1.00 18.88 ? 81  ILE A N   1 
ATOM   619  C  CA  . ILE A 1 81  ? -1.839  1.517   7.454   1.00 19.72 ? 81  ILE A CA  1 
ATOM   620  C  C   . ILE A 1 81  ? -3.124  2.276   7.223   1.00 18.25 ? 81  ILE A C   1 
ATOM   621  O  O   . ILE A 1 81  ? -3.938  2.452   8.146   1.00 18.21 ? 81  ILE A O   1 
ATOM   622  C  CB  . ILE A 1 81  ? -1.922  0.071   6.847   1.00 22.01 ? 81  ILE A CB  1 
ATOM   623  C  CG1 . ILE A 1 81  ? -3.038  -0.785  7.466   1.00 22.76 ? 81  ILE A CG1 1 
ATOM   624  C  CG2 . ILE A 1 81  ? -0.628  -0.723  7.032   1.00 21.88 ? 81  ILE A CG2 1 
ATOM   625  C  CD1 . ILE A 1 81  ? -4.219  -0.803  6.562   1.00 29.07 ? 81  ILE A CD1 1 
ATOM   626  N  N   . THR A 1 82  ? -3.334  2.747   6.008   1.00 18.38 ? 82  THR A N   1 
ATOM   627  C  CA  . THR A 1 82  ? -4.640  3.265   5.632   1.00 18.67 ? 82  THR A CA  1 
ATOM   628  C  C   . THR A 1 82  ? -5.069  2.543   4.337   1.00 19.88 ? 82  THR A C   1 
ATOM   629  O  O   . THR A 1 82  ? -4.342  2.535   3.340   1.00 18.21 ? 82  THR A O   1 
ATOM   630  C  CB  . THR A 1 82  ? -4.627  4.762   5.419   1.00 20.49 ? 82  THR A CB  1 
ATOM   631  O  OG1 . THR A 1 82  ? -4.097  5.433   6.569   1.00 20.00 ? 82  THR A OG1 1 
ATOM   632  C  CG2 . THR A 1 82  ? -6.015  5.308   5.091   1.00 22.24 ? 82  THR A CG2 1 
ATOM   633  N  N   . ASP A 1 83  ? -6.218  1.882   4.402   1.00 20.18 ? 83  ASP A N   1 
ATOM   634  C  CA  . ASP A 1 83  ? -6.882  1.381   3.199   1.00 22.64 ? 83  ASP A CA  1 
ATOM   635  C  C   . ASP A 1 83  ? -7.787  2.431   2.541   1.00 21.30 ? 83  ASP A C   1 
ATOM   636  O  O   . ASP A 1 83  ? -8.604  3.116   3.212   1.00 22.16 ? 83  ASP A O   1 
ATOM   637  C  CB  . ASP A 1 83  ? -7.641  0.082   3.473   1.00 26.54 ? 83  ASP A CB  1 
ATOM   638  C  CG  . ASP A 1 83  ? -7.886  -0.749  2.136   1.00 32.16 ? 83  ASP A CG  1 
ATOM   639  O  OD1 . ASP A 1 83  ? -7.068  -0.650  1.167   1.00 39.19 ? 83  ASP A OD1 1 
ATOM   640  O  OD2 . ASP A 1 83  ? -8.869  -1.473  2.025   1.00 32.88 ? 83  ASP A OD2 1 
ATOM   641  N  N   . CYS A 1 84  ? -7.629  2.543   1.209   1.00 21.58 ? 84  CYS A N   1 
ATOM   642  C  CA  . CYS A 1 84  ? -8.408  3.469   0.340   1.00 21.17 ? 84  CYS A CA  1 
ATOM   643  C  C   . CYS A 1 84  ? -9.194  2.664   -0.657  1.00 21.34 ? 84  CYS A C   1 
ATOM   644  O  O   . CYS A 1 84  ? -8.605  1.872   -1.402  1.00 23.59 ? 84  CYS A O   1 
ATOM   645  C  CB  . CYS A 1 84  ? -7.469  4.458   -0.412  1.00 23.69 ? 84  CYS A CB  1 
ATOM   646  S  SG  . CYS A 1 84  ? -6.458  5.464   0.702   1.00 21.60 ? 84  CYS A SG  1 
ATOM   647  N  N   . ARG A 1 85  ? -10.518 2.773   -0.619  1.00 22.00 ? 85  ARG A N   1 
ATOM   648  C  CA  . ARG A 1 85  ? -11.394 2.009   -1.508  1.00 25.13 ? 85  ARG A CA  1 
ATOM   649  C  C   . ARG A 1 85  ? -12.458 2.935   -2.074  1.00 21.96 ? 85  ARG A C   1 
ATOM   650  O  O   . ARG A 1 85  ? -13.016 3.720   -1.340  1.00 21.59 ? 85  ARG A O   1 
ATOM   651  C  CB  . ARG A 1 85  ? -12.115 0.898   -0.751  1.00 27.31 ? 85  ARG A CB  1 
ATOM   652  C  CG  . ARG A 1 85  ? -11.255 -0.211  -0.231  1.00 32.53 ? 85  ARG A CG  1 
ATOM   653  C  CD  . ARG A 1 85  ? -12.014 -1.535  -0.058  1.00 29.95 ? 85  ARG A CD  1 
ATOM   654  N  NE  . ARG A 1 85  ? -11.035 -2.621  0.067   1.00 30.90 ? 85  ARG A NE  1 
ATOM   655  C  CZ  . ARG A 1 85  ? -11.043 -3.761  -0.598  1.00 28.24 ? 85  ARG A CZ  1 
ATOM   656  N  NH1 . ARG A 1 85  ? -11.984 -4.032  -1.473  1.00 26.07 ? 85  ARG A NH1 1 
ATOM   657  N  NH2 . ARG A 1 85  ? -10.056 -4.661  -0.399  1.00 34.16 ? 85  ARG A NH2 1 
ATOM   658  N  N   . GLU A 1 86  ? -12.783 2.818   -3.344  1.00 24.35 ? 86  GLU A N   1 
ATOM   659  C  CA  . GLU A 1 86  ? -13.785 3.685   -3.935  1.00 25.82 ? 86  GLU A CA  1 
ATOM   660  C  C   . GLU A 1 86  ? -15.116 3.442   -3.297  1.00 23.85 ? 86  GLU A C   1 
ATOM   661  O  O   . GLU A 1 86  ? -15.438 2.277   -3.002  1.00 26.33 ? 86  GLU A O   1 
ATOM   662  C  CB  . GLU A 1 86  ? -13.992 3.385   -5.420  1.00 26.52 ? 86  GLU A CB  1 
ATOM   663  C  CG  . GLU A 1 86  ? -13.008 3.980   -6.312  1.00 27.42 ? 86  GLU A CG  1 
ATOM   664  C  CD  . GLU A 1 86  ? -13.407 3.764   -7.745  1.00 28.20 ? 86  GLU A CD  1 
ATOM   665  O  OE1 . GLU A 1 86  ? -13.987 4.679   -8.351  1.00 27.78 ? 86  GLU A OE1 1 
ATOM   666  O  OE2 . GLU A 1 86  ? -13.140 2.671   -8.236  1.00 29.38 ? 86  GLU A OE2 1 
ATOM   667  N  N   . THR A 1 87  ? -15.884 4.510   -3.150  1.00 26.79 ? 87  THR A N   1 
ATOM   668  C  CA  . THR A 1 87  ? -17.301 4.494   -2.699  1.00 29.78 ? 87  THR A CA  1 
ATOM   669  C  C   . THR A 1 87  ? -18.243 4.447   -3.906  1.00 39.61 ? 87  THR A C   1 
ATOM   670  O  O   . THR A 1 87  ? -17.790 4.619   -5.057  1.00 38.08 ? 87  THR A O   1 
ATOM   671  C  CB  . THR A 1 87  ? -17.643 5.774   -1.905  1.00 33.07 ? 87  THR A CB  1 
ATOM   672  O  OG1 . THR A 1 87  ? -17.582 6.933   -2.737  1.00 36.91 ? 87  THR A OG1 1 
ATOM   673  C  CG2 . THR A 1 87  ? -16.694 5.993   -0.762  1.00 36.57 ? 87  THR A CG2 1 
ATOM   674  N  N   . GLY A 1 88  ? -19.549 4.198   -3.674  1.00 42.56 ? 88  GLY A N   1 
ATOM   675  C  CA  . GLY A 1 88  ? -20.533 4.095   -4.786  1.00 41.29 ? 88  GLY A CA  1 
ATOM   676  C  C   . GLY A 1 88  ? -20.695 5.425   -5.509  1.00 45.48 ? 88  GLY A C   1 
ATOM   677  O  O   . GLY A 1 88  ? -20.808 5.476   -6.739  1.00 50.03 ? 88  GLY A O   1 
ATOM   678  N  N   . SER A 1 89  ? -20.632 6.514   -4.745  1.00 46.60 ? 89  SER A N   1 
ATOM   679  C  CA  . SER A 1 89  ? -20.580 7.881   -5.320  1.00 60.84 ? 89  SER A CA  1 
ATOM   680  C  C   . SER A 1 89  ? -19.335 8.263   -6.225  1.00 58.01 ? 89  SER A C   1 
ATOM   681  O  O   . SER A 1 89  ? -19.279 9.391   -6.759  1.00 52.93 ? 89  SER A O   1 
ATOM   682  C  CB  . SER A 1 89  ? -20.664 8.888   -4.166  1.00 64.09 ? 89  SER A CB  1 
ATOM   683  O  OG  . SER A 1 89  ? -19.529 8.750   -3.309  1.00 71.69 ? 89  SER A OG  1 
ATOM   684  N  N   . SER A 1 90  ? -18.354 7.353   -6.377  1.00 46.52 ? 90  SER A N   1 
ATOM   685  C  CA  . SER A 1 90  ? -17.126 7.606   -7.157  1.00 38.59 ? 90  SER A CA  1 
ATOM   686  C  C   . SER A 1 90  ? -17.380 7.380   -8.619  1.00 38.85 ? 90  SER A C   1 
ATOM   687  O  O   . SER A 1 90  ? -17.718 6.262   -8.987  1.00 37.43 ? 90  SER A O   1 
ATOM   688  C  CB  . SER A 1 90  ? -16.046 6.596   -6.767  1.00 35.35 ? 90  SER A CB  1 
ATOM   689  O  OG  . SER A 1 90  ? -14.840 6.911   -7.388  1.00 28.89 ? 90  SER A OG  1 
ATOM   690  N  N   . LYS A 1 91  ? -17.168 8.401   -9.452  1.00 52.15 ? 91  LYS A N   1 
ATOM   691  C  CA  . LYS A 1 91  ? -17.309 8.244   -10.923 1.00 59.45 ? 91  LYS A CA  1 
ATOM   692  C  C   . LYS A 1 91  ? -16.123 8.955   -11.534 1.00 52.05 ? 91  LYS A C   1 
ATOM   693  O  O   . LYS A 1 91  ? -15.938 10.182  -11.342 1.00 51.20 ? 91  LYS A O   1 
ATOM   694  C  CB  . LYS A 1 91  ? -18.637 8.810   -11.527 1.00 71.41 ? 91  LYS A CB  1 
ATOM   695  C  CG  . LYS A 1 91  ? -19.781 9.105   -10.558 1.00 83.65 ? 91  LYS A CG  1 
ATOM   696  C  CD  . LYS A 1 91  ? -20.768 7.956   -10.389 1.00 91.12 ? 91  LYS A CD  1 
ATOM   697  C  CE  . LYS A 1 91  ? -21.655 8.191   -9.166  1.00 94.11 ? 91  LYS A CE  1 
ATOM   698  N  NZ  . LYS A 1 91  ? -22.914 7.396   -9.193  1.00 98.32 ? 91  LYS A NZ  1 
ATOM   699  N  N   . TYR A 1 92  ? -15.288 8.184   -12.225 1.00 48.83 ? 92  TYR A N   1 
ATOM   700  C  CA  . TYR A 1 92  ? -14.119 8.778   -12.840 1.00 53.76 ? 92  TYR A CA  1 
ATOM   701  C  C   . TYR A 1 92  ? -14.627 9.910   -13.723 1.00 51.61 ? 92  TYR A C   1 
ATOM   702  O  O   . TYR A 1 92  ? -15.520 9.668   -14.535 1.00 49.44 ? 92  TYR A O   1 
ATOM   703  C  CB  . TYR A 1 92  ? -13.347 7.762   -13.684 1.00 54.26 ? 92  TYR A CB  1 
ATOM   704  C  CG  . TYR A 1 92  ? -12.237 8.462   -14.398 1.00 54.60 ? 92  TYR A CG  1 
ATOM   705  C  CD1 . TYR A 1 92  ? -11.099 8.859   -13.706 1.00 54.08 ? 92  TYR A CD1 1 
ATOM   706  C  CD2 . TYR A 1 92  ? -12.355 8.813   -15.730 1.00 55.67 ? 92  TYR A CD2 1 
ATOM   707  C  CE1 . TYR A 1 92  ? -10.095 9.551   -14.323 1.00 49.07 ? 92  TYR A CE1 1 
ATOM   708  C  CE2 . TYR A 1 92  ? -11.351 9.510   -16.367 1.00 59.44 ? 92  TYR A CE2 1 
ATOM   709  C  CZ  . TYR A 1 92  ? -10.224 9.875   -15.655 1.00 59.21 ? 92  TYR A CZ  1 
ATOM   710  O  OH  . TYR A 1 92  ? -9.219  10.555  -16.276 1.00 57.65 ? 92  TYR A OH  1 
ATOM   711  N  N   . PRO A 1 93  ? -14.057 11.116  -13.618 1.00 47.86 ? 93  PRO A N   1 
ATOM   712  C  CA  . PRO A 1 93  ? -12.838 11.631  -12.999 1.00 49.35 ? 93  PRO A CA  1 
ATOM   713  C  C   . PRO A 1 93  ? -13.028 12.307  -11.650 1.00 46.89 ? 93  PRO A C   1 
ATOM   714  O  O   . PRO A 1 93  ? -12.096 12.908  -11.131 1.00 50.68 ? 93  PRO A O   1 
ATOM   715  C  CB  . PRO A 1 93  ? -12.383 12.678  -14.015 1.00 51.27 ? 93  PRO A CB  1 
ATOM   716  C  CG  . PRO A 1 93  ? -13.673 13.188  -14.627 1.00 51.10 ? 93  PRO A CG  1 
ATOM   717  C  CD  . PRO A 1 93  ? -14.778 12.211  -14.286 1.00 52.43 ? 93  PRO A CD  1 
ATOM   718  N  N   . ASN A 1 94  ? -14.218 12.202  -11.081 1.00 48.30 ? 94  ASN A N   1 
ATOM   719  C  CA  . ASN A 1 94  ? -14.431 12.627  -9.712  1.00 49.07 ? 94  ASN A CA  1 
ATOM   720  C  C   . ASN A 1 94  ? -14.365 11.390  -8.819  1.00 41.01 ? 94  ASN A C   1 
ATOM   721  O  O   . ASN A 1 94  ? -15.377 10.872  -8.358  1.00 41.45 ? 94  ASN A O   1 
ATOM   722  C  CB  . ASN A 1 94  ? -15.755 13.352  -9.607  1.00 53.90 ? 94  ASN A CB  1 
ATOM   723  C  CG  . ASN A 1 94  ? -15.934 14.348  -10.734 1.00 64.57 ? 94  ASN A CG  1 
ATOM   724  O  OD1 . ASN A 1 94  ? -16.595 14.041  -11.743 1.00 69.63 ? 94  ASN A OD1 1 
ATOM   725  N  ND2 . ASN A 1 94  ? -15.287 15.522  -10.609 1.00 65.26 ? 94  ASN A ND2 1 
ATOM   726  N  N   . CYS A 1 95  ? -13.148 10.893  -8.623  1.00 34.69 ? 95  CYS A N   1 
ATOM   727  C  CA  . CYS A 1 95  ? -12.923 9.671   -7.797  1.00 33.38 ? 95  CYS A CA  1 
ATOM   728  C  C   . CYS A 1 95  ? -13.278 9.990   -6.333  1.00 33.89 ? 95  CYS A C   1 
ATOM   729  O  O   . CYS A 1 95  ? -13.057 11.145  -5.872  1.00 35.50 ? 95  CYS A O   1 
ATOM   730  C  CB  . CYS A 1 95  ? -11.467 9.165   -7.939  1.00 32.66 ? 95  CYS A CB  1 
ATOM   731  S  SG  . CYS A 1 95  ? -11.027 8.756   -9.637  1.00 32.16 ? 95  CYS A SG  1 
ATOM   732  N  N   . ALA A 1 96  ? -13.895 9.008   -5.650  1.00 27.27 ? 96  ALA A N   1 
ATOM   733  C  CA  . ALA A 1 96  ? -14.246 9.162   -4.226  1.00 30.50 ? 96  ALA A CA  1 
ATOM   734  C  C   . ALA A 1 96  ? -13.880 7.897   -3.426  1.00 25.70 ? 96  ALA A C   1 
ATOM   735  O  O   . ALA A 1 96  ? -14.196 6.770   -3.843  1.00 29.50 ? 96  ALA A O   1 
ATOM   736  C  CB  . ALA A 1 96  ? -15.714 9.485   -4.071  1.00 26.68 ? 96  ALA A CB  1 
ATOM   737  N  N   . TYR A 1 97  ? -13.236 8.105   -2.283  1.00 23.97 ? 97  TYR A N   1 
ATOM   738  C  CA  . TYR A 1 97  ? -12.667 6.998   -1.503  1.00 22.41 ? 97  TYR A CA  1 
ATOM   739  C  C   . TYR A 1 97  ? -13.092 7.130   -0.063  1.00 20.72 ? 97  TYR A C   1 
ATOM   740  O  O   . TYR A 1 97  ? -13.042 8.240   0.539   1.00 20.96 ? 97  TYR A O   1 
ATOM   741  C  CB  . TYR A 1 97  ? -11.115 7.004   -1.533  1.00 23.79 ? 97  TYR A CB  1 
ATOM   742  C  CG  . TYR A 1 97  ? -10.575 6.685   -2.910  1.00 23.27 ? 97  TYR A CG  1 
ATOM   743  C  CD1 . TYR A 1 97  ? -10.315 5.379   -3.286  1.00 24.22 ? 97  TYR A CD1 1 
ATOM   744  C  CD2 . TYR A 1 97  ? -10.338 7.717   -3.874  1.00 22.53 ? 97  TYR A CD2 1 
ATOM   745  C  CE1 . TYR A 1 97  ? -9.861  5.074   -4.565  1.00 23.10 ? 97  TYR A CE1 1 
ATOM   746  C  CE2 . TYR A 1 97  ? -9.872  7.419   -5.154  1.00 23.64 ? 97  TYR A CE2 1 
ATOM   747  C  CZ  . TYR A 1 97  ? -9.603  6.116   -5.499  1.00 21.66 ? 97  TYR A CZ  1 
ATOM   748  O  OH  . TYR A 1 97  ? -9.161  5.801   -6.765  1.00 20.74 ? 97  TYR A OH  1 
ATOM   749  N  N   . LYS A 1 98  ? -13.436 5.981   0.482   1.00 22.14 ? 98  LYS A N   1 
ATOM   750  C  CA  . LYS A 1 98  ? -13.402 5.681   1.927   1.00 22.51 ? 98  LYS A CA  1 
ATOM   751  C  C   . LYS A 1 98  ? -11.985 5.452   2.494   1.00 20.15 ? 98  LYS A C   1 
ATOM   752  O  O   . LYS A 1 98  ? -11.188 4.688   1.937   1.00 20.23 ? 98  LYS A O   1 
ATOM   753  C  CB  . LYS A 1 98  ? -14.220 4.397   2.169   1.00 22.14 ? 98  LYS A CB  1 
ATOM   754  C  CG  . LYS A 1 98  ? -14.403 4.023   3.668   1.00 23.80 ? 98  LYS A CG  1 
ATOM   755  C  CD  . LYS A 1 98  ? -15.106 2.677   3.815   1.00 23.72 ? 98  LYS A CD  1 
ATOM   756  C  CE  . LYS A 1 98  ? -15.144 2.093   5.218   1.00 25.57 ? 98  LYS A CE  1 
ATOM   757  N  NZ  . LYS A 1 98  ? -15.129 3.035   6.352   1.00 26.17 ? 98  LYS A NZ  1 
ATOM   758  N  N   . THR A 1 99  ? -11.707 6.128   3.589   1.00 19.25 ? 99  THR A N   1 
ATOM   759  C  CA  . THR A 1 99  ? -10.446 6.041   4.275   1.00 20.88 ? 99  THR A CA  1 
ATOM   760  C  C   . THR A 1 99  ? -10.639 5.179   5.510   1.00 20.87 ? 99  THR A C   1 
ATOM   761  O  O   . THR A 1 99  ? -11.457 5.517   6.372   1.00 20.97 ? 99  THR A O   1 
ATOM   762  C  CB  . THR A 1 99  ? -9.987  7.442   4.748   1.00 21.08 ? 99  THR A CB  1 
ATOM   763  O  OG1 . THR A 1 99  ? -9.768  8.259   3.617   1.00 21.42 ? 99  THR A OG1 1 
ATOM   764  C  CG2 . THR A 1 99  ? -8.710  7.352   5.603   1.00 21.71 ? 99  THR A CG2 1 
ATOM   765  N  N   . THR A 1 100 ? -9.916  4.043   5.588   1.00 20.77 ? 100 THR A N   1 
ATOM   766  C  CA  . THR A 1 100 ? -9.937  3.223   6.778   1.00 20.03 ? 100 THR A CA  1 
ATOM   767  C  C   . THR A 1 100 ? -8.508  3.049   7.319   1.00 20.28 ? 100 THR A C   1 
ATOM   768  O  O   . THR A 1 100 ? -7.675  2.337   6.746   1.00 20.37 ? 100 THR A O   1 
ATOM   769  C  CB  . THR A 1 100 ? -10.567 1.811   6.512   1.00 21.06 ? 100 THR A CB  1 
ATOM   770  O  OG1 . THR A 1 100 ? -11.844 1.935   5.871   1.00 22.29 ? 100 THR A OG1 1 
ATOM   771  C  CG2 . THR A 1 100 ? -10.704 1.034   7.846   1.00 23.69 ? 100 THR A CG2 1 
ATOM   772  N  N   . GLN A 1 101 ? -8.289  3.595   8.504   1.00 21.12 ? 101 GLN A N   1 
ATOM   773  C  CA  . GLN A 1 101 ? -6.991  3.538   9.211   1.00 21.26 ? 101 GLN A CA  1 
ATOM   774  C  C   . GLN A 1 101 ? -6.991  2.359   10.142  1.00 23.33 ? 101 GLN A C   1 
ATOM   775  O  O   . GLN A 1 101 ? -8.010  2.082   10.773  1.00 22.32 ? 101 GLN A O   1 
ATOM   776  C  CB  . GLN A 1 101 ? -6.775  4.854   9.987   1.00 23.13 ? 101 GLN A CB  1 
ATOM   777  C  CG  . GLN A 1 101 ? -5.676  4.791   11.057  1.00 26.53 ? 101 GLN A CG  1 
ATOM   778  C  CD  . GLN A 1 101 ? -4.295  4.677   10.504  1.00 26.97 ? 101 GLN A CD  1 
ATOM   779  O  OE1 . GLN A 1 101 ? -3.419  4.014   11.131  1.00 29.08 ? 101 GLN A OE1 1 
ATOM   780  N  NE2 . GLN A 1 101 ? -4.070  5.300   9.364   1.00 27.57 ? 101 GLN A NE2 1 
ATOM   781  N  N   . ALA A 1 102 ? -5.879  1.625   10.209  1.00 20.13 ? 102 ALA A N   1 
ATOM   782  C  CA  . ALA A 1 102 ? -5.809  0.427   10.988  1.00 22.88 ? 102 ALA A CA  1 
ATOM   783  C  C   . ALA A 1 102 ? -4.354  0.106   11.327  1.00 22.87 ? 102 ALA A C   1 
ATOM   784  O  O   . ALA A 1 102 ? -3.447  0.668   10.719  1.00 20.98 ? 102 ALA A O   1 
ATOM   785  C  CB  . ALA A 1 102 ? -6.470  -0.743  10.226  1.00 24.81 ? 102 ALA A CB  1 
ATOM   786  N  N   . ASN A 1 103 ? -4.153  -0.777  12.318  1.00 26.91 ? 103 ASN A N   1 
ATOM   787  C  CA  . ASN A 1 103 ? -2.815  -1.426  12.569  1.00 25.96 ? 103 ASN A CA  1 
ATOM   788  C  C   . ASN A 1 103 ? -2.847  -2.916  12.282  1.00 27.58 ? 103 ASN A C   1 
ATOM   789  O  O   . ASN A 1 103 ? -3.513  -3.667  12.962  1.00 35.38 ? 103 ASN A O   1 
ATOM   790  C  CB  . ASN A 1 103 ? -2.340  -1.158  13.982  1.00 27.90 ? 103 ASN A CB  1 
ATOM   791  C  CG  . ASN A 1 103 ? -2.208  0.313   14.252  1.00 31.09 ? 103 ASN A CG  1 
ATOM   792  O  OD1 . ASN A 1 103 ? -1.201  0.919   13.967  1.00 32.79 ? 103 ASN A OD1 1 
ATOM   793  N  ND2 . ASN A 1 103 ? -3.269  0.914   14.687  1.00 33.99 ? 103 ASN A ND2 1 
ATOM   794  N  N   . LYS A 1 104 ? -2.132  -3.331  11.275  1.00 23.06 ? 104 LYS A N   1 
ATOM   795  C  CA  . LYS A 1 104 ? -2.200  -4.678  10.793  1.00 25.59 ? 104 LYS A CA  1 
ATOM   796  C  C   . LYS A 1 104 ? -0.788  -5.026  10.353  1.00 24.86 ? 104 LYS A C   1 
ATOM   797  O  O   . LYS A 1 104 ? 0.031   -4.136  10.056  1.00 24.60 ? 104 LYS A O   1 
ATOM   798  C  CB  . LYS A 1 104 ? -3.125  -4.823  9.573   1.00 28.67 ? 104 LYS A CB  1 
ATOM   799  C  CG  . LYS A 1 104 ? -4.506  -4.188  9.659   1.00 31.19 ? 104 LYS A CG  1 
ATOM   800  N  N   . HIS A 1 105 ? -0.527  -6.331  10.321  1.00 23.87 ? 105 HIS A N   1 
ATOM   801  C  CA  . HIS A 1 105 ? 0.604   -6.879  9.603   1.00 24.42 ? 105 HIS A CA  1 
ATOM   802  C  C   . HIS A 1 105 ? 0.414   -6.647  8.143   1.00 27.95 ? 105 HIS A C   1 
ATOM   803  O  O   . HIS A 1 105 ? -0.732  -6.746  7.650   1.00 30.38 ? 105 HIS A O   1 
ATOM   804  C  CB  . HIS A 1 105 ? 0.731   -8.394  9.826   1.00 22.63 ? 105 HIS A CB  1 
ATOM   805  C  CG  . HIS A 1 105 ? 0.751   -8.756  11.282  1.00 26.32 ? 105 HIS A CG  1 
ATOM   806  N  ND1 . HIS A 1 105 ? 1.929   -8.878  11.993  1.00 26.27 ? 105 HIS A ND1 1 
ATOM   807  C  CD2 . HIS A 1 105 ? -0.256  -8.961  12.177  1.00 23.59 ? 105 HIS A CD2 1 
ATOM   808  C  CE1 . HIS A 1 105 ? 1.661   -9.128  13.256  1.00 26.36 ? 105 HIS A CE1 1 
ATOM   809  N  NE2 . HIS A 1 105 ? 0.353   -9.235  13.385  1.00 29.70 ? 105 HIS A NE2 1 
ATOM   810  N  N   . ILE A 1 106 ? 1.508   -6.425  7.430   1.00 23.89 ? 106 ILE A N   1 
ATOM   811  C  CA  . ILE A 1 106 ? 1.428   -6.264  5.992   1.00 24.05 ? 106 ILE A CA  1 
ATOM   812  C  C   . ILE A 1 106 ? 2.069   -7.488  5.358   1.00 23.69 ? 106 ILE A C   1 
ATOM   813  O  O   . ILE A 1 106 ? 2.960   -8.138  5.986   1.00 22.18 ? 106 ILE A O   1 
ATOM   814  C  CB  . ILE A 1 106 ? 2.072   -4.945  5.482   1.00 25.25 ? 106 ILE A CB  1 
ATOM   815  C  CG1 . ILE A 1 106 ? 3.607   -4.972  5.694   1.00 24.87 ? 106 ILE A CG1 1 
ATOM   816  C  CG2 . ILE A 1 106 ? 1.353   -3.757  6.066   1.00 26.23 ? 106 ILE A CG2 1 
ATOM   817  C  CD1 . ILE A 1 106 ? 4.412   -3.894  4.990   1.00 25.89 ? 106 ILE A CD1 1 
ATOM   818  N  N   . ILE A 1 107 ? 1.601   -7.810  4.145   1.00 20.46 ? 107 ILE A N   1 
ATOM   819  C  CA  . ILE A 1 107 ? 2.151   -8.873  3.342   1.00 22.47 ? 107 ILE A CA  1 
ATOM   820  C  C   . ILE A 1 107 ? 2.581   -8.274  2.010   1.00 23.61 ? 107 ILE A C   1 
ATOM   821  O  O   . ILE A 1 107 ? 1.795   -7.755  1.318   1.00 22.81 ? 107 ILE A O   1 
ATOM   822  C  CB  . ILE A 1 107 ? 1.184   -10.060 3.145   1.00 22.37 ? 107 ILE A CB  1 
ATOM   823  C  CG1 . ILE A 1 107 ? 0.913   -10.712 4.526   1.00 25.06 ? 107 ILE A CG1 1 
ATOM   824  C  CG2 . ILE A 1 107 ? 1.779   -11.121 2.217   1.00 23.24 ? 107 ILE A CG2 1 
ATOM   825  C  CD1 . ILE A 1 107 ? -0.510  -10.955 4.837   1.00 29.26 ? 107 ILE A CD1 1 
ATOM   826  N  N   . VAL A 1 108 ? 3.844   -8.401  1.681   1.00 23.65 ? 108 VAL A N   1 
ATOM   827  C  CA  . VAL A 1 108 ? 4.402   -7.900  0.438   1.00 22.93 ? 108 VAL A CA  1 
ATOM   828  C  C   . VAL A 1 108 ? 5.156   -8.981  -0.313  1.00 22.04 ? 108 VAL A C   1 
ATOM   829  O  O   . VAL A 1 108 ? 5.660   -9.943  0.284   1.00 24.29 ? 108 VAL A O   1 
ATOM   830  C  CB  . VAL A 1 108 ? 5.369   -6.677  0.677   1.00 23.59 ? 108 VAL A CB  1 
ATOM   831  C  CG1 . VAL A 1 108 ? 4.614   -5.523  1.276   1.00 22.80 ? 108 VAL A CG1 1 
ATOM   832  C  CG2 . VAL A 1 108 ? 6.557   -7.052  1.601   1.00 25.32 ? 108 VAL A CG2 1 
ATOM   833  N  N   . ALA A 1 109 ? 5.210   -8.834  -1.640  1.00 20.25 ? 109 ALA A N   1 
ATOM   834  C  CA  . ALA A 1 109 ? 6.024   -9.678  -2.507  1.00 22.94 ? 109 ALA A CA  1 
ATOM   835  C  C   . ALA A 1 109 ? 7.320   -8.931  -2.704  1.00 24.17 ? 109 ALA A C   1 
ATOM   836  O  O   . ALA A 1 109 ? 7.317   -7.672  -2.857  1.00 23.10 ? 109 ALA A O   1 
ATOM   837  C  CB  . ALA A 1 109 ? 5.378   -9.909  -3.853  1.00 22.45 ? 109 ALA A CB  1 
ATOM   838  N  N   . CYS A 1 110 ? 8.412   -9.673  -2.649  1.00 23.75 ? 110 CYS A N   1 
ATOM   839  C  CA  . CYS A 1 110 ? 9.716   -9.068  -2.785  1.00 23.01 ? 110 CYS A CA  1 
ATOM   840  C  C   . CYS A 1 110 ? 10.461  -9.664  -3.926  1.00 25.12 ? 110 CYS A C   1 
ATOM   841  O  O   . CYS A 1 110 ? 10.321  -10.883 -4.272  1.00 23.39 ? 110 CYS A O   1 
ATOM   842  C  CB  . CYS A 1 110 ? 10.553  -9.240  -1.508  1.00 23.74 ? 110 CYS A CB  1 
ATOM   843  S  SG  . CYS A 1 110 ? 9.734   -8.557  -0.078  1.00 21.99 ? 110 CYS A SG  1 
ATOM   844  N  N   . GLU A 1 111 ? 11.290  -8.814  -4.516  1.00 24.51 ? 111 GLU A N   1 
ATOM   845  C  CA  . GLU A 1 111 ? 12.182  -9.314  -5.506  1.00 31.32 ? 111 GLU A CA  1 
ATOM   846  C  C   . GLU A 1 111 ? 13.262  -8.376  -5.880  1.00 29.43 ? 111 GLU A C   1 
ATOM   847  O  O   . GLU A 1 111 ? 13.266  -7.195  -5.487  1.00 27.16 ? 111 GLU A O   1 
ATOM   848  C  CB  . GLU A 1 111 ? 11.397  -9.801  -6.709  1.00 38.51 ? 111 GLU A CB  1 
ATOM   849  C  CG  . GLU A 1 111 ? 11.124  -8.823  -7.776  1.00 47.57 ? 111 GLU A CG  1 
ATOM   850  C  CD  . GLU A 1 111 ? 10.576  -9.561  -8.972  1.00 59.06 ? 111 GLU A CD  1 
ATOM   851  O  OE1 . GLU A 1 111 ? 11.436  -9.883  -9.831  1.00 77.88 ? 111 GLU A OE1 1 
ATOM   852  O  OE2 . GLU A 1 111 ? 9.337   -9.874  -9.011  1.00 53.62 ? 111 GLU A OE2 1 
ATOM   853  N  N   . GLY A 1 112 ? 14.236  -8.960  -6.553  1.00 29.97 ? 112 GLY A N   1 
ATOM   854  C  CA  . GLY A 1 112 ? 15.381  -8.219  -7.087  1.00 30.05 ? 112 GLY A CA  1 
ATOM   855  C  C   . GLY A 1 112 ? 16.655  -8.307  -6.278  1.00 29.93 ? 112 GLY A C   1 
ATOM   856  O  O   . GLY A 1 112 ? 16.783  -9.071  -5.299  1.00 28.08 ? 112 GLY A O   1 
ATOM   857  N  N   . ASN A 1 113 ? 17.601  -7.491  -6.718  1.00 33.38 ? 113 ASN A N   1 
ATOM   858  C  CA  . ASN A 1 113 ? 18.829  -7.231  -5.979  1.00 38.03 ? 113 ASN A CA  1 
ATOM   859  C  C   . ASN A 1 113 ? 19.151  -5.762  -5.981  1.00 33.80 ? 113 ASN A C   1 
ATOM   860  O  O   . ASN A 1 113 ? 19.539  -5.248  -7.019  1.00 35.60 ? 113 ASN A O   1 
ATOM   861  C  CB  . ASN A 1 113 ? 19.966  -7.961  -6.641  1.00 46.50 ? 113 ASN A CB  1 
ATOM   862  C  CG  . ASN A 1 113 ? 20.878  -8.516  -5.638  1.00 56.10 ? 113 ASN A CG  1 
ATOM   863  O  OD1 . ASN A 1 113 ? 21.498  -7.764  -4.867  1.00 59.46 ? 113 ASN A OD1 1 
ATOM   864  N  ND2 . ASN A 1 113 ? 20.893  -9.839  -5.541  1.00 70.49 ? 113 ASN A ND2 1 
ATOM   865  N  N   . PRO A 1 114 ? 18.948  -5.065  -4.838  1.00 30.50 ? 114 PRO A N   1 
ATOM   866  C  CA  . PRO A 1 114 ? 18.537  -5.570  -3.541  1.00 27.73 ? 114 PRO A CA  1 
ATOM   867  C  C   . PRO A 1 114 ? 17.087  -6.152  -3.529  1.00 23.34 ? 114 PRO A C   1 
ATOM   868  O  O   . PRO A 1 114 ? 16.254  -5.851  -4.416  1.00 23.67 ? 114 PRO A O   1 
ATOM   869  C  CB  . PRO A 1 114 ? 18.683  -4.329  -2.621  1.00 28.53 ? 114 PRO A CB  1 
ATOM   870  C  CG  . PRO A 1 114 ? 18.412  -3.193  -3.520  1.00 32.98 ? 114 PRO A CG  1 
ATOM   871  C  CD  . PRO A 1 114 ? 19.000  -3.578  -4.849  1.00 30.83 ? 114 PRO A CD  1 
ATOM   872  N  N   . TYR A 1 115 ? 16.818  -7.002  -2.550  1.00 24.48 ? 115 TYR A N   1 
ATOM   873  C  CA  . TYR A 1 115 ? 15.550  -7.770  -2.510  1.00 26.33 ? 115 TYR A CA  1 
ATOM   874  C  C   . TYR A 1 115 ? 14.555  -6.954  -1.749  1.00 23.73 ? 115 TYR A C   1 
ATOM   875  O  O   . TYR A 1 115 ? 14.625  -6.838  -0.535  1.00 23.22 ? 115 TYR A O   1 
ATOM   876  C  CB  . TYR A 1 115 ? 15.841  -9.080  -1.845  1.00 28.26 ? 115 TYR A CB  1 
ATOM   877  C  CG  . TYR A 1 115 ? 14.757  -10.125 -1.892  1.00 28.47 ? 115 TYR A CG  1 
ATOM   878  C  CD1 . TYR A 1 115 ? 14.409  -10.732 -3.079  1.00 26.21 ? 115 TYR A CD1 1 
ATOM   879  C  CD2 . TYR A 1 115 ? 14.182  -10.592 -0.715  1.00 30.47 ? 115 TYR A CD2 1 
ATOM   880  C  CE1 . TYR A 1 115 ? 13.475  -11.746 -3.122  1.00 26.69 ? 115 TYR A CE1 1 
ATOM   881  C  CE2 . TYR A 1 115 ? 13.233  -11.605 -0.739  1.00 28.28 ? 115 TYR A CE2 1 
ATOM   882  C  CZ  . TYR A 1 115 ? 12.893  -12.193 -1.943  1.00 27.94 ? 115 TYR A CZ  1 
ATOM   883  O  OH  . TYR A 1 115 ? 11.962  -13.199 -1.997  1.00 25.27 ? 115 TYR A OH  1 
ATOM   884  N  N   . VAL A 1 116 ? 13.687  -6.298  -2.503  1.00 24.07 ? 116 VAL A N   1 
ATOM   885  C  CA  . VAL A 1 116 ? 12.782  -5.259  -1.981  1.00 23.43 ? 116 VAL A CA  1 
ATOM   886  C  C   . VAL A 1 116 ? 11.320  -5.450  -2.402  1.00 22.63 ? 116 VAL A C   1 
ATOM   887  O  O   . VAL A 1 116 ? 11.060  -6.234  -3.308  1.00 21.94 ? 116 VAL A O   1 
ATOM   888  C  CB  . VAL A 1 116 ? 13.256  -3.847  -2.420  1.00 22.55 ? 116 VAL A CB  1 
ATOM   889  C  CG1 . VAL A 1 116 ? 14.641  -3.554  -1.833  1.00 25.76 ? 116 VAL A CG1 1 
ATOM   890  C  CG2 . VAL A 1 116 ? 13.302  -3.766  -3.929  1.00 24.04 ? 116 VAL A CG2 1 
ATOM   891  N  N   . PRO A 1 117 ? 10.381  -4.739  -1.733  1.00 20.34 ? 117 PRO A N   1 
ATOM   892  C  CA  . PRO A 1 117 ? 8.988   -4.916  -2.028  1.00 23.42 ? 117 PRO A CA  1 
ATOM   893  C  C   . PRO A 1 117 ? 8.627   -4.447  -3.425  1.00 24.00 ? 117 PRO A C   1 
ATOM   894  O  O   . PRO A 1 117 ? 9.007   -3.319  -3.830  1.00 23.82 ? 117 PRO A O   1 
ATOM   895  C  CB  . PRO A 1 117 ? 8.275   -4.046  -0.970  1.00 24.36 ? 117 PRO A CB  1 
ATOM   896  C  CG  . PRO A 1 117 ? 9.228   -3.998  0.165   1.00 22.42 ? 117 PRO A CG  1 
ATOM   897  C  CD  . PRO A 1 117 ? 10.563  -3.893  -0.523  1.00 22.37 ? 117 PRO A CD  1 
ATOM   898  N  N   . VAL A 1 118 ? 7.905   -5.324  -4.132  1.00 22.26 ? 118 VAL A N   1 
ATOM   899  C  CA  . VAL A 1 118 ? 7.371   -5.021  -5.471  1.00 23.52 ? 118 VAL A CA  1 
ATOM   900  C  C   . VAL A 1 118 ? 5.852   -5.105  -5.585  1.00 24.99 ? 118 VAL A C   1 
ATOM   901  O  O   . VAL A 1 118 ? 5.309   -4.641  -6.598  1.00 28.64 ? 118 VAL A O   1 
ATOM   902  C  CB  . VAL A 1 118 ? 8.079   -5.821  -6.605  1.00 21.71 ? 118 VAL A CB  1 
ATOM   903  C  CG1 . VAL A 1 118 ? 9.526   -5.434  -6.641  1.00 22.11 ? 118 VAL A CG1 1 
ATOM   904  C  CG2 . VAL A 1 118 ? 7.984   -7.332  -6.421  1.00 22.45 ? 118 VAL A CG2 1 
ATOM   905  N  N   . HIS A 1 119 ? 5.141   -5.628  -4.568  1.00 23.96 ? 119 HIS A N   1 
ATOM   906  C  CA  . HIS A 1 119 ? 3.660   -5.738  -4.663  1.00 25.91 ? 119 HIS A CA  1 
ATOM   907  C  C   . HIS A 1 119 ? 3.182   -5.772  -3.234  1.00 25.45 ? 119 HIS A C   1 
ATOM   908  O  O   . HIS A 1 119 ? 3.866   -6.335  -2.364  1.00 25.15 ? 119 HIS A O   1 
ATOM   909  C  CB  . HIS A 1 119 ? 3.310   -7.012  -5.512  1.00 32.59 ? 119 HIS A CB  1 
ATOM   910  C  CG  . HIS A 1 119 ? 1.927   -7.608  -5.263  1.00 42.14 ? 119 HIS A CG  1 
ATOM   911  N  ND1 . HIS A 1 119 ? 0.775   -7.202  -5.934  1.00 48.46 ? 119 HIS A ND1 1 
ATOM   912  C  CD2 . HIS A 1 119 ? 1.528   -8.614  -4.425  1.00 44.17 ? 119 HIS A CD2 1 
ATOM   913  C  CE1 . HIS A 1 119 ? -0.263  -7.904  -5.503  1.00 42.46 ? 119 HIS A CE1 1 
ATOM   914  N  NE2 . HIS A 1 119 ? 0.172   -8.775  -4.600  1.00 45.16 ? 119 HIS A NE2 1 
ATOM   915  N  N   . PHE A 1 120 ? 2.090   -5.062  -2.961  1.00 23.74 ? 120 PHE A N   1 
ATOM   916  C  CA  . PHE A 1 120 ? 1.384   -5.181  -1.729  1.00 26.75 ? 120 PHE A CA  1 
ATOM   917  C  C   . PHE A 1 120 ? 0.338   -6.264  -1.891  1.00 29.39 ? 120 PHE A C   1 
ATOM   918  O  O   . PHE A 1 120 ? -0.590  -6.075  -2.700  1.00 25.22 ? 120 PHE A O   1 
ATOM   919  C  CB  . PHE A 1 120 ? 0.695   -3.871  -1.416  1.00 24.55 ? 120 PHE A CB  1 
ATOM   920  C  CG  . PHE A 1 120 ? 0.215   -3.777  0.008   1.00 24.26 ? 120 PHE A CG  1 
ATOM   921  C  CD1 . PHE A 1 120 ? -1.045  -4.272  0.358   1.00 23.31 ? 120 PHE A CD1 1 
ATOM   922  C  CD2 . PHE A 1 120 ? 1.038   -3.246  0.991   1.00 22.62 ? 120 PHE A CD2 1 
ATOM   923  C  CE1 . PHE A 1 120 ? -1.472  -4.203  1.675   1.00 23.65 ? 120 PHE A CE1 1 
ATOM   924  C  CE2 . PHE A 1 120 ? 0.636   -3.184  2.297   1.00 24.49 ? 120 PHE A CE2 1 
ATOM   925  C  CZ  . PHE A 1 120 ? -0.630  -3.665  2.649   1.00 25.50 ? 120 PHE A CZ  1 
ATOM   926  N  N   . ASP A 1 121 ? 0.450   -7.377  -1.131  1.00 25.89 ? 121 ASP A N   1 
ATOM   927  C  CA  . ASP A 1 121 ? -0.472  -8.503  -1.306  1.00 28.20 ? 121 ASP A CA  1 
ATOM   928  C  C   . ASP A 1 121 ? -1.734  -8.353  -0.470  1.00 29.41 ? 121 ASP A C   1 
ATOM   929  O  O   . ASP A 1 121 ? -2.832  -8.562  -0.964  1.00 26.64 ? 121 ASP A O   1 
ATOM   930  C  CB  . ASP A 1 121 ? 0.204   -9.842  -0.965  1.00 28.57 ? 121 ASP A CB  1 
ATOM   931  C  CG  . ASP A 1 121 ? -0.383  -11.002 -1.732  1.00 33.26 ? 121 ASP A CG  1 
ATOM   932  O  OD1 . ASP A 1 121 ? -0.597  -10.892 -2.961  1.00 34.36 ? 121 ASP A OD1 1 
ATOM   933  O  OD2 . ASP A 1 121 ? -0.666  -12.044 -1.094  1.00 35.18 ? 121 ASP A OD2 1 
ATOM   934  N  N   . ALA A 1 122 ? -1.550  -7.989  0.796   1.00 28.77 ? 122 ALA A N   1 
ATOM   935  C  CA  . ALA A 1 122 ? -2.601  -7.957  1.803   1.00 30.27 ? 122 ALA A CA  1 
ATOM   936  C  C   . ALA A 1 122 ? -2.091  -7.417  3.140   1.00 31.56 ? 122 ALA A C   1 
ATOM   937  O  O   . ALA A 1 122 ? -0.878  -7.229  3.322   1.00 25.67 ? 122 ALA A O   1 
ATOM   938  C  CB  . ALA A 1 122 ? -3.219  -9.353  2.026   1.00 31.18 ? 122 ALA A CB  1 
ATOM   939  N  N   . SER A 1 123 ? -3.056  -7.116  4.023   1.00 30.97 ? 123 SER A N   1 
ATOM   940  C  CA  . SER A 1 123 ? -2.833  -6.797  5.435   1.00 29.76 ? 123 SER A CA  1 
ATOM   941  C  C   . SER A 1 123 ? -3.616  -7.825  6.252   1.00 28.18 ? 123 SER A C   1 
ATOM   942  O  O   . SER A 1 123 ? -4.666  -8.327  5.786   1.00 24.58 ? 123 SER A O   1 
ATOM   943  C  CB  . SER A 1 123 ? -3.325  -5.356  5.779   1.00 33.05 ? 123 SER A CB  1 
ATOM   944  O  OG  . SER A 1 123 ? -4.635  -5.267  6.439   1.00 38.72 ? 123 SER A OG  1 
ATOM   945  N  N   A VAL A 1 124 ? -3.109  -8.160  7.421   0.50 26.70 ? 124 VAL A N   1 
ATOM   946  N  N   B VAL A 1 124 ? -3.107  -8.149  7.449   0.50 27.23 ? 124 VAL A N   1 
ATOM   947  C  CA  A VAL A 1 124 ? -3.818  -9.049  8.308   0.50 29.29 ? 124 VAL A CA  1 
ATOM   948  C  CA  B VAL A 1 124 ? -3.850  -8.924  8.469   0.50 30.07 ? 124 VAL A CA  1 
ATOM   949  C  C   A VAL A 1 124 ? -3.650  -8.457  9.683   0.50 27.11 ? 124 VAL A C   1 
ATOM   950  C  C   B VAL A 1 124 ? -3.965  -8.140  9.762   0.50 28.48 ? 124 VAL A C   1 
ATOM   951  O  O   A VAL A 1 124 ? -2.520  -8.527  10.145  0.50 22.06 ? 124 VAL A O   1 
ATOM   952  O  O   B VAL A 1 124 ? -2.934  -8.163  10.466  0.50 24.81 ? 124 VAL A O   1 
ATOM   953  C  CB  A VAL A 1 124 ? -3.275  -10.483 8.204   0.50 28.94 ? 124 VAL A CB  1 
ATOM   954  C  CB  B VAL A 1 124 ? -3.143  -10.232 8.882   0.50 30.10 ? 124 VAL A CB  1 
ATOM   955  C  CG1 A VAL A 1 124 ? -3.577  -11.020 6.810   0.50 30.87 ? 124 VAL A CG1 1 
ATOM   956  C  CG1 B VAL A 1 124 ? -4.098  -11.131 9.642   0.50 29.77 ? 124 VAL A CG1 1 
ATOM   957  C  CG2 A VAL A 1 124 ? -1.778  -10.503 8.445   0.50 28.73 ? 124 VAL A CG2 1 
ATOM   958  C  CG2 B VAL A 1 124 ? -2.569  -10.936 7.678   0.50 32.62 ? 124 VAL A CG2 1 
ATOM   959  O  OXT A VAL A 1 124 ? -4.600  -7.839  10.244  0.50 28.19 ? 124 VAL A OXT 1 
ATOM   960  O  OXT B VAL A 1 124 ? -5.019  -7.539  10.109  0.50 26.11 ? 124 VAL A OXT 1 
HETATM 961  PT PT1 A CPT B 2 .   ? 1.323   -5.225  -7.144  0.40 48.09 ? 501 CPT A PT1 1 
HETATM 962  N  N1  A CPT B 2 .   ? 2.002   -3.541  -8.042  0.40 38.19 ? 501 CPT A N1  1 
HETATM 963  N  N2  A CPT B 2 .   ? 2.154   -6.361  -8.613  0.40 41.36 ? 501 CPT A N2  1 
HETATM 964  CL CL1 A CPT B 2 .   ? 0.396   -3.901  -5.455  0.40 36.26 ? 501 CPT A CL1 1 
HETATM 965  PT PT1 . CPT C 2 .   ? -0.522  -9.667  15.530  0.20 46.86 ? 502 CPT A PT1 1 
HETATM 966  N  N1  . CPT C 2 .   ? -1.139  -9.931  17.448  0.20 38.17 ? 502 CPT A N1  1 
HETATM 967  N  N2  . CPT C 2 .   ? -2.398  -10.155 14.875  0.20 40.71 ? 502 CPT A N2  1 
HETATM 968  CL CL1 . CPT C 2 .   ? 1.608   -9.116  16.294  0.20 22.44 ? 502 CPT A CL1 1 
HETATM 969  PT PT1 A CPT D 2 .   ? -1.249  12.897  2.768   0.60 41.12 ? 503 CPT A PT1 1 
HETATM 970  N  N1  A CPT D 2 .   ? -1.533  13.665  4.671   0.60 31.71 ? 503 CPT A N1  1 
HETATM 971  N  N2  A CPT D 2 .   ? 0.681   12.276  3.308   0.60 33.39 ? 503 CPT A N2  1 
HETATM 972  CL CL1 A CPT D 2 .   ? -3.424  13.590  2.181   0.60 31.78 ? 503 CPT A CL1 1 
HETATM 973  PT PT1 B CPT E 2 .   ? -1.538  13.117  0.753   0.40 42.54 ? 504 CPT A PT1 1 
HETATM 974  CL CL  . CL  F 3 .   ? 14.166  1.526   -7.908  1.00 33.37 ? 505 CL  A CL  1 
HETATM 975  CL CL  . CL  G 3 .   ? -3.327  -2.310  -2.224  1.00 25.82 ? 506 CL  A CL  1 
HETATM 976  CL CL  B CL  H 3 .   ? 1.153   -3.320  -5.421  0.40 21.06 ? 507 CL  A CL  1 
HETATM 977  O  O   . HOH I 4 .   ? -15.351 13.538  3.944   1.00 43.96 ? 601 HOH A O   1 
HETATM 978  O  O   . HOH I 4 .   ? -5.389  4.604   -12.082 1.00 39.76 ? 602 HOH A O   1 
HETATM 979  O  O   . HOH I 4 .   ? 5.128   -1.120  13.879  1.00 31.06 ? 603 HOH A O   1 
HETATM 980  O  O   . HOH I 4 .   ? 2.751   5.655   12.441  1.00 44.89 ? 604 HOH A O   1 
HETATM 981  O  O   . HOH I 4 .   ? -9.045  12.093  -11.851 1.00 35.04 ? 605 HOH A O   1 
HETATM 982  O  O   . HOH I 4 .   ? 18.465  -10.161 4.858   1.00 54.42 ? 606 HOH A O   1 
HETATM 983  O  O   . HOH I 4 .   ? -12.002 14.887  8.125   1.00 53.63 ? 607 HOH A O   1 
HETATM 984  O  O   . HOH I 4 .   ? 3.773   9.527   -10.782 1.00 10.76 ? 608 HOH A O   1 
HETATM 985  O  O   . HOH I 4 .   ? -18.659 4.211   -7.970  1.00 43.92 ? 609 HOH A O   1 
HETATM 986  O  O   A HOH I 4 .   ? -13.852 12.509  10.618  0.50 23.94 ? 610 HOH A O   1 
HETATM 987  O  O   B HOH I 4 .   ? -12.985 13.123  9.301   0.50 27.33 ? 610 HOH A O   1 
HETATM 988  O  O   . HOH I 4 .   ? 16.576  -13.250 -1.991  1.00 44.27 ? 611 HOH A O   1 
HETATM 989  O  O   . HOH I 4 .   ? 10.895  -17.065 -1.240  1.00 61.46 ? 612 HOH A O   1 
HETATM 990  O  O   . HOH I 4 .   ? 18.022  -11.113 -4.117  1.00 45.47 ? 613 HOH A O   1 
HETATM 991  O  O   . HOH I 4 .   ? -14.501 15.871  0.423   1.00 57.84 ? 614 HOH A O   1 
HETATM 992  O  O   . HOH I 4 .   ? 2.300   14.857  8.949   1.00 59.79 ? 615 HOH A O   1 
HETATM 993  O  O   . HOH I 4 .   ? -11.062 10.037  1.314   1.00 21.16 ? 616 HOH A O   1 
HETATM 994  O  O   . HOH I 4 .   ? -1.689  -14.316 7.371   1.00 32.72 ? 617 HOH A O   1 
HETATM 995  O  O   . HOH I 4 .   ? 10.486  7.992   7.973   1.00 15.70 ? 618 HOH A O   1 
HETATM 996  O  O   . HOH I 4 .   ? -18.663 1.447   -4.734  1.00 69.36 ? 619 HOH A O   1 
HETATM 997  O  O   . HOH I 4 .   ? -0.590  -4.389  17.339  1.00 55.33 ? 620 HOH A O   1 
HETATM 998  O  O   . HOH I 4 .   ? 17.484  -6.697  -9.508  1.00 30.99 ? 621 HOH A O   1 
HETATM 999  O  O   . HOH I 4 .   ? -2.393  12.793  10.222  1.00 45.21 ? 622 HOH A O   1 
HETATM 1000 O  O   . HOH I 4 .   ? 14.566  -12.722 2.360   1.00 29.91 ? 623 HOH A O   1 
HETATM 1001 O  O   . HOH I 4 .   ? -6.689  -1.640  13.893  1.00 28.10 ? 624 HOH A O   1 
HETATM 1002 O  O   . HOH I 4 .   ? -23.656 4.524   -5.903  1.00 65.37 ? 625 HOH A O   1 
HETATM 1003 O  O   . HOH I 4 .   ? -13.135 15.377  -12.112 1.00 86.46 ? 626 HOH A O   1 
HETATM 1004 O  O   . HOH I 4 .   ? 13.736  -12.565 10.025  1.00 26.55 ? 627 HOH A O   1 
HETATM 1005 O  O   . HOH I 4 .   ? -4.561  -3.625  15.679  1.00 46.27 ? 628 HOH A O   1 
HETATM 1006 O  O   . HOH I 4 .   ? -9.922  14.126  11.881  1.00 62.90 ? 629 HOH A O   1 
HETATM 1007 O  O   . HOH I 4 .   ? 13.627  4.803   5.822   1.00 23.21 ? 630 HOH A O   1 
HETATM 1008 O  O   . HOH I 4 .   ? 13.280  3.274   10.415  1.00 39.24 ? 631 HOH A O   1 
HETATM 1009 O  O   . HOH I 4 .   ? 6.566   -10.667 -7.683  1.00 30.08 ? 632 HOH A O   1 
HETATM 1010 O  O   . HOH I 4 .   ? -2.152  -4.727  -4.350  1.00 39.92 ? 633 HOH A O   1 
HETATM 1011 O  O   . HOH I 4 .   ? 14.211  -0.731  9.699   1.00 30.55 ? 634 HOH A O   1 
HETATM 1012 O  O   . HOH I 4 .   ? 16.105  2.867   -0.492  1.00 18.12 ? 635 HOH A O   1 
HETATM 1013 O  O   . HOH I 4 .   ? 0.908   12.778  11.576  1.00 47.50 ? 636 HOH A O   1 
HETATM 1014 O  O   . HOH I 4 .   ? -15.799 11.997  -1.331  1.00 33.83 ? 637 HOH A O   1 
HETATM 1015 O  O   . HOH I 4 .   ? 1.248   -0.733  14.695  1.00 15.34 ? 638 HOH A O   1 
HETATM 1016 O  O   . HOH I 4 .   ? -11.406 2.157   3.195   1.00 22.14 ? 639 HOH A O   1 
HETATM 1017 O  O   . HOH I 4 .   ? 14.313  -12.219 -6.903  1.00 22.35 ? 640 HOH A O   1 
HETATM 1018 O  O   . HOH I 4 .   ? 10.019  -0.869  -2.995  1.00 21.27 ? 641 HOH A O   1 
HETATM 1019 O  O   . HOH I 4 .   ? 8.548   2.987   10.967  1.00 21.12 ? 642 HOH A O   1 
HETATM 1020 O  O   A HOH I 4 .   ? 2.215   -12.367 12.753  0.50 8.73  ? 643 HOH A O   1 
HETATM 1021 O  O   B HOH I 4 .   ? -15.159 0.030   8.141   0.50 12.15 ? 643 HOH A O   1 
HETATM 1022 O  O   . HOH I 4 .   ? 15.449  -7.032  4.243   1.00 23.63 ? 644 HOH A O   1 
HETATM 1023 O  O   . HOH I 4 .   ? 15.486  5.698   1.127   1.00 23.43 ? 645 HOH A O   1 
HETATM 1024 O  O   . HOH I 4 .   ? 19.228  -7.645  -0.704  1.00 30.75 ? 646 HOH A O   1 
HETATM 1025 O  O   . HOH I 4 .   ? -0.564  3.970   -10.904 1.00 26.48 ? 647 HOH A O   1 
HETATM 1026 O  O   . HOH I 4 .   ? -12.953 4.594   -12.976 1.00 25.44 ? 648 HOH A O   1 
HETATM 1027 O  O   A HOH I 4 .   ? 8.484   -3.491  12.171  0.50 10.10 ? 649 HOH A O   1 
HETATM 1028 O  O   B HOH I 4 .   ? 1.735   12.779  -2.485  0.50 19.03 ? 650 HOH A O   1 
HETATM 1029 O  O   . HOH I 4 .   ? 9.901   -4.073  9.736   1.00 22.42 ? 651 HOH A O   1 
HETATM 1030 O  O   . HOH I 4 .   ? -9.173  12.205  -8.355  1.00 25.02 ? 652 HOH A O   1 
HETATM 1031 O  O   . HOH I 4 .   ? 14.116  -4.967  1.086   1.00 30.68 ? 653 HOH A O   1 
HETATM 1032 O  O   . HOH I 4 .   ? -13.164 4.944   9.618   1.00 18.61 ? 654 HOH A O   1 
HETATM 1033 O  O   . HOH I 4 .   ? 10.147  5.933   -6.084  1.00 24.66 ? 655 HOH A O   1 
HETATM 1034 O  O   . HOH I 4 .   ? -13.976 5.222   7.070   1.00 23.62 ? 656 HOH A O   1 
HETATM 1035 O  O   . HOH I 4 .   ? -10.423 5.013   9.922   1.00 24.07 ? 657 HOH A O   1 
HETATM 1036 O  O   . HOH I 4 .   ? -16.457 11.693  8.861   1.00 22.49 ? 658 HOH A O   1 
HETATM 1037 O  O   . HOH I 4 .   ? -13.607 8.225   4.622   1.00 23.60 ? 659 HOH A O   1 
HETATM 1038 O  O   . HOH I 4 .   ? 5.930   10.676  2.594   1.00 26.36 ? 660 HOH A O   1 
HETATM 1039 O  O   . HOH I 4 .   ? 0.886   -12.822 14.555  1.00 25.74 ? 661 HOH A O   1 
HETATM 1040 O  O   . HOH I 4 .   ? 5.335   -2.524  -8.138  1.00 26.60 ? 662 HOH A O   1 
HETATM 1041 O  O   . HOH I 4 .   ? 11.182  6.602   5.353   1.00 21.01 ? 663 HOH A O   1 
HETATM 1042 O  O   . HOH I 4 .   ? 7.650   -6.059  11.499  1.00 21.20 ? 664 HOH A O   1 
HETATM 1043 O  O   . HOH I 4 .   ? 2.130   14.347  5.159   1.00 29.53 ? 665 HOH A O   1 
HETATM 1044 O  O   . HOH I 4 .   ? 12.254  -0.101  -2.140  1.00 24.55 ? 666 HOH A O   1 
HETATM 1045 O  O   . HOH I 4 .   ? -4.110  11.341  -10.060 1.00 31.08 ? 667 HOH A O   1 
HETATM 1046 O  O   . HOH I 4 .   ? 15.927  -4.099  -6.505  1.00 24.25 ? 668 HOH A O   1 
HETATM 1047 O  O   . HOH I 4 .   ? 15.423  -2.091  5.965   1.00 24.38 ? 669 HOH A O   1 
HETATM 1048 O  O   . HOH I 4 .   ? 15.653  -8.200  1.880   1.00 36.10 ? 670 HOH A O   1 
HETATM 1049 O  O   . HOH I 4 .   ? -1.358  -0.535  -10.715 1.00 36.98 ? 671 HOH A O   1 
HETATM 1050 O  O   . HOH I 4 .   ? 2.902   12.523  0.435   1.00 30.96 ? 672 HOH A O   1 
HETATM 1051 O  O   . HOH I 4 .   ? -17.467 -0.114  6.894   1.00 30.91 ? 673 HOH A O   1 
HETATM 1052 O  O   . HOH I 4 .   ? -1.104  4.301   14.639  1.00 34.07 ? 674 HOH A O   1 
HETATM 1053 O  O   . HOH I 4 .   ? 13.219  7.543   3.569   1.00 31.68 ? 675 HOH A O   1 
HETATM 1054 O  O   . HOH I 4 .   ? 4.454   -8.316  -8.092  1.00 40.96 ? 676 HOH A O   1 
HETATM 1055 O  O   . HOH I 4 .   ? 13.152  3.955   -5.966  1.00 25.30 ? 677 HOH A O   1 
HETATM 1056 O  O   . HOH I 4 .   ? 14.763  -0.113  -3.433  1.00 24.92 ? 678 HOH A O   1 
HETATM 1057 O  O   . HOH I 4 .   ? 2.988   -1.656  -6.402  1.00 28.61 ? 679 HOH A O   1 
HETATM 1058 O  O   . HOH I 4 .   ? 20.555  -2.571  -0.083  1.00 39.74 ? 680 HOH A O   1 
HETATM 1059 O  O   . HOH I 4 .   ? 4.546   -12.758 -6.333  1.00 41.54 ? 681 HOH A O   1 
HETATM 1060 O  O   . HOH I 4 .   ? -9.023  11.177  -5.693  1.00 38.83 ? 682 HOH A O   1 
HETATM 1061 O  O   . HOH I 4 .   ? -17.191 6.675   3.168   1.00 28.18 ? 683 HOH A O   1 
HETATM 1062 O  O   . HOH I 4 .   ? 5.480   -6.749  -9.534  1.00 55.40 ? 684 HOH A O   1 
HETATM 1063 O  O   . HOH I 4 .   ? -11.472 15.597  -0.562  1.00 30.03 ? 685 HOH A O   1 
HETATM 1064 O  O   . HOH I 4 .   ? 15.660  -1.506  -5.734  1.00 27.88 ? 686 HOH A O   1 
HETATM 1065 O  O   . HOH I 4 .   ? 5.176   8.219   12.236  1.00 49.28 ? 687 HOH A O   1 
HETATM 1066 O  O   . HOH I 4 .   ? 13.383  -5.089  -7.226  1.00 26.49 ? 688 HOH A O   1 
HETATM 1067 O  O   . HOH I 4 .   ? -3.485  16.191  -6.087  1.00 39.67 ? 689 HOH A O   1 
HETATM 1068 O  O   . HOH I 4 .   ? 12.230  -15.038 -4.221  1.00 38.73 ? 690 HOH A O   1 
HETATM 1069 O  O   . HOH I 4 .   ? 17.013  -10.628 1.665   1.00 44.71 ? 691 HOH A O   1 
HETATM 1070 O  O   . HOH I 4 .   ? 16.186  -4.364  4.335   1.00 30.15 ? 692 HOH A O   1 
HETATM 1071 O  O   . HOH I 4 .   ? -6.903  7.667   11.427  1.00 43.40 ? 693 HOH A O   1 
HETATM 1072 O  O   . HOH I 4 .   ? 7.030   -0.858  11.628  1.00 28.57 ? 694 HOH A O   1 
HETATM 1073 O  O   . HOH I 4 .   ? -0.672  -12.459 -4.906  1.00 34.15 ? 695 HOH A O   1 
HETATM 1074 O  O   . HOH I 4 .   ? 16.534  -3.751  1.284   1.00 38.33 ? 696 HOH A O   1 
HETATM 1075 O  O   . HOH I 4 .   ? 8.290   6.248   -8.230  1.00 26.23 ? 697 HOH A O   1 
HETATM 1076 O  O   . HOH I 4 .   ? 6.592   8.120   2.379   1.00 29.24 ? 698 HOH A O   1 
HETATM 1077 O  O   . HOH I 4 .   ? -12.673 2.201   -10.695 1.00 31.77 ? 699 HOH A O   1 
HETATM 1078 O  O   . HOH I 4 .   ? 2.036   -11.667 -5.668  1.00 41.77 ? 700 HOH A O   1 
HETATM 1079 O  O   . HOH I 4 .   ? 18.328  -11.545 -0.632  1.00 52.84 ? 701 HOH A O   1 
HETATM 1080 O  O   . HOH I 4 .   ? 19.976  -14.901 -1.086  1.00 64.68 ? 702 HOH A O   1 
HETATM 1081 O  O   . HOH I 4 .   ? -14.260 12.290  2.229   1.00 35.17 ? 703 HOH A O   1 
HETATM 1082 O  O   . HOH I 4 .   ? -17.213 9.192   1.744   1.00 30.23 ? 704 HOH A O   1 
HETATM 1083 O  O   . HOH I 4 .   ? -7.046  -4.501  12.231  0.50 24.57 ? 705 HOH A O   1 
HETATM 1084 O  O   . HOH I 4 .   ? 5.711   6.910   9.701   1.00 39.26 ? 706 HOH A O   1 
HETATM 1085 O  O   . HOH I 4 .   ? 18.562  -14.718 1.473   1.00 59.62 ? 707 HOH A O   1 
HETATM 1086 O  O   . HOH I 4 .   ? 16.185  2.212   3.189   1.00 33.90 ? 708 HOH A O   1 
HETATM 1087 O  O   . HOH I 4 .   ? -1.285  -12.823 -10.500 1.00 53.51 ? 709 HOH A O   1 
HETATM 1088 O  O   . HOH I 4 .   ? -15.872 17.993  -11.667 1.00 60.53 ? 710 HOH A O   1 
HETATM 1089 O  O   . HOH I 4 .   ? -2.193  -15.379 -10.451 1.00 58.39 ? 711 HOH A O   1 
HETATM 1090 O  O   . HOH I 4 .   ? -3.517  -7.854  13.190  1.00 41.71 ? 712 HOH A O   1 
HETATM 1091 O  O   . HOH I 4 .   ? -18.830 11.745  -2.304  1.00 45.93 ? 713 HOH A O   1 
HETATM 1092 O  O   . HOH I 4 .   ? -6.543  16.835  -3.367  1.00 36.84 ? 714 HOH A O   1 
HETATM 1093 O  O   . HOH I 4 .   ? -4.836  5.714   -14.591 1.00 45.96 ? 715 HOH A O   1 
HETATM 1094 O  O   . HOH I 4 .   ? -18.005 9.420   -0.875  1.00 39.26 ? 716 HOH A O   1 
HETATM 1095 O  O   . HOH I 4 .   ? -4.501  3.093   13.713  1.00 35.26 ? 717 HOH A O   1 
HETATM 1096 O  O   . HOH I 4 .   ? -3.692  6.393   -12.325 1.00 40.57 ? 718 HOH A O   1 
HETATM 1097 O  O   . HOH I 4 .   ? -3.807  -19.056 -6.056  1.00 41.15 ? 719 HOH A O   1 
HETATM 1098 O  O   . HOH I 4 .   ? -5.599  14.111  -10.730 1.00 50.04 ? 720 HOH A O   1 
HETATM 1099 O  O   . HOH I 4 .   ? 14.733  5.022   8.470   1.00 42.33 ? 721 HOH A O   1 
HETATM 1100 O  O   . HOH I 4 .   ? -21.439 6.766   -1.844  1.00 45.98 ? 722 HOH A O   1 
HETATM 1101 O  O   . HOH I 4 .   ? -4.225  15.704  -3.607  1.00 33.46 ? 723 HOH A O   1 
HETATM 1102 O  O   . HOH I 4 .   ? 17.010  -0.123  -1.707  1.00 34.08 ? 724 HOH A O   1 
HETATM 1103 O  O   . HOH I 4 .   ? -6.332  -7.870  3.328   0.50 48.67 ? 725 HOH A O   1 
HETATM 1104 O  O   . HOH I 4 .   ? -20.351 3.831   -0.657  1.00 32.36 ? 726 HOH A O   1 
HETATM 1105 O  O   . HOH I 4 .   ? -0.845  -2.135  -8.362  1.00 39.94 ? 727 HOH A O   1 
HETATM 1106 O  O   . HOH I 4 .   ? 6.957   -17.889 -6.615  1.00 39.61 ? 728 HOH A O   1 
HETATM 1107 O  O   . HOH I 4 .   ? 15.949  1.429   10.089  1.00 44.69 ? 729 HOH A O   1 
HETATM 1108 O  O   . HOH I 4 .   ? 15.144  -14.335 0.065   1.00 45.15 ? 730 HOH A O   1 
HETATM 1109 O  O   . HOH I 4 .   ? 6.005   1.888   -16.015 1.00 54.87 ? 731 HOH A O   1 
HETATM 1110 O  O   . HOH I 4 .   ? -15.649 1.250   -8.481  1.00 46.88 ? 732 HOH A O   1 
HETATM 1111 O  O   . HOH I 4 .   ? -5.928  -1.686  -9.486  1.00 52.97 ? 733 HOH A O   1 
HETATM 1112 O  O   . HOH I 4 .   ? -0.414  -7.236  -9.794  1.00 54.45 ? 734 HOH A O   1 
HETATM 1113 O  O   . HOH I 4 .   ? 6.599   5.983   -16.331 1.00 62.18 ? 735 HOH A O   1 
HETATM 1114 O  O   . HOH I 4 .   ? 21.163  -11.870 3.230   1.00 51.50 ? 736 HOH A O   1 
HETATM 1115 O  O   . HOH I 4 .   ? 8.717   6.785   9.730   1.00 46.55 ? 737 HOH A O   1 
HETATM 1116 O  O   . HOH I 4 .   ? -0.962  16.381  -6.933  1.00 42.41 ? 738 HOH A O   1 
HETATM 1117 O  O   . HOH I 4 .   ? 2.993   2.199   13.957  1.00 39.31 ? 739 HOH A O   1 
HETATM 1118 O  O   . HOH I 4 .   ? -3.293  3.228   -11.009 1.00 46.40 ? 740 HOH A O   1 
HETATM 1119 O  O   . HOH I 4 .   ? -5.635  -3.797  3.701   1.00 63.14 ? 741 HOH A O   1 
HETATM 1120 O  O   . HOH I 4 .   ? 5.526   5.300   12.003  1.00 46.57 ? 742 HOH A O   1 
HETATM 1121 O  O   . HOH I 4 .   ? 9.230   -4.902  -13.753 1.00 58.72 ? 743 HOH A O   1 
HETATM 1122 O  O   . HOH I 4 .   ? 9.106   5.164   11.940  1.00 43.94 ? 744 HOH A O   1 
HETATM 1123 O  O   . HOH I 4 .   ? -16.245 10.438  6.123   1.00 42.78 ? 745 HOH A O   1 
HETATM 1124 O  O   . HOH I 4 .   ? -5.120  -18.345 -2.335  1.00 40.89 ? 746 HOH A O   1 
HETATM 1125 O  O   . HOH I 4 .   ? 17.481  -1.886  -0.009  1.00 38.55 ? 747 HOH A O   1 
HETATM 1126 O  O   . HOH I 4 .   ? -5.736  -6.119  1.997   1.00 52.93 ? 748 HOH A O   1 
HETATM 1127 O  O   . HOH I 4 .   ? 15.187  4.915   3.782   1.00 43.82 ? 749 HOH A O   1 
HETATM 1128 O  O   . HOH I 4 .   ? -7.375  -4.019  0.951   1.00 53.49 ? 750 HOH A O   1 
HETATM 1129 O  O   . HOH I 4 .   ? 1.084   2.401   -13.593 1.00 54.26 ? 751 HOH A O   1 
HETATM 1130 O  O   . HOH I 4 .   ? -2.188  16.062  -9.271  1.00 44.46 ? 752 HOH A O   1 
HETATM 1131 O  O   . HOH I 4 .   ? 19.208  -12.855 -6.286  1.00 53.59 ? 753 HOH A O   1 
HETATM 1132 O  O   . HOH I 4 .   ? 10.584  -17.270 -3.552  1.00 45.79 ? 754 HOH A O   1 
HETATM 1133 O  O   . HOH I 4 .   ? 13.636  1.431   -15.483 1.00 56.54 ? 755 HOH A O   1 
HETATM 1134 O  O   . HOH I 4 .   ? 16.638  -1.154  3.795   1.00 45.49 ? 756 HOH A O   1 
HETATM 1135 O  O   . HOH I 4 .   ? -1.454  -2.041  -5.641  1.00 55.04 ? 757 HOH A O   1 
HETATM 1136 O  O   . HOH I 4 .   ? -13.911 15.205  -8.134  1.00 56.47 ? 758 HOH A O   1 
HETATM 1137 O  O   . HOH I 4 .   ? 1.468   12.106  14.877  1.00 56.65 ? 759 HOH A O   1 
HETATM 1138 O  O   . HOH I 4 .   ? -1.308  9.563   14.945  1.00 59.20 ? 760 HOH A O   1 
HETATM 1139 O  O   . HOH I 4 .   ? 9.057   -7.302  -10.350 1.00 49.29 ? 761 HOH A O   1 
HETATM 1140 O  O   . HOH I 4 .   ? 5.601   10.227  10.517  1.00 57.01 ? 762 HOH A O   1 
# 
